data_6WO9
# 
_entry.id   6WO9 
# 
_audit_conform.dict_name       mmcif_pdbx.dic 
_audit_conform.dict_version    5.387 
_audit_conform.dict_location   http://mmcif.pdb.org/dictionaries/ascii/mmcif_pdbx.dic 
# 
loop_
_database_2.database_id 
_database_2.database_code 
_database_2.pdbx_database_accession 
_database_2.pdbx_DOI 
PDB   6WO9         pdb_00006wo9 10.2210/pdb6wo9/pdb 
WWPDB D_1000248609 ?            ?                   
# 
loop_
_pdbx_audit_revision_history.ordinal 
_pdbx_audit_revision_history.data_content_type 
_pdbx_audit_revision_history.major_revision 
_pdbx_audit_revision_history.minor_revision 
_pdbx_audit_revision_history.revision_date 
1 'Structure model' 1 0 2021-03-03 
2 'Structure model' 1 1 2024-03-06 
# 
_pdbx_audit_revision_details.ordinal             1 
_pdbx_audit_revision_details.revision_ordinal    1 
_pdbx_audit_revision_details.data_content_type   'Structure model' 
_pdbx_audit_revision_details.provider            repository 
_pdbx_audit_revision_details.type                'Initial release' 
_pdbx_audit_revision_details.description         ? 
_pdbx_audit_revision_details.details             ? 
# 
loop_
_pdbx_audit_revision_group.ordinal 
_pdbx_audit_revision_group.revision_ordinal 
_pdbx_audit_revision_group.data_content_type 
_pdbx_audit_revision_group.group 
1 2 'Structure model' 'Data collection'     
2 2 'Structure model' 'Database references' 
# 
loop_
_pdbx_audit_revision_category.ordinal 
_pdbx_audit_revision_category.revision_ordinal 
_pdbx_audit_revision_category.data_content_type 
_pdbx_audit_revision_category.category 
1 2 'Structure model' chem_comp_atom 
2 2 'Structure model' chem_comp_bond 
3 2 'Structure model' database_2     
# 
loop_
_pdbx_audit_revision_item.ordinal 
_pdbx_audit_revision_item.revision_ordinal 
_pdbx_audit_revision_item.data_content_type 
_pdbx_audit_revision_item.item 
1 2 'Structure model' '_database_2.pdbx_DOI'                
2 2 'Structure model' '_database_2.pdbx_database_accession' 
# 
_pdbx_database_status.status_code                     REL 
_pdbx_database_status.status_code_sf                  REL 
_pdbx_database_status.status_code_mr                  ? 
_pdbx_database_status.entry_id                        6WO9 
_pdbx_database_status.recvd_initial_deposition_date   2020-04-24 
_pdbx_database_status.SG_entry                        N 
_pdbx_database_status.deposit_site                    RCSB 
_pdbx_database_status.process_site                    RCSB 
_pdbx_database_status.status_code_cs                  ? 
_pdbx_database_status.status_code_nmr_data            ? 
_pdbx_database_status.methods_development_category    ? 
_pdbx_database_status.pdb_format_compatible           Y 
# 
loop_
_audit_author.name 
_audit_author.pdbx_ordinal 
_audit_author.identifier_ORCID 
'Zong, G.N.'   1 0000-0001-6019-5741 
'Wang, H.C.'   2 0000-0003-2701-7155 
'Shears, S.B.' 3 0000-0001-7309-8916 
# 
_citation.abstract                  ? 
_citation.abstract_id_CAS           ? 
_citation.book_id_ISBN              ? 
_citation.book_publisher            ? 
_citation.book_publisher_city       ? 
_citation.book_title                ? 
_citation.coordinate_linkage        ? 
_citation.country                   US 
_citation.database_id_Medline       ? 
_citation.details                   ? 
_citation.id                        primary 
_citation.journal_abbrev            'Faseb J.' 
_citation.journal_id_ASTM           FAJOEC 
_citation.journal_id_CSD            2074 
_citation.journal_id_ISSN           1530-6860 
_citation.journal_full              ? 
_citation.journal_issue             ? 
_citation.journal_volume            35 
_citation.language                  ? 
_citation.page_first                e21275 
_citation.page_last                 e21275 
_citation.title                     
'New structural insights reveal an expanded reaction cycle for inositol pyrophosphate hydrolysis by human DIPP1.' 
_citation.year                      2021 
_citation.database_id_CSD           ? 
_citation.pdbx_database_id_DOI      10.1096/fj.202001489R 
_citation.pdbx_database_id_PubMed   33475202 
_citation.unpublished_flag          ? 
# 
loop_
_citation_author.citation_id 
_citation_author.name 
_citation_author.ordinal 
_citation_author.identifier_ORCID 
primary 'Zong, G.'     1 0000-0001-6019-5741 
primary 'Jork, N.'     2 ?                   
primary 'Hostachy, S.' 3 ?                   
primary 'Fiedler, D.'  4 ?                   
primary 'Jessen, H.J.' 5 ?                   
primary 'Shears, S.B.' 6 ?                   
primary 'Wang, H.'     7 ?                   
# 
loop_
_entity.id 
_entity.type 
_entity.src_method 
_entity.pdbx_description 
_entity.formula_weight 
_entity.pdbx_number_of_molecules 
_entity.pdbx_ec 
_entity.pdbx_mutation 
_entity.pdbx_fragment 
_entity.details 
1 polymer     man 'Diphosphoinositol polyphosphate phosphohydrolase 1'                                     19542.922 1  
3.6.1.52,3.6.1.- ? ? ? 
2 non-polymer syn '(1S,2R,3R,4S,5S,6R)-2,3,4,5,6-pentakis(phosphonooxy)cyclohexyl trihydrogen diphosphate' 740.015   1  ? ? ? ? 
3 non-polymer syn 'MAGNESIUM ION'                                                                          24.305    3  ? ? ? ? 
4 non-polymer syn 'CHLORIDE ION'                                                                           35.453    1  ? ? ? ? 
5 non-polymer syn 'SULFATE ION'                                                                            96.063    1  ? ? ? ? 
6 water       nat water                                                                                    18.015    89 ? ? ? ? 
# 
_entity_name_com.entity_id   1 
_entity_name_com.name        
;DIPP-1,Diadenosine 5',5'''-P1,P6-hexaphosphate hydrolase 1,Nucleoside diphosphate-linked moiety X motif 3,Nudix motif 3
;
# 
_entity_poly.entity_id                      1 
_entity_poly.type                           'polypeptide(L)' 
_entity_poly.nstd_linkage                   no 
_entity_poly.nstd_monomer                   no 
_entity_poly.pdbx_seq_one_letter_code       
;HHHHHHSSGVDLGTENLYFQSMMKLKSNQTRTYDGDGYKKRAACLCFRSESEEEVLLVSSSRHPDRWIVPGGGMEPEEEP
SVAAVREVCEEAGVKGTLGRLVGIFENQERKHRTYVYVLIVTEVLEDWEDSVNIGRKREWFKIEDAIKVLQYHKPVQASY
FETLRQGYS
;
_entity_poly.pdbx_seq_one_letter_code_can   
;HHHHHHSSGVDLGTENLYFQSMMKLKSNQTRTYDGDGYKKRAACLCFRSESEEEVLLVSSSRHPDRWIVPGGGMEPEEEP
SVAAVREVCEEAGVKGTLGRLVGIFENQERKHRTYVYVLIVTEVLEDWEDSVNIGRKREWFKIEDAIKVLQYHKPVQASY
FETLRQGYS
;
_entity_poly.pdbx_strand_id                 A 
_entity_poly.pdbx_target_identifier         ? 
# 
loop_
_pdbx_entity_nonpoly.entity_id 
_pdbx_entity_nonpoly.name 
_pdbx_entity_nonpoly.comp_id 
2 '(1S,2R,3R,4S,5S,6R)-2,3,4,5,6-pentakis(phosphonooxy)cyclohexyl trihydrogen diphosphate' O81 
3 'MAGNESIUM ION'                                                                          MG  
4 'CHLORIDE ION'                                                                           CL  
5 'SULFATE ION'                                                                            SO4 
6 water                                                                                    HOH 
# 
loop_
_entity_poly_seq.entity_id 
_entity_poly_seq.num 
_entity_poly_seq.mon_id 
_entity_poly_seq.hetero 
1 1   HIS n 
1 2   HIS n 
1 3   HIS n 
1 4   HIS n 
1 5   HIS n 
1 6   HIS n 
1 7   SER n 
1 8   SER n 
1 9   GLY n 
1 10  VAL n 
1 11  ASP n 
1 12  LEU n 
1 13  GLY n 
1 14  THR n 
1 15  GLU n 
1 16  ASN n 
1 17  LEU n 
1 18  TYR n 
1 19  PHE n 
1 20  GLN n 
1 21  SER n 
1 22  MET n 
1 23  MET n 
1 24  LYS n 
1 25  LEU n 
1 26  LYS n 
1 27  SER n 
1 28  ASN n 
1 29  GLN n 
1 30  THR n 
1 31  ARG n 
1 32  THR n 
1 33  TYR n 
1 34  ASP n 
1 35  GLY n 
1 36  ASP n 
1 37  GLY n 
1 38  TYR n 
1 39  LYS n 
1 40  LYS n 
1 41  ARG n 
1 42  ALA n 
1 43  ALA n 
1 44  CYS n 
1 45  LEU n 
1 46  CYS n 
1 47  PHE n 
1 48  ARG n 
1 49  SER n 
1 50  GLU n 
1 51  SER n 
1 52  GLU n 
1 53  GLU n 
1 54  GLU n 
1 55  VAL n 
1 56  LEU n 
1 57  LEU n 
1 58  VAL n 
1 59  SER n 
1 60  SER n 
1 61  SER n 
1 62  ARG n 
1 63  HIS n 
1 64  PRO n 
1 65  ASP n 
1 66  ARG n 
1 67  TRP n 
1 68  ILE n 
1 69  VAL n 
1 70  PRO n 
1 71  GLY n 
1 72  GLY n 
1 73  GLY n 
1 74  MET n 
1 75  GLU n 
1 76  PRO n 
1 77  GLU n 
1 78  GLU n 
1 79  GLU n 
1 80  PRO n 
1 81  SER n 
1 82  VAL n 
1 83  ALA n 
1 84  ALA n 
1 85  VAL n 
1 86  ARG n 
1 87  GLU n 
1 88  VAL n 
1 89  CYS n 
1 90  GLU n 
1 91  GLU n 
1 92  ALA n 
1 93  GLY n 
1 94  VAL n 
1 95  LYS n 
1 96  GLY n 
1 97  THR n 
1 98  LEU n 
1 99  GLY n 
1 100 ARG n 
1 101 LEU n 
1 102 VAL n 
1 103 GLY n 
1 104 ILE n 
1 105 PHE n 
1 106 GLU n 
1 107 ASN n 
1 108 GLN n 
1 109 GLU n 
1 110 ARG n 
1 111 LYS n 
1 112 HIS n 
1 113 ARG n 
1 114 THR n 
1 115 TYR n 
1 116 VAL n 
1 117 TYR n 
1 118 VAL n 
1 119 LEU n 
1 120 ILE n 
1 121 VAL n 
1 122 THR n 
1 123 GLU n 
1 124 VAL n 
1 125 LEU n 
1 126 GLU n 
1 127 ASP n 
1 128 TRP n 
1 129 GLU n 
1 130 ASP n 
1 131 SER n 
1 132 VAL n 
1 133 ASN n 
1 134 ILE n 
1 135 GLY n 
1 136 ARG n 
1 137 LYS n 
1 138 ARG n 
1 139 GLU n 
1 140 TRP n 
1 141 PHE n 
1 142 LYS n 
1 143 ILE n 
1 144 GLU n 
1 145 ASP n 
1 146 ALA n 
1 147 ILE n 
1 148 LYS n 
1 149 VAL n 
1 150 LEU n 
1 151 GLN n 
1 152 TYR n 
1 153 HIS n 
1 154 LYS n 
1 155 PRO n 
1 156 VAL n 
1 157 GLN n 
1 158 ALA n 
1 159 SER n 
1 160 TYR n 
1 161 PHE n 
1 162 GLU n 
1 163 THR n 
1 164 LEU n 
1 165 ARG n 
1 166 GLN n 
1 167 GLY n 
1 168 TYR n 
1 169 SER n 
# 
_entity_src_gen.entity_id                          1 
_entity_src_gen.pdbx_src_id                        1 
_entity_src_gen.pdbx_alt_source_flag               sample 
_entity_src_gen.pdbx_seq_type                      'Biological sequence' 
_entity_src_gen.pdbx_beg_seq_num                   1 
_entity_src_gen.pdbx_end_seq_num                   169 
_entity_src_gen.gene_src_common_name               Human 
_entity_src_gen.gene_src_genus                     ? 
_entity_src_gen.pdbx_gene_src_gene                 'NUDT3, DIPP, DIPP1' 
_entity_src_gen.gene_src_species                   ? 
_entity_src_gen.gene_src_strain                    ? 
_entity_src_gen.gene_src_tissue                    ? 
_entity_src_gen.gene_src_tissue_fraction           ? 
_entity_src_gen.gene_src_details                   ? 
_entity_src_gen.pdbx_gene_src_fragment             ? 
_entity_src_gen.pdbx_gene_src_scientific_name      'Homo sapiens' 
_entity_src_gen.pdbx_gene_src_ncbi_taxonomy_id     9606 
_entity_src_gen.pdbx_gene_src_variant              ? 
_entity_src_gen.pdbx_gene_src_cell_line            ? 
_entity_src_gen.pdbx_gene_src_atcc                 ? 
_entity_src_gen.pdbx_gene_src_organ                ? 
_entity_src_gen.pdbx_gene_src_organelle            ? 
_entity_src_gen.pdbx_gene_src_cell                 ? 
_entity_src_gen.pdbx_gene_src_cellular_location    ? 
_entity_src_gen.host_org_common_name               ? 
_entity_src_gen.pdbx_host_org_scientific_name      'Escherichia coli' 
_entity_src_gen.pdbx_host_org_ncbi_taxonomy_id     562 
_entity_src_gen.host_org_genus                     ? 
_entity_src_gen.pdbx_host_org_gene                 ? 
_entity_src_gen.pdbx_host_org_organ                ? 
_entity_src_gen.host_org_species                   ? 
_entity_src_gen.pdbx_host_org_tissue               ? 
_entity_src_gen.pdbx_host_org_tissue_fraction      ? 
_entity_src_gen.pdbx_host_org_strain               ? 
_entity_src_gen.pdbx_host_org_variant              ? 
_entity_src_gen.pdbx_host_org_cell_line            ? 
_entity_src_gen.pdbx_host_org_atcc                 ? 
_entity_src_gen.pdbx_host_org_culture_collection   ? 
_entity_src_gen.pdbx_host_org_cell                 ? 
_entity_src_gen.pdbx_host_org_organelle            ? 
_entity_src_gen.pdbx_host_org_cellular_location    ? 
_entity_src_gen.pdbx_host_org_vector_type          ? 
_entity_src_gen.pdbx_host_org_vector               ? 
_entity_src_gen.host_org_details                   ? 
_entity_src_gen.expression_system_id               ? 
_entity_src_gen.plasmid_name                       ? 
_entity_src_gen.plasmid_details                    ? 
_entity_src_gen.pdbx_description                   ? 
# 
loop_
_chem_comp.id 
_chem_comp.type 
_chem_comp.mon_nstd_flag 
_chem_comp.name 
_chem_comp.pdbx_synonyms 
_chem_comp.formula 
_chem_comp.formula_weight 
ALA 'L-peptide linking' y ALANINE                                                                                  ? 'C3 H7 N O2' 
89.093  
ARG 'L-peptide linking' y ARGININE                                                                                 ? 
'C6 H15 N4 O2 1' 175.209 
ASN 'L-peptide linking' y ASPARAGINE                                                                               ? 'C4 H8 N2 O3' 
132.118 
ASP 'L-peptide linking' y 'ASPARTIC ACID'                                                                          ? 'C4 H7 N O4' 
133.103 
CL  non-polymer         . 'CHLORIDE ION'                                                                           ? 'Cl -1' 
35.453  
CYS 'L-peptide linking' y CYSTEINE                                                                                 ? 
'C3 H7 N O2 S'   121.158 
GLN 'L-peptide linking' y GLUTAMINE                                                                                ? 
'C5 H10 N2 O3'   146.144 
GLU 'L-peptide linking' y 'GLUTAMIC ACID'                                                                          ? 'C5 H9 N O4' 
147.129 
GLY 'peptide linking'   y GLYCINE                                                                                  ? 'C2 H5 N O2' 
75.067  
HIS 'L-peptide linking' y HISTIDINE                                                                                ? 
'C6 H10 N3 O2 1' 156.162 
HOH non-polymer         . WATER                                                                                    ? 'H2 O' 18.015 
ILE 'L-peptide linking' y ISOLEUCINE                                                                               ? 'C6 H13 N O2' 
131.173 
LEU 'L-peptide linking' y LEUCINE                                                                                  ? 'C6 H13 N O2' 
131.173 
LYS 'L-peptide linking' y LYSINE                                                                                   ? 
'C6 H15 N2 O2 1' 147.195 
MET 'L-peptide linking' y METHIONINE                                                                               ? 
'C5 H11 N O2 S'  149.211 
MG  non-polymer         . 'MAGNESIUM ION'                                                                          ? 'Mg 2' 24.305 
O81 non-polymer         . '(1S,2R,3R,4S,5S,6R)-2,3,4,5,6-pentakis(phosphonooxy)cyclohexyl trihydrogen diphosphate' ? 
'C6 H19 O27 P7'  740.015 
PHE 'L-peptide linking' y PHENYLALANINE                                                                            ? 'C9 H11 N O2' 
165.189 
PRO 'L-peptide linking' y PROLINE                                                                                  ? 'C5 H9 N O2' 
115.130 
SER 'L-peptide linking' y SERINE                                                                                   ? 'C3 H7 N O3' 
105.093 
SO4 non-polymer         . 'SULFATE ION'                                                                            ? 'O4 S -2' 
96.063  
THR 'L-peptide linking' y THREONINE                                                                                ? 'C4 H9 N O3' 
119.119 
TRP 'L-peptide linking' y TRYPTOPHAN                                                                               ? 
'C11 H12 N2 O2'  204.225 
TYR 'L-peptide linking' y TYROSINE                                                                                 ? 'C9 H11 N O3' 
181.189 
VAL 'L-peptide linking' y VALINE                                                                                   ? 'C5 H11 N O2' 
117.146 
# 
loop_
_pdbx_poly_seq_scheme.asym_id 
_pdbx_poly_seq_scheme.entity_id 
_pdbx_poly_seq_scheme.seq_id 
_pdbx_poly_seq_scheme.mon_id 
_pdbx_poly_seq_scheme.ndb_seq_num 
_pdbx_poly_seq_scheme.pdb_seq_num 
_pdbx_poly_seq_scheme.auth_seq_num 
_pdbx_poly_seq_scheme.pdb_mon_id 
_pdbx_poly_seq_scheme.auth_mon_id 
_pdbx_poly_seq_scheme.pdb_strand_id 
_pdbx_poly_seq_scheme.pdb_ins_code 
_pdbx_poly_seq_scheme.hetero 
A 1 1   HIS 1   -20 ?   ?   ?   A . n 
A 1 2   HIS 2   -19 ?   ?   ?   A . n 
A 1 3   HIS 3   -18 ?   ?   ?   A . n 
A 1 4   HIS 4   -17 ?   ?   ?   A . n 
A 1 5   HIS 5   -16 ?   ?   ?   A . n 
A 1 6   HIS 6   -15 ?   ?   ?   A . n 
A 1 7   SER 7   -14 ?   ?   ?   A . n 
A 1 8   SER 8   -13 ?   ?   ?   A . n 
A 1 9   GLY 9   -12 ?   ?   ?   A . n 
A 1 10  VAL 10  -11 ?   ?   ?   A . n 
A 1 11  ASP 11  -10 ?   ?   ?   A . n 
A 1 12  LEU 12  -9  ?   ?   ?   A . n 
A 1 13  GLY 13  -8  ?   ?   ?   A . n 
A 1 14  THR 14  -7  ?   ?   ?   A . n 
A 1 15  GLU 15  -6  ?   ?   ?   A . n 
A 1 16  ASN 16  -5  ?   ?   ?   A . n 
A 1 17  LEU 17  -4  ?   ?   ?   A . n 
A 1 18  TYR 18  -3  ?   ?   ?   A . n 
A 1 19  PHE 19  -2  ?   ?   ?   A . n 
A 1 20  GLN 20  -1  ?   ?   ?   A . n 
A 1 21  SER 21  0   ?   ?   ?   A . n 
A 1 22  MET 22  1   ?   ?   ?   A . n 
A 1 23  MET 23  2   ?   ?   ?   A . n 
A 1 24  LYS 24  3   ?   ?   ?   A . n 
A 1 25  LEU 25  4   ?   ?   ?   A . n 
A 1 26  LYS 26  5   ?   ?   ?   A . n 
A 1 27  SER 27  6   ?   ?   ?   A . n 
A 1 28  ASN 28  7   ?   ?   ?   A . n 
A 1 29  GLN 29  8   ?   ?   ?   A . n 
A 1 30  THR 30  9   9   THR THR A . n 
A 1 31  ARG 31  10  10  ARG ARG A . n 
A 1 32  THR 32  11  11  THR THR A . n 
A 1 33  TYR 33  12  12  TYR TYR A . n 
A 1 34  ASP 34  13  13  ASP ASP A . n 
A 1 35  GLY 35  14  14  GLY GLY A . n 
A 1 36  ASP 36  15  15  ASP ASP A . n 
A 1 37  GLY 37  16  16  GLY GLY A . n 
A 1 38  TYR 38  17  17  TYR TYR A . n 
A 1 39  LYS 39  18  18  LYS LYS A . n 
A 1 40  LYS 40  19  19  LYS LYS A . n 
A 1 41  ARG 41  20  20  ARG ARG A . n 
A 1 42  ALA 42  21  21  ALA ALA A . n 
A 1 43  ALA 43  22  22  ALA ALA A . n 
A 1 44  CYS 44  23  23  CYS CYS A . n 
A 1 45  LEU 45  24  24  LEU LEU A . n 
A 1 46  CYS 46  25  25  CYS CYS A . n 
A 1 47  PHE 47  26  26  PHE PHE A . n 
A 1 48  ARG 48  27  27  ARG ARG A . n 
A 1 49  SER 49  28  28  SER SER A . n 
A 1 50  GLU 50  29  29  GLU GLU A . n 
A 1 51  SER 51  30  30  SER SER A . n 
A 1 52  GLU 52  31  31  GLU GLU A . n 
A 1 53  GLU 53  32  32  GLU GLU A . n 
A 1 54  GLU 54  33  33  GLU GLU A . n 
A 1 55  VAL 55  34  34  VAL VAL A . n 
A 1 56  LEU 56  35  35  LEU LEU A . n 
A 1 57  LEU 57  36  36  LEU LEU A . n 
A 1 58  VAL 58  37  37  VAL VAL A . n 
A 1 59  SER 59  38  38  SER SER A . n 
A 1 60  SER 60  39  39  SER SER A . n 
A 1 61  SER 61  40  40  SER SER A . n 
A 1 62  ARG 62  41  41  ARG ARG A . n 
A 1 63  HIS 63  42  42  HIS HIS A . n 
A 1 64  PRO 64  43  43  PRO PRO A . n 
A 1 65  ASP 65  44  44  ASP ASP A . n 
A 1 66  ARG 66  45  45  ARG ARG A . n 
A 1 67  TRP 67  46  46  TRP TRP A . n 
A 1 68  ILE 68  47  47  ILE ILE A . n 
A 1 69  VAL 69  48  48  VAL VAL A . n 
A 1 70  PRO 70  49  49  PRO PRO A . n 
A 1 71  GLY 71  50  50  GLY GLY A . n 
A 1 72  GLY 72  51  51  GLY GLY A . n 
A 1 73  GLY 73  52  52  GLY GLY A . n 
A 1 74  MET 74  53  53  MET MET A . n 
A 1 75  GLU 75  54  54  GLU GLU A . n 
A 1 76  PRO 76  55  55  PRO PRO A . n 
A 1 77  GLU 77  56  56  GLU GLU A . n 
A 1 78  GLU 78  57  57  GLU GLU A . n 
A 1 79  GLU 79  58  58  GLU GLU A . n 
A 1 80  PRO 80  59  59  PRO PRO A . n 
A 1 81  SER 81  60  60  SER SER A . n 
A 1 82  VAL 82  61  61  VAL VAL A . n 
A 1 83  ALA 83  62  62  ALA ALA A . n 
A 1 84  ALA 84  63  63  ALA ALA A . n 
A 1 85  VAL 85  64  64  VAL VAL A . n 
A 1 86  ARG 86  65  65  ARG ARG A . n 
A 1 87  GLU 87  66  66  GLU GLU A . n 
A 1 88  VAL 88  67  67  VAL VAL A . n 
A 1 89  CYS 89  68  68  CYS CYS A . n 
A 1 90  GLU 90  69  69  GLU GLU A . n 
A 1 91  GLU 91  70  70  GLU GLU A . n 
A 1 92  ALA 92  71  71  ALA ALA A . n 
A 1 93  GLY 93  72  72  GLY GLY A . n 
A 1 94  VAL 94  73  73  VAL VAL A . n 
A 1 95  LYS 95  74  74  LYS LYS A . n 
A 1 96  GLY 96  75  75  GLY GLY A . n 
A 1 97  THR 97  76  76  THR THR A . n 
A 1 98  LEU 98  77  77  LEU LEU A . n 
A 1 99  GLY 99  78  78  GLY GLY A . n 
A 1 100 ARG 100 79  79  ARG ARG A . n 
A 1 101 LEU 101 80  80  LEU LEU A . n 
A 1 102 VAL 102 81  81  VAL VAL A . n 
A 1 103 GLY 103 82  82  GLY GLY A . n 
A 1 104 ILE 104 83  83  ILE ILE A . n 
A 1 105 PHE 105 84  84  PHE PHE A . n 
A 1 106 GLU 106 85  85  GLU GLU A . n 
A 1 107 ASN 107 86  86  ASN ASN A . n 
A 1 108 GLN 108 87  87  GLN GLN A . n 
A 1 109 GLU 109 88  88  GLU GLU A . n 
A 1 110 ARG 110 89  89  ARG ARG A . n 
A 1 111 LYS 111 90  90  LYS LYS A . n 
A 1 112 HIS 112 91  91  HIS HIS A . n 
A 1 113 ARG 113 92  92  ARG ARG A . n 
A 1 114 THR 114 93  93  THR THR A . n 
A 1 115 TYR 115 94  94  TYR TYR A . n 
A 1 116 VAL 116 95  95  VAL VAL A . n 
A 1 117 TYR 117 96  96  TYR TYR A . n 
A 1 118 VAL 118 97  97  VAL VAL A . n 
A 1 119 LEU 119 98  98  LEU LEU A . n 
A 1 120 ILE 120 99  99  ILE ILE A . n 
A 1 121 VAL 121 100 100 VAL VAL A . n 
A 1 122 THR 122 101 101 THR THR A . n 
A 1 123 GLU 123 102 102 GLU GLU A . n 
A 1 124 VAL 124 103 103 VAL VAL A . n 
A 1 125 LEU 125 104 104 LEU LEU A . n 
A 1 126 GLU 126 105 105 GLU GLU A . n 
A 1 127 ASP 127 106 106 ASP ASP A . n 
A 1 128 TRP 128 107 107 TRP TRP A . n 
A 1 129 GLU 129 108 108 GLU GLU A . n 
A 1 130 ASP 130 109 109 ASP ASP A . n 
A 1 131 SER 131 110 110 SER SER A . n 
A 1 132 VAL 132 111 111 VAL VAL A . n 
A 1 133 ASN 133 112 112 ASN ASN A . n 
A 1 134 ILE 134 113 113 ILE ILE A . n 
A 1 135 GLY 135 114 114 GLY GLY A . n 
A 1 136 ARG 136 115 115 ARG ARG A . n 
A 1 137 LYS 137 116 116 LYS LYS A . n 
A 1 138 ARG 138 117 117 ARG ARG A . n 
A 1 139 GLU 139 118 118 GLU GLU A . n 
A 1 140 TRP 140 119 119 TRP TRP A . n 
A 1 141 PHE 141 120 120 PHE PHE A . n 
A 1 142 LYS 142 121 121 LYS LYS A . n 
A 1 143 ILE 143 122 122 ILE ILE A . n 
A 1 144 GLU 144 123 123 GLU GLU A . n 
A 1 145 ASP 145 124 124 ASP ASP A . n 
A 1 146 ALA 146 125 125 ALA ALA A . n 
A 1 147 ILE 147 126 126 ILE ILE A . n 
A 1 148 LYS 148 127 127 LYS LYS A . n 
A 1 149 VAL 149 128 128 VAL VAL A . n 
A 1 150 LEU 150 129 129 LEU LEU A . n 
A 1 151 GLN 151 130 130 GLN GLN A . n 
A 1 152 TYR 152 131 131 TYR TYR A . n 
A 1 153 HIS 153 132 132 HIS HIS A . n 
A 1 154 LYS 154 133 133 LYS LYS A . n 
A 1 155 PRO 155 134 134 PRO PRO A . n 
A 1 156 VAL 156 135 135 VAL VAL A . n 
A 1 157 GLN 157 136 136 GLN GLN A . n 
A 1 158 ALA 158 137 137 ALA ALA A . n 
A 1 159 SER 159 138 138 SER SER A . n 
A 1 160 TYR 160 139 139 TYR TYR A . n 
A 1 161 PHE 161 140 140 PHE PHE A . n 
A 1 162 GLU 162 141 141 GLU GLU A . n 
A 1 163 THR 163 142 142 THR THR A . n 
A 1 164 LEU 164 143 ?   ?   ?   A . n 
A 1 165 ARG 165 144 ?   ?   ?   A . n 
A 1 166 GLN 166 145 ?   ?   ?   A . n 
A 1 167 GLY 167 146 ?   ?   ?   A . n 
A 1 168 TYR 168 147 ?   ?   ?   A . n 
A 1 169 SER 169 148 ?   ?   ?   A . n 
# 
loop_
_pdbx_nonpoly_scheme.asym_id 
_pdbx_nonpoly_scheme.entity_id 
_pdbx_nonpoly_scheme.mon_id 
_pdbx_nonpoly_scheme.ndb_seq_num 
_pdbx_nonpoly_scheme.pdb_seq_num 
_pdbx_nonpoly_scheme.auth_seq_num 
_pdbx_nonpoly_scheme.pdb_mon_id 
_pdbx_nonpoly_scheme.auth_mon_id 
_pdbx_nonpoly_scheme.pdb_strand_id 
_pdbx_nonpoly_scheme.pdb_ins_code 
B 2 O81 1  401 401 O81 O81 A . 
C 3 MG  1  402 501 MG  MG  A . 
D 3 MG  1  403 502 MG  MG  A . 
E 3 MG  1  404 503 MG  MG  A . 
F 4 CL  1  405 601 CL  CL  A . 
G 5 SO4 1  406 701 SO4 SO4 A . 
H 6 HOH 1  501 36  HOH HOH A . 
H 6 HOH 2  502 89  HOH HOH A . 
H 6 HOH 3  503 84  HOH HOH A . 
H 6 HOH 4  504 87  HOH HOH A . 
H 6 HOH 5  505 40  HOH HOH A . 
H 6 HOH 6  506 65  HOH HOH A . 
H 6 HOH 7  507 25  HOH HOH A . 
H 6 HOH 8  508 54  HOH HOH A . 
H 6 HOH 9  509 62  HOH HOH A . 
H 6 HOH 10 510 53  HOH HOH A . 
H 6 HOH 11 511 46  HOH HOH A . 
H 6 HOH 12 512 22  HOH HOH A . 
H 6 HOH 13 513 86  HOH HOH A . 
H 6 HOH 14 514 55  HOH HOH A . 
H 6 HOH 15 515 69  HOH HOH A . 
H 6 HOH 16 516 83  HOH HOH A . 
H 6 HOH 17 517 32  HOH HOH A . 
H 6 HOH 18 518 45  HOH HOH A . 
H 6 HOH 19 519 13  HOH HOH A . 
H 6 HOH 20 520 5   HOH HOH A . 
H 6 HOH 21 521 23  HOH HOH A . 
H 6 HOH 22 522 78  HOH HOH A . 
H 6 HOH 23 523 35  HOH HOH A . 
H 6 HOH 24 524 41  HOH HOH A . 
H 6 HOH 25 525 1   HOH HOH A . 
H 6 HOH 26 526 3   HOH HOH A . 
H 6 HOH 27 527 10  HOH HOH A . 
H 6 HOH 28 528 30  HOH HOH A . 
H 6 HOH 29 529 6   HOH HOH A . 
H 6 HOH 30 530 75  HOH HOH A . 
H 6 HOH 31 531 19  HOH HOH A . 
H 6 HOH 32 532 21  HOH HOH A . 
H 6 HOH 33 533 18  HOH HOH A . 
H 6 HOH 34 534 2   HOH HOH A . 
H 6 HOH 35 535 76  HOH HOH A . 
H 6 HOH 36 536 48  HOH HOH A . 
H 6 HOH 37 537 58  HOH HOH A . 
H 6 HOH 38 538 29  HOH HOH A . 
H 6 HOH 39 539 39  HOH HOH A . 
H 6 HOH 40 540 74  HOH HOH A . 
H 6 HOH 41 541 51  HOH HOH A . 
H 6 HOH 42 542 4   HOH HOH A . 
H 6 HOH 43 543 14  HOH HOH A . 
H 6 HOH 44 544 12  HOH HOH A . 
H 6 HOH 45 545 50  HOH HOH A . 
H 6 HOH 46 546 43  HOH HOH A . 
H 6 HOH 47 547 60  HOH HOH A . 
H 6 HOH 48 548 20  HOH HOH A . 
H 6 HOH 49 549 15  HOH HOH A . 
H 6 HOH 50 550 11  HOH HOH A . 
H 6 HOH 51 551 42  HOH HOH A . 
H 6 HOH 52 552 26  HOH HOH A . 
H 6 HOH 53 553 24  HOH HOH A . 
H 6 HOH 54 554 85  HOH HOH A . 
H 6 HOH 55 555 16  HOH HOH A . 
H 6 HOH 56 556 38  HOH HOH A . 
H 6 HOH 57 557 8   HOH HOH A . 
H 6 HOH 58 558 63  HOH HOH A . 
H 6 HOH 59 559 49  HOH HOH A . 
H 6 HOH 60 560 7   HOH HOH A . 
H 6 HOH 61 561 88  HOH HOH A . 
H 6 HOH 62 562 34  HOH HOH A . 
H 6 HOH 63 563 27  HOH HOH A . 
H 6 HOH 64 564 68  HOH HOH A . 
H 6 HOH 65 565 47  HOH HOH A . 
H 6 HOH 66 566 31  HOH HOH A . 
H 6 HOH 67 567 44  HOH HOH A . 
H 6 HOH 68 568 61  HOH HOH A . 
H 6 HOH 69 569 28  HOH HOH A . 
H 6 HOH 70 570 17  HOH HOH A . 
H 6 HOH 71 571 79  HOH HOH A . 
H 6 HOH 72 572 56  HOH HOH A . 
H 6 HOH 73 573 77  HOH HOH A . 
H 6 HOH 74 574 52  HOH HOH A . 
H 6 HOH 75 575 81  HOH HOH A . 
H 6 HOH 76 576 66  HOH HOH A . 
H 6 HOH 77 577 57  HOH HOH A . 
H 6 HOH 78 578 9   HOH HOH A . 
H 6 HOH 79 579 73  HOH HOH A . 
H 6 HOH 80 580 80  HOH HOH A . 
H 6 HOH 81 581 71  HOH HOH A . 
H 6 HOH 82 582 82  HOH HOH A . 
H 6 HOH 83 583 59  HOH HOH A . 
H 6 HOH 84 584 70  HOH HOH A . 
H 6 HOH 85 585 37  HOH HOH A . 
H 6 HOH 86 586 72  HOH HOH A . 
H 6 HOH 87 587 67  HOH HOH A . 
H 6 HOH 88 588 33  HOH HOH A . 
H 6 HOH 89 589 64  HOH HOH A . 
# 
loop_
_software.citation_id 
_software.classification 
_software.compiler_name 
_software.compiler_version 
_software.contact_author 
_software.contact_author_email 
_software.date 
_software.description 
_software.dependencies 
_software.hardware 
_software.language 
_software.location 
_software.mods 
_software.name 
_software.os 
_software.os_version 
_software.type 
_software.version 
_software.pdbx_ordinal 
? refinement        ? ? ? ? ? ? ? ? ? ? ? REFMAC      ? ? ? 5.8.0253 1 
? 'data scaling'    ? ? ? ? ? ? ? ? ? ? ? SCALEPACK   ? ? ? .        2 
? 'data extraction' ? ? ? ? ? ? ? ? ? ? ? PDB_EXTRACT ? ? ? 3.25     3 
? 'data reduction'  ? ? ? ? ? ? ? ? ? ? ? DENZO       ? ? ? .        4 
? phasing           ? ? ? ? ? ? ? ? ? ? ? PHASER      ? ? ? .        5 
# 
_cell.angle_alpha                  90.000 
_cell.angle_alpha_esd              ? 
_cell.angle_beta                   90.000 
_cell.angle_beta_esd               ? 
_cell.angle_gamma                  90.000 
_cell.angle_gamma_esd              ? 
_cell.entry_id                     6WO9 
_cell.details                      ? 
_cell.formula_units_Z              ? 
_cell.length_a                     47.291 
_cell.length_a_esd                 ? 
_cell.length_b                     59.777 
_cell.length_b_esd                 ? 
_cell.length_c                     62.463 
_cell.length_c_esd                 ? 
_cell.volume                       ? 
_cell.volume_esd                   ? 
_cell.Z_PDB                        4 
_cell.reciprocal_angle_alpha       ? 
_cell.reciprocal_angle_beta        ? 
_cell.reciprocal_angle_gamma       ? 
_cell.reciprocal_angle_alpha_esd   ? 
_cell.reciprocal_angle_beta_esd    ? 
_cell.reciprocal_angle_gamma_esd   ? 
_cell.reciprocal_length_a          ? 
_cell.reciprocal_length_b          ? 
_cell.reciprocal_length_c          ? 
_cell.reciprocal_length_a_esd      ? 
_cell.reciprocal_length_b_esd      ? 
_cell.reciprocal_length_c_esd      ? 
_cell.pdbx_unique_axis             ? 
# 
_symmetry.entry_id                         6WO9 
_symmetry.cell_setting                     ? 
_symmetry.Int_Tables_number                19 
_symmetry.space_group_name_Hall            ? 
_symmetry.space_group_name_H-M             'P 21 21 21' 
_symmetry.pdbx_full_space_group_name_H-M   ? 
# 
_exptl.absorpt_coefficient_mu     ? 
_exptl.absorpt_correction_T_max   ? 
_exptl.absorpt_correction_T_min   ? 
_exptl.absorpt_correction_type    ? 
_exptl.absorpt_process_details    ? 
_exptl.entry_id                   6WO9 
_exptl.crystals_number            1 
_exptl.details                    ? 
_exptl.method                     'X-RAY DIFFRACTION' 
_exptl.method_details             ? 
# 
_exptl_crystal.colour                      ? 
_exptl_crystal.density_diffrn              ? 
_exptl_crystal.density_Matthews            2.26 
_exptl_crystal.density_method              ? 
_exptl_crystal.density_percent_sol         45.55 
_exptl_crystal.description                 ? 
_exptl_crystal.F_000                       ? 
_exptl_crystal.id                          1 
_exptl_crystal.preparation                 ? 
_exptl_crystal.size_max                    ? 
_exptl_crystal.size_mid                    ? 
_exptl_crystal.size_min                    ? 
_exptl_crystal.size_rad                    ? 
_exptl_crystal.colour_lustre               ? 
_exptl_crystal.colour_modifier             ? 
_exptl_crystal.colour_primary              ? 
_exptl_crystal.density_meas                ? 
_exptl_crystal.density_meas_esd            ? 
_exptl_crystal.density_meas_gt             ? 
_exptl_crystal.density_meas_lt             ? 
_exptl_crystal.density_meas_temp           ? 
_exptl_crystal.density_meas_temp_esd       ? 
_exptl_crystal.density_meas_temp_gt        ? 
_exptl_crystal.density_meas_temp_lt        ? 
_exptl_crystal.pdbx_crystal_image_url      ? 
_exptl_crystal.pdbx_crystal_image_format   ? 
_exptl_crystal.pdbx_mosaicity              ? 
_exptl_crystal.pdbx_mosaicity_esd          ? 
# 
_exptl_crystal_grow.apparatus       ? 
_exptl_crystal_grow.atmosphere      ? 
_exptl_crystal_grow.crystal_id      1 
_exptl_crystal_grow.details         ? 
_exptl_crystal_grow.method          'VAPOR DIFFUSION, HANGING DROP' 
_exptl_crystal_grow.method_ref      ? 
_exptl_crystal_grow.pH              6.0 
_exptl_crystal_grow.pressure        ? 
_exptl_crystal_grow.pressure_esd    ? 
_exptl_crystal_grow.seeding         ? 
_exptl_crystal_grow.seeding_ref     ? 
_exptl_crystal_grow.temp            293 
_exptl_crystal_grow.temp_details    ? 
_exptl_crystal_grow.temp_esd        ? 
_exptl_crystal_grow.time            ? 
_exptl_crystal_grow.pdbx_details    
;10% (w/v) PEG 8000, 10% (v/v) isopropanol, 200 mM Li2SO4, 75 mM NaAc, pH 5.5 and 25 mM HEPES, pH 7.0 and soaking in solution of 200 mM Li2SO4, 25% (w/v) PEG 8000, 10% (v/v) isopropanol, 75mM NaAc, pH 5.5, 25 mM HEPES, pH 7.0, 20 mM MgCl2 and 80 mM NaF in present of 4mM 1-IP7
;
_exptl_crystal_grow.pdbx_pH_range   5.5-7.0 
# 
_diffrn.ambient_environment              ? 
_diffrn.ambient_temp                     100 
_diffrn.ambient_temp_details             ? 
_diffrn.ambient_temp_esd                 ? 
_diffrn.crystal_id                       1 
_diffrn.crystal_support                  ? 
_diffrn.crystal_treatment                ? 
_diffrn.details                          ? 
_diffrn.id                               1 
_diffrn.ambient_pressure                 ? 
_diffrn.ambient_pressure_esd             ? 
_diffrn.ambient_pressure_gt              ? 
_diffrn.ambient_pressure_lt              ? 
_diffrn.ambient_temp_gt                  ? 
_diffrn.ambient_temp_lt                  ? 
_diffrn.pdbx_serial_crystal_experiment   N 
# 
_diffrn_detector.details                      ? 
_diffrn_detector.detector                     PIXEL 
_diffrn_detector.diffrn_id                    1 
_diffrn_detector.type                         'DECTRIS EIGER X 16M' 
_diffrn_detector.area_resol_mean              ? 
_diffrn_detector.dtime                        ? 
_diffrn_detector.pdbx_frames_total            ? 
_diffrn_detector.pdbx_collection_time_total   ? 
_diffrn_detector.pdbx_collection_date         2019-12-13 
_diffrn_detector.pdbx_frequency               ? 
# 
_diffrn_radiation.collimation                      ? 
_diffrn_radiation.diffrn_id                        1 
_diffrn_radiation.filter_edge                      ? 
_diffrn_radiation.inhomogeneity                    ? 
_diffrn_radiation.monochromator                    ? 
_diffrn_radiation.polarisn_norm                    ? 
_diffrn_radiation.polarisn_ratio                   ? 
_diffrn_radiation.probe                            ? 
_diffrn_radiation.type                             ? 
_diffrn_radiation.xray_symbol                      ? 
_diffrn_radiation.wavelength_id                    1 
_diffrn_radiation.pdbx_monochromatic_or_laue_m_l   M 
_diffrn_radiation.pdbx_wavelength_list             ? 
_diffrn_radiation.pdbx_wavelength                  ? 
_diffrn_radiation.pdbx_diffrn_protocol             'SINGLE WAVELENGTH' 
_diffrn_radiation.pdbx_analyzer                    ? 
_diffrn_radiation.pdbx_scattering_type             x-ray 
# 
_diffrn_radiation_wavelength.id           1 
_diffrn_radiation_wavelength.wavelength   1.0 
_diffrn_radiation_wavelength.wt           1.0 
# 
_diffrn_source.current                     ? 
_diffrn_source.details                     ? 
_diffrn_source.diffrn_id                   1 
_diffrn_source.power                       ? 
_diffrn_source.size                        ? 
_diffrn_source.source                      SYNCHROTRON 
_diffrn_source.target                      ? 
_diffrn_source.type                        'APS BEAMLINE 22-ID' 
_diffrn_source.voltage                     ? 
_diffrn_source.take-off_angle              ? 
_diffrn_source.pdbx_wavelength_list        1.0 
_diffrn_source.pdbx_wavelength             ? 
_diffrn_source.pdbx_synchrotron_beamline   22-ID 
_diffrn_source.pdbx_synchrotron_site       APS 
# 
_reflns.B_iso_Wilson_estimate            ? 
_reflns.entry_id                         6WO9 
_reflns.data_reduction_details           ? 
_reflns.data_reduction_method            ? 
_reflns.d_resolution_high                2.000 
_reflns.d_resolution_low                 50.000 
_reflns.details                          ? 
_reflns.limit_h_max                      ? 
_reflns.limit_h_min                      ? 
_reflns.limit_k_max                      ? 
_reflns.limit_k_min                      ? 
_reflns.limit_l_max                      ? 
_reflns.limit_l_min                      ? 
_reflns.number_all                       ? 
_reflns.number_obs                       12511 
_reflns.observed_criterion               ? 
_reflns.observed_criterion_F_max         ? 
_reflns.observed_criterion_F_min         ? 
_reflns.observed_criterion_I_max         ? 
_reflns.observed_criterion_I_min         ? 
_reflns.observed_criterion_sigma_F       ? 
_reflns.observed_criterion_sigma_I       ? 
_reflns.percent_possible_obs             98.900 
_reflns.R_free_details                   ? 
_reflns.Rmerge_F_all                     ? 
_reflns.Rmerge_F_obs                     ? 
_reflns.Friedel_coverage                 ? 
_reflns.number_gt                        ? 
_reflns.threshold_expression             ? 
_reflns.pdbx_redundancy                  6.400 
_reflns.pdbx_Rmerge_I_obs                0.119 
_reflns.pdbx_Rmerge_I_all                ? 
_reflns.pdbx_Rsym_value                  ? 
_reflns.pdbx_netI_over_av_sigmaI         ? 
_reflns.pdbx_netI_over_sigmaI            17.400 
_reflns.pdbx_res_netI_over_av_sigmaI_2   ? 
_reflns.pdbx_res_netI_over_sigmaI_2      ? 
_reflns.pdbx_chi_squared                 0.913 
_reflns.pdbx_scaling_rejects             ? 
_reflns.pdbx_d_res_high_opt              ? 
_reflns.pdbx_d_res_low_opt               ? 
_reflns.pdbx_d_res_opt_method            ? 
_reflns.phase_calculation_details        ? 
_reflns.pdbx_Rrim_I_all                  0.130 
_reflns.pdbx_Rpim_I_all                  0.052 
_reflns.pdbx_d_opt                       ? 
_reflns.pdbx_number_measured_all         79817 
_reflns.pdbx_diffrn_id                   1 
_reflns.pdbx_ordinal                     1 
_reflns.pdbx_CC_half                     ? 
_reflns.pdbx_CC_star                     ? 
_reflns.pdbx_R_split                     ? 
# 
loop_
_reflns_shell.d_res_high 
_reflns_shell.d_res_low 
_reflns_shell.meanI_over_sigI_all 
_reflns_shell.meanI_over_sigI_obs 
_reflns_shell.number_measured_all 
_reflns_shell.number_measured_obs 
_reflns_shell.number_possible 
_reflns_shell.number_unique_all 
_reflns_shell.number_unique_obs 
_reflns_shell.percent_possible_all 
_reflns_shell.percent_possible_obs 
_reflns_shell.Rmerge_F_all 
_reflns_shell.Rmerge_F_obs 
_reflns_shell.Rmerge_I_all 
_reflns_shell.Rmerge_I_obs 
_reflns_shell.meanI_over_sigI_gt 
_reflns_shell.meanI_over_uI_all 
_reflns_shell.meanI_over_uI_gt 
_reflns_shell.number_measured_gt 
_reflns_shell.number_unique_gt 
_reflns_shell.percent_possible_gt 
_reflns_shell.Rmerge_F_gt 
_reflns_shell.Rmerge_I_gt 
_reflns_shell.pdbx_redundancy 
_reflns_shell.pdbx_Rsym_value 
_reflns_shell.pdbx_chi_squared 
_reflns_shell.pdbx_netI_over_sigmaI_all 
_reflns_shell.pdbx_netI_over_sigmaI_obs 
_reflns_shell.pdbx_Rrim_I_all 
_reflns_shell.pdbx_Rpim_I_all 
_reflns_shell.pdbx_rejects 
_reflns_shell.pdbx_ordinal 
_reflns_shell.pdbx_diffrn_id 
_reflns_shell.pdbx_CC_half 
_reflns_shell.pdbx_CC_star 
_reflns_shell.pdbx_R_split 
2.000 2.030  ? ? ? ? ? ? 609 99.000  ? ? ? ? 0.678 ? ? ? ? ? ? ? ? 6.200 ? 1.083 ? ? 0.747 0.306 ? 1  1 0.854 ? ? 
2.030 2.070  ? ? ? ? ? ? 647 99.400  ? ? ? ? 0.580 ? ? ? ? ? ? ? ? 6.100 ? 1.049 ? ? 0.637 0.259 ? 2  1 0.863 ? ? 
2.070 2.110  ? ? ? ? ? ? 585 98.300  ? ? ? ? 0.530 ? ? ? ? ? ? ? ? 6.200 ? 1.063 ? ? 0.582 0.235 ? 3  1 0.922 ? ? 
2.110 2.150  ? ? ? ? ? ? 618 99.200  ? ? ? ? 0.391 ? ? ? ? ? ? ? ? 6.100 ? 0.947 ? ? 0.430 0.173 ? 4  1 0.956 ? ? 
2.150 2.200  ? ? ? ? ? ? 598 98.400  ? ? ? ? 0.377 ? ? ? ? ? ? ? ? 6.200 ? 1.024 ? ? 0.414 0.166 ? 5  1 0.920 ? ? 
2.200 2.250  ? ? ? ? ? ? 619 97.500  ? ? ? ? 0.314 ? ? ? ? ? ? ? ? 6.000 ? 1.115 ? ? 0.345 0.139 ? 6  1 0.959 ? ? 
2.250 2.310  ? ? ? ? ? ? 602 97.900  ? ? ? ? 0.258 ? ? ? ? ? ? ? ? 5.500 ? 1.113 ? ? 0.286 0.120 ? 7  1 0.954 ? ? 
2.310 2.370  ? ? ? ? ? ? 605 98.400  ? ? ? ? 0.239 ? ? ? ? ? ? ? ? 5.200 ? 1.025 ? ? 0.267 0.115 ? 8  1 0.968 ? ? 
2.370 2.440  ? ? ? ? ? ? 608 99.300  ? ? ? ? 0.209 ? ? ? ? ? ? ? ? 6.400 ? 0.913 ? ? 0.228 0.090 ? 9  1 0.970 ? ? 
2.440 2.520  ? ? ? ? ? ? 639 99.200  ? ? ? ? 0.188 ? ? ? ? ? ? ? ? 7.100 ? 0.840 ? ? 0.204 0.077 ? 10 1 0.978 ? ? 
2.520 2.610  ? ? ? ? ? ? 623 99.800  ? ? ? ? 0.162 ? ? ? ? ? ? ? ? 7.200 ? 0.856 ? ? 0.175 0.066 ? 11 1 0.983 ? ? 
2.610 2.710  ? ? ? ? ? ? 620 99.700  ? ? ? ? 0.144 ? ? ? ? ? ? ? ? 7.200 ? 0.886 ? ? 0.157 0.059 ? 12 1 0.989 ? ? 
2.710 2.840  ? ? ? ? ? ? 628 100.000 ? ? ? ? 0.128 ? ? ? ? ? ? ? ? 7.100 ? 0.834 ? ? 0.138 0.052 ? 13 1 0.987 ? ? 
2.840 2.990  ? ? ? ? ? ? 635 99.800  ? ? ? ? 0.101 ? ? ? ? ? ? ? ? 7.100 ? 0.780 ? ? 0.110 0.042 ? 14 1 0.990 ? ? 
2.990 3.170  ? ? ? ? ? ? 629 99.700  ? ? ? ? 0.092 ? ? ? ? ? ? ? ? 6.800 ? 0.741 ? ? 0.100 0.039 ? 15 1 0.990 ? ? 
3.170 3.420  ? ? ? ? ? ? 630 100.000 ? ? ? ? 0.089 ? ? ? ? ? ? ? ? 6.700 ? 0.762 ? ? 0.097 0.037 ? 16 1 0.992 ? ? 
3.421 3.760  ? ? ? ? ? ? 635 98.600  ? ? ? ? 0.084 ? ? ? ? ? ? ? ? 6.200 ? 0.778 ? ? 0.093 0.038 ? 17 1 0.990 ? ? 
3.762 4.310  ? ? ? ? ? ? 630 96.300  ? ? ? ? 0.085 ? ? ? ? ? ? ? ? 5.600 ? 0.780 ? ? 0.095 0.040 ? 18 1 0.978 ? ? 
4.312 5.430  ? ? ? ? ? ? 638 97.400  ? ? ? ? 0.100 ? ? ? ? ? ? ? ? 5.900 ? 0.894 ? ? 0.110 0.045 ? 19 1 0.969 ? ? 
5.432 50.000 ? ? ? ? ? ? 713 99.300  ? ? ? ? 0.111 ? ? ? ? ? ? ? ? 6.500 ? 0.940 ? ? 0.121 0.047 ? 20 1 0.967 ? ? 
# 
_refine.aniso_B[1][1]                            -0.0000 
_refine.aniso_B[1][2]                            -0.0000 
_refine.aniso_B[1][3]                            -0.0000 
_refine.aniso_B[2][2]                            -0.0100 
_refine.aniso_B[2][3]                            0.0000 
_refine.aniso_B[3][3]                            0.0100 
_refine.B_iso_max                                80.180 
_refine.B_iso_mean                               26.0300 
_refine.B_iso_min                                13.050 
_refine.correlation_coeff_Fo_to_Fc               0.9400 
_refine.correlation_coeff_Fo_to_Fc_free          0.9120 
_refine.details                                  
'HYDROGENS HAVE BEEN ADDED IN THE RIDING POSITIONS U VALUES      : REFINED INDIVIDUALLY' 
_refine.diff_density_max                         ? 
_refine.diff_density_max_esd                     ? 
_refine.diff_density_min                         ? 
_refine.diff_density_min_esd                     ? 
_refine.diff_density_rms                         ? 
_refine.diff_density_rms_esd                     ? 
_refine.entry_id                                 6WO9 
_refine.pdbx_refine_id                           'X-RAY DIFFRACTION' 
_refine.ls_abs_structure_details                 ? 
_refine.ls_abs_structure_Flack                   ? 
_refine.ls_abs_structure_Flack_esd               ? 
_refine.ls_abs_structure_Rogers                  ? 
_refine.ls_abs_structure_Rogers_esd              ? 
_refine.ls_d_res_high                            2.0000 
_refine.ls_d_res_low                             37.7300 
_refine.ls_extinction_coef                       ? 
_refine.ls_extinction_coef_esd                   ? 
_refine.ls_extinction_expression                 ? 
_refine.ls_extinction_method                     ? 
_refine.ls_goodness_of_fit_all                   ? 
_refine.ls_goodness_of_fit_all_esd               ? 
_refine.ls_goodness_of_fit_obs                   ? 
_refine.ls_goodness_of_fit_obs_esd               ? 
_refine.ls_hydrogen_treatment                    ? 
_refine.ls_matrix_type                           ? 
_refine.ls_number_constraints                    ? 
_refine.ls_number_parameters                     ? 
_refine.ls_number_reflns_all                     ? 
_refine.ls_number_reflns_obs                     11446 
_refine.ls_number_reflns_R_free                  588 
_refine.ls_number_reflns_R_work                  ? 
_refine.ls_number_restraints                     ? 
_refine.ls_percent_reflns_obs                    96.5100 
_refine.ls_percent_reflns_R_free                 4.9000 
_refine.ls_R_factor_all                          ? 
_refine.ls_R_factor_obs                          0.1832 
_refine.ls_R_factor_R_free                       0.2282 
_refine.ls_R_factor_R_free_error                 ? 
_refine.ls_R_factor_R_free_error_details         ? 
_refine.ls_R_factor_R_work                       0.1810 
_refine.ls_R_Fsqd_factor_obs                     ? 
_refine.ls_R_I_factor_obs                        ? 
_refine.ls_redundancy_reflns_all                 ? 
_refine.ls_redundancy_reflns_obs                 ? 
_refine.ls_restrained_S_all                      ? 
_refine.ls_restrained_S_obs                      ? 
_refine.ls_shift_over_esd_max                    ? 
_refine.ls_shift_over_esd_mean                   ? 
_refine.ls_structure_factor_coef                 ? 
_refine.ls_weighting_details                     ? 
_refine.ls_weighting_scheme                      ? 
_refine.ls_wR_factor_all                         ? 
_refine.ls_wR_factor_obs                         ? 
_refine.ls_wR_factor_R_free                      ? 
_refine.ls_wR_factor_R_work                      ? 
_refine.occupancy_max                            ? 
_refine.occupancy_min                            ? 
_refine.solvent_model_details                    MASK 
_refine.solvent_model_param_bsol                 ? 
_refine.solvent_model_param_ksol                 ? 
_refine.pdbx_R_complete                          ? 
_refine.ls_R_factor_gt                           ? 
_refine.ls_goodness_of_fit_gt                    ? 
_refine.ls_goodness_of_fit_ref                   ? 
_refine.ls_shift_over_su_max                     ? 
_refine.ls_shift_over_su_max_lt                  ? 
_refine.ls_shift_over_su_mean                    ? 
_refine.ls_shift_over_su_mean_lt                 ? 
_refine.pdbx_ls_sigma_I                          ? 
_refine.pdbx_ls_sigma_F                          0.000 
_refine.pdbx_ls_sigma_Fsqd                       ? 
_refine.pdbx_data_cutoff_high_absF               ? 
_refine.pdbx_data_cutoff_high_rms_absF           ? 
_refine.pdbx_data_cutoff_low_absF                ? 
_refine.pdbx_isotropic_thermal_model             ? 
_refine.pdbx_ls_cross_valid_method               THROUGHOUT 
_refine.pdbx_method_to_determine_struct          'FOURIER SYNTHESIS' 
_refine.pdbx_starting_model                      ? 
_refine.pdbx_stereochemistry_target_values       'MAXIMUM LIKELIHOOD' 
_refine.pdbx_R_Free_selection_details            RANDOM 
_refine.pdbx_stereochem_target_val_spec_case     ? 
_refine.pdbx_overall_ESU_R                       0.1640 
_refine.pdbx_overall_ESU_R_Free                  0.1550 
_refine.pdbx_solvent_vdw_probe_radii             1.2000 
_refine.pdbx_solvent_ion_probe_radii             0.8000 
_refine.pdbx_solvent_shrinkage_radii             0.8000 
_refine.pdbx_real_space_R                        ? 
_refine.pdbx_density_correlation                 ? 
_refine.pdbx_pd_number_of_powder_patterns        ? 
_refine.pdbx_pd_number_of_points                 ? 
_refine.pdbx_pd_meas_number_of_points            ? 
_refine.pdbx_pd_proc_ls_prof_R_factor            ? 
_refine.pdbx_pd_proc_ls_prof_wR_factor           ? 
_refine.pdbx_pd_Marquardt_correlation_coeff      ? 
_refine.pdbx_pd_Fsqrd_R_factor                   ? 
_refine.pdbx_pd_ls_matrix_band_width             ? 
_refine.pdbx_overall_phase_error                 ? 
_refine.pdbx_overall_SU_R_free_Cruickshank_DPI   ? 
_refine.pdbx_overall_SU_R_free_Blow_DPI          ? 
_refine.pdbx_overall_SU_R_Blow_DPI               ? 
_refine.pdbx_TLS_residual_ADP_flag               ? 
_refine.pdbx_diffrn_id                           1 
_refine.overall_SU_B                             3.2040 
_refine.overall_SU_ML                            0.0920 
_refine.overall_SU_R_Cruickshank_DPI             ? 
_refine.overall_SU_R_free                        ? 
_refine.overall_FOM_free_R_set                   ? 
_refine.overall_FOM_work_R_set                   ? 
_refine.pdbx_average_fsc_overall                 ? 
_refine.pdbx_average_fsc_work                    ? 
_refine.pdbx_average_fsc_free                    ? 
# 
_refine_hist.pdbx_refine_id                   'X-RAY DIFFRACTION' 
_refine_hist.cycle_id                         final 
_refine_hist.details                          ? 
_refine_hist.d_res_high                       2.0000 
_refine_hist.d_res_low                        37.7300 
_refine_hist.number_atoms_solvent             89 
_refine_hist.number_atoms_total               1224 
_refine_hist.number_reflns_all                ? 
_refine_hist.number_reflns_obs                ? 
_refine_hist.number_reflns_R_free             ? 
_refine_hist.number_reflns_R_work             ? 
_refine_hist.R_factor_all                     ? 
_refine_hist.R_factor_obs                     ? 
_refine_hist.R_factor_R_free                  ? 
_refine_hist.R_factor_R_work                  ? 
_refine_hist.pdbx_number_residues_total       134 
_refine_hist.pdbx_B_iso_mean_ligand           49.94 
_refine_hist.pdbx_B_iso_mean_solvent          40.69 
_refine_hist.pdbx_number_atoms_protein        1086 
_refine_hist.pdbx_number_atoms_nucleic_acid   0 
_refine_hist.pdbx_number_atoms_ligand         49 
_refine_hist.pdbx_number_atoms_lipid          ? 
_refine_hist.pdbx_number_atoms_carb           ? 
_refine_hist.pdbx_pseudo_atom_details         ? 
# 
loop_
_refine_ls_restr.pdbx_refine_id 
_refine_ls_restr.criterion 
_refine_ls_restr.dev_ideal 
_refine_ls_restr.dev_ideal_target 
_refine_ls_restr.number 
_refine_ls_restr.rejects 
_refine_ls_restr.type 
_refine_ls_restr.weight 
_refine_ls_restr.pdbx_restraint_function 
'X-RAY DIFFRACTION' ? 0.011  0.013  1188 ? r_bond_refined_d       ? ? 
'X-RAY DIFFRACTION' ? 0.001  0.018  1067 ? r_bond_other_d         ? ? 
'X-RAY DIFFRACTION' ? 1.813  1.699  1628 ? r_angle_refined_deg    ? ? 
'X-RAY DIFFRACTION' ? 1.374  1.594  2483 ? r_angle_other_deg      ? ? 
'X-RAY DIFFRACTION' ? 7.188  5.000  145  ? r_dihedral_angle_1_deg ? ? 
'X-RAY DIFFRACTION' ? 30.354 21.304 69   ? r_dihedral_angle_2_deg ? ? 
'X-RAY DIFFRACTION' ? 13.059 15.000 206  ? r_dihedral_angle_3_deg ? ? 
'X-RAY DIFFRACTION' ? 16.730 15.000 11   ? r_dihedral_angle_4_deg ? ? 
'X-RAY DIFFRACTION' ? 0.111  0.200  155  ? r_chiral_restr         ? ? 
'X-RAY DIFFRACTION' ? 0.008  0.020  1299 ? r_gen_planes_refined   ? ? 
'X-RAY DIFFRACTION' ? 0.001  0.020  258  ? r_gen_planes_other     ? ? 
# 
_refine_ls_shell.pdbx_refine_id                   'X-RAY DIFFRACTION' 
_refine_ls_shell.d_res_high                       2.0000 
_refine_ls_shell.d_res_low                        2.0520 
_refine_ls_shell.number_reflns_all                779 
_refine_ls_shell.number_reflns_obs                ? 
_refine_ls_shell.number_reflns_R_free             53 
_refine_ls_shell.number_reflns_R_work             726 
_refine_ls_shell.percent_reflns_obs               86.3600 
_refine_ls_shell.percent_reflns_R_free            ? 
_refine_ls_shell.R_factor_all                     ? 
_refine_ls_shell.R_factor_obs                     ? 
_refine_ls_shell.R_factor_R_free                  0.2320 
_refine_ls_shell.R_factor_R_free_error            0.0000 
_refine_ls_shell.R_factor_R_work                  0.1940 
_refine_ls_shell.redundancy_reflns_all            ? 
_refine_ls_shell.redundancy_reflns_obs            ? 
_refine_ls_shell.wR_factor_all                    ? 
_refine_ls_shell.wR_factor_obs                    ? 
_refine_ls_shell.wR_factor_R_free                 ? 
_refine_ls_shell.wR_factor_R_work                 ? 
_refine_ls_shell.pdbx_R_complete                  ? 
_refine_ls_shell.pdbx_total_number_of_bins_used   20 
_refine_ls_shell.pdbx_phase_error                 ? 
_refine_ls_shell.pdbx_fsc_work                    ? 
_refine_ls_shell.pdbx_fsc_free                    ? 
# 
_struct.entry_id                     6WO9 
_struct.title                        
;Diphosphoinositol polyphosphate phosphohydrolase 1 (DIPP1/NUDT3) in complex with 1-diphosphoinositol pentakisphosphate (1-IP7) and Mg
;
_struct.pdbx_model_details           ? 
_struct.pdbx_formula_weight          ? 
_struct.pdbx_formula_weight_method   ? 
_struct.pdbx_model_type_details      ? 
_struct.pdbx_CASP_flag               N 
# 
_struct_keywords.entry_id        6WO9 
_struct_keywords.text            
'phosphatase, nudix, catalysis mechanism, Substrate Specificity, inositol, inositol pyrophosphate, HYDROLASE' 
_struct_keywords.pdbx_keywords   HYDROLASE 
# 
loop_
_struct_asym.id 
_struct_asym.pdbx_blank_PDB_chainid_flag 
_struct_asym.pdbx_modified 
_struct_asym.entity_id 
_struct_asym.details 
A N N 1 ? 
B N N 2 ? 
C N N 3 ? 
D N N 3 ? 
E N N 3 ? 
F N N 4 ? 
G N N 5 ? 
H N N 6 ? 
# 
_struct_ref.id                         1 
_struct_ref.db_name                    UNP 
_struct_ref.db_code                    NUDT3_HUMAN 
_struct_ref.pdbx_db_accession          O95989 
_struct_ref.pdbx_db_isoform            ? 
_struct_ref.entity_id                  1 
_struct_ref.pdbx_seq_one_letter_code   
;MMKLKSNQTRTYDGDGYKKRAACLCFRSESEEEVLLVSSSRHPDRWIVPGGGMEPEEEPSVAAVREVCEEAGVKGTLGRL
VGIFENQERKHRTYVYVLIVTEVLEDWEDSVNIGRKREWFKIEDAIKVLQYHKPVQASYFETLRQGYS
;
_struct_ref.pdbx_align_begin           1 
# 
_struct_ref_seq.align_id                      1 
_struct_ref_seq.ref_id                        1 
_struct_ref_seq.pdbx_PDB_id_code              6WO9 
_struct_ref_seq.pdbx_strand_id                A 
_struct_ref_seq.seq_align_beg                 22 
_struct_ref_seq.pdbx_seq_align_beg_ins_code   ? 
_struct_ref_seq.seq_align_end                 169 
_struct_ref_seq.pdbx_seq_align_end_ins_code   ? 
_struct_ref_seq.pdbx_db_accession             O95989 
_struct_ref_seq.db_align_beg                  1 
_struct_ref_seq.pdbx_db_align_beg_ins_code    ? 
_struct_ref_seq.db_align_end                  148 
_struct_ref_seq.pdbx_db_align_end_ins_code    ? 
_struct_ref_seq.pdbx_auth_seq_align_beg       1 
_struct_ref_seq.pdbx_auth_seq_align_end       148 
# 
loop_
_struct_ref_seq_dif.align_id 
_struct_ref_seq_dif.pdbx_pdb_id_code 
_struct_ref_seq_dif.mon_id 
_struct_ref_seq_dif.pdbx_pdb_strand_id 
_struct_ref_seq_dif.seq_num 
_struct_ref_seq_dif.pdbx_pdb_ins_code 
_struct_ref_seq_dif.pdbx_seq_db_name 
_struct_ref_seq_dif.pdbx_seq_db_accession_code 
_struct_ref_seq_dif.db_mon_id 
_struct_ref_seq_dif.pdbx_seq_db_seq_num 
_struct_ref_seq_dif.details 
_struct_ref_seq_dif.pdbx_auth_seq_num 
_struct_ref_seq_dif.pdbx_ordinal 
1 6WO9 HIS A 1  ? UNP O95989 ? ? 'expression tag' -20 1  
1 6WO9 HIS A 2  ? UNP O95989 ? ? 'expression tag' -19 2  
1 6WO9 HIS A 3  ? UNP O95989 ? ? 'expression tag' -18 3  
1 6WO9 HIS A 4  ? UNP O95989 ? ? 'expression tag' -17 4  
1 6WO9 HIS A 5  ? UNP O95989 ? ? 'expression tag' -16 5  
1 6WO9 HIS A 6  ? UNP O95989 ? ? 'expression tag' -15 6  
1 6WO9 SER A 7  ? UNP O95989 ? ? 'expression tag' -14 7  
1 6WO9 SER A 8  ? UNP O95989 ? ? 'expression tag' -13 8  
1 6WO9 GLY A 9  ? UNP O95989 ? ? 'expression tag' -12 9  
1 6WO9 VAL A 10 ? UNP O95989 ? ? 'expression tag' -11 10 
1 6WO9 ASP A 11 ? UNP O95989 ? ? 'expression tag' -10 11 
1 6WO9 LEU A 12 ? UNP O95989 ? ? 'expression tag' -9  12 
1 6WO9 GLY A 13 ? UNP O95989 ? ? 'expression tag' -8  13 
1 6WO9 THR A 14 ? UNP O95989 ? ? 'expression tag' -7  14 
1 6WO9 GLU A 15 ? UNP O95989 ? ? 'expression tag' -6  15 
1 6WO9 ASN A 16 ? UNP O95989 ? ? 'expression tag' -5  16 
1 6WO9 LEU A 17 ? UNP O95989 ? ? 'expression tag' -4  17 
1 6WO9 TYR A 18 ? UNP O95989 ? ? 'expression tag' -3  18 
1 6WO9 PHE A 19 ? UNP O95989 ? ? 'expression tag' -2  19 
1 6WO9 GLN A 20 ? UNP O95989 ? ? 'expression tag' -1  20 
1 6WO9 SER A 21 ? UNP O95989 ? ? 'expression tag' 0   21 
# 
_pdbx_struct_assembly.id                   1 
_pdbx_struct_assembly.details              author_and_software_defined_assembly 
_pdbx_struct_assembly.method_details       PISA 
_pdbx_struct_assembly.oligomeric_details   monomeric 
_pdbx_struct_assembly.oligomeric_count     1 
# 
_pdbx_struct_assembly_gen.assembly_id       1 
_pdbx_struct_assembly_gen.oper_expression   1 
_pdbx_struct_assembly_gen.asym_id_list      A,B,C,D,E,F,G,H 
# 
_pdbx_struct_assembly_auth_evidence.id                     1 
_pdbx_struct_assembly_auth_evidence.assembly_id            1 
_pdbx_struct_assembly_auth_evidence.experimental_support   'gel filtration' 
_pdbx_struct_assembly_auth_evidence.details                ? 
# 
_pdbx_struct_oper_list.id                   1 
_pdbx_struct_oper_list.type                 'identity operation' 
_pdbx_struct_oper_list.name                 1_555 
_pdbx_struct_oper_list.symmetry_operation   x,y,z 
_pdbx_struct_oper_list.matrix[1][1]         1.0000000000 
_pdbx_struct_oper_list.matrix[1][2]         0.0000000000 
_pdbx_struct_oper_list.matrix[1][3]         0.0000000000 
_pdbx_struct_oper_list.vector[1]            0.0000000000 
_pdbx_struct_oper_list.matrix[2][1]         0.0000000000 
_pdbx_struct_oper_list.matrix[2][2]         1.0000000000 
_pdbx_struct_oper_list.matrix[2][3]         0.0000000000 
_pdbx_struct_oper_list.vector[2]            0.0000000000 
_pdbx_struct_oper_list.matrix[3][1]         0.0000000000 
_pdbx_struct_oper_list.matrix[3][2]         0.0000000000 
_pdbx_struct_oper_list.matrix[3][3]         1.0000000000 
_pdbx_struct_oper_list.vector[3]            0.0000000000 
# 
loop_
_struct_conf.conf_type_id 
_struct_conf.id 
_struct_conf.pdbx_PDB_helix_id 
_struct_conf.beg_label_comp_id 
_struct_conf.beg_label_asym_id 
_struct_conf.beg_label_seq_id 
_struct_conf.pdbx_beg_PDB_ins_code 
_struct_conf.end_label_comp_id 
_struct_conf.end_label_asym_id 
_struct_conf.end_label_seq_id 
_struct_conf.pdbx_end_PDB_ins_code 
_struct_conf.beg_auth_comp_id 
_struct_conf.beg_auth_asym_id 
_struct_conf.beg_auth_seq_id 
_struct_conf.end_auth_comp_id 
_struct_conf.end_auth_asym_id 
_struct_conf.end_auth_seq_id 
_struct_conf.pdbx_PDB_helix_class 
_struct_conf.details 
_struct_conf.pdbx_PDB_helix_length 
HELX_P HELX_P1 AA1 GLU A 79  ? GLY A 93  ? GLU A 58  GLY A 72  1 ? 15 
HELX_P HELX_P2 AA2 TRP A 128 ? GLY A 135 ? TRP A 107 GLY A 114 1 ? 8  
HELX_P HELX_P3 AA3 ILE A 143 ? GLN A 151 ? ILE A 122 GLN A 130 1 ? 9  
HELX_P HELX_P4 AA4 LYS A 154 ? TYR A 160 ? LYS A 133 TYR A 139 1 ? 7  
# 
_struct_conf_type.id          HELX_P 
_struct_conf_type.criteria    ? 
_struct_conf_type.reference   ? 
# 
loop_
_struct_conn.id 
_struct_conn.conn_type_id 
_struct_conn.pdbx_leaving_atom_flag 
_struct_conn.pdbx_PDB_id 
_struct_conn.ptnr1_label_asym_id 
_struct_conn.ptnr1_label_comp_id 
_struct_conn.ptnr1_label_seq_id 
_struct_conn.ptnr1_label_atom_id 
_struct_conn.pdbx_ptnr1_label_alt_id 
_struct_conn.pdbx_ptnr1_PDB_ins_code 
_struct_conn.pdbx_ptnr1_standard_comp_id 
_struct_conn.ptnr1_symmetry 
_struct_conn.ptnr2_label_asym_id 
_struct_conn.ptnr2_label_comp_id 
_struct_conn.ptnr2_label_seq_id 
_struct_conn.ptnr2_label_atom_id 
_struct_conn.pdbx_ptnr2_label_alt_id 
_struct_conn.pdbx_ptnr2_PDB_ins_code 
_struct_conn.ptnr1_auth_asym_id 
_struct_conn.ptnr1_auth_comp_id 
_struct_conn.ptnr1_auth_seq_id 
_struct_conn.ptnr2_auth_asym_id 
_struct_conn.ptnr2_auth_comp_id 
_struct_conn.ptnr2_auth_seq_id 
_struct_conn.ptnr2_symmetry 
_struct_conn.pdbx_ptnr3_label_atom_id 
_struct_conn.pdbx_ptnr3_label_seq_id 
_struct_conn.pdbx_ptnr3_label_comp_id 
_struct_conn.pdbx_ptnr3_label_asym_id 
_struct_conn.pdbx_ptnr3_label_alt_id 
_struct_conn.pdbx_ptnr3_PDB_ins_code 
_struct_conn.details 
_struct_conn.pdbx_dist_value 
_struct_conn.pdbx_value_order 
_struct_conn.pdbx_role 
metalc1  metalc ? ? A GLY 71 O   ? ? ? 1_555 C MG  . MG ? ? A GLY 50  A MG  402 1_555 ? ? ? ? ? ? ? 2.160 ? ? 
metalc2  metalc ? ? A GLU 87 OE2 ? ? ? 1_555 D MG  . MG ? ? A GLU 66  A MG  403 1_555 ? ? ? ? ? ? ? 2.636 ? ? 
metalc3  metalc ? ? A GLU 87 OE1 ? ? ? 1_555 E MG  . MG ? ? A GLU 66  A MG  404 1_555 ? ? ? ? ? ? ? 2.408 ? ? 
metalc4  metalc ? ? A GLU 91 OE1 ? ? ? 1_555 C MG  . MG ? ? A GLU 70  A MG  402 1_555 ? ? ? ? ? ? ? 2.278 ? ? 
metalc5  metalc ? ? A GLU 91 OE1 ? ? ? 1_555 D MG  . MG ? ? A GLU 70  A MG  403 1_555 ? ? ? ? ? ? ? 2.665 ? ? 
metalc6  metalc ? ? B O81 .  O27 ? ? ? 1_555 C MG  . MG ? ? A O81 401 A MG  402 1_555 ? ? ? ? ? ? ? 1.934 ? ? 
metalc7  metalc ? ? B O81 .  O36 ? ? ? 1_555 C MG  . MG ? ? A O81 401 A MG  402 1_555 ? ? ? ? ? ? ? 2.263 ? ? 
metalc8  metalc ? ? B O81 .  O21 ? ? ? 1_555 C MG  . MG ? ? A O81 401 A MG  402 1_555 ? ? ? ? ? ? ? 2.038 ? ? 
metalc9  metalc ? ? B O81 .  O27 ? ? ? 1_555 D MG  . MG ? ? A O81 401 A MG  403 1_555 ? ? ? ? ? ? ? 2.087 ? ? 
metalc10 metalc ? ? B O81 .  O37 ? ? ? 1_555 E MG  . MG ? ? A O81 401 A MG  404 1_555 ? ? ? ? ? ? ? 2.132 ? ? 
metalc11 metalc ? ? C MG  .  MG  ? ? ? 1_555 H HOH . O  ? ? A MG  402 A HOH 540 1_555 ? ? ? ? ? ? ? 2.089 ? ? 
metalc12 metalc ? ? D MG  .  MG  ? ? ? 1_555 H HOH . O  ? ? A MG  403 A HOH 554 1_555 ? ? ? ? ? ? ? 2.465 ? ? 
metalc13 metalc ? ? D MG  .  MG  ? ? ? 1_555 H HOH . O  ? ? A MG  403 A HOH 571 1_555 ? ? ? ? ? ? ? 2.290 ? ? 
metalc14 metalc ? ? E MG  .  MG  ? ? ? 1_555 H HOH . O  ? ? A MG  404 A HOH 530 1_555 ? ? ? ? ? ? ? 1.892 ? ? 
metalc15 metalc ? ? E MG  .  MG  ? ? ? 1_555 H HOH . O  ? ? A MG  404 A HOH 535 1_555 ? ? ? ? ? ? ? 2.798 ? ? 
# 
_struct_conn_type.id          metalc 
_struct_conn_type.criteria    ? 
_struct_conn_type.reference   ? 
# 
loop_
_pdbx_struct_conn_angle.id 
_pdbx_struct_conn_angle.ptnr1_label_atom_id 
_pdbx_struct_conn_angle.ptnr1_label_alt_id 
_pdbx_struct_conn_angle.ptnr1_label_asym_id 
_pdbx_struct_conn_angle.ptnr1_label_comp_id 
_pdbx_struct_conn_angle.ptnr1_label_seq_id 
_pdbx_struct_conn_angle.ptnr1_auth_atom_id 
_pdbx_struct_conn_angle.ptnr1_auth_asym_id 
_pdbx_struct_conn_angle.ptnr1_auth_comp_id 
_pdbx_struct_conn_angle.ptnr1_auth_seq_id 
_pdbx_struct_conn_angle.ptnr1_PDB_ins_code 
_pdbx_struct_conn_angle.ptnr1_symmetry 
_pdbx_struct_conn_angle.ptnr2_label_atom_id 
_pdbx_struct_conn_angle.ptnr2_label_alt_id 
_pdbx_struct_conn_angle.ptnr2_label_asym_id 
_pdbx_struct_conn_angle.ptnr2_label_comp_id 
_pdbx_struct_conn_angle.ptnr2_label_seq_id 
_pdbx_struct_conn_angle.ptnr2_auth_atom_id 
_pdbx_struct_conn_angle.ptnr2_auth_asym_id 
_pdbx_struct_conn_angle.ptnr2_auth_comp_id 
_pdbx_struct_conn_angle.ptnr2_auth_seq_id 
_pdbx_struct_conn_angle.ptnr2_PDB_ins_code 
_pdbx_struct_conn_angle.ptnr2_symmetry 
_pdbx_struct_conn_angle.ptnr3_label_atom_id 
_pdbx_struct_conn_angle.ptnr3_label_alt_id 
_pdbx_struct_conn_angle.ptnr3_label_asym_id 
_pdbx_struct_conn_angle.ptnr3_label_comp_id 
_pdbx_struct_conn_angle.ptnr3_label_seq_id 
_pdbx_struct_conn_angle.ptnr3_auth_atom_id 
_pdbx_struct_conn_angle.ptnr3_auth_asym_id 
_pdbx_struct_conn_angle.ptnr3_auth_comp_id 
_pdbx_struct_conn_angle.ptnr3_auth_seq_id 
_pdbx_struct_conn_angle.ptnr3_PDB_ins_code 
_pdbx_struct_conn_angle.ptnr3_symmetry 
_pdbx_struct_conn_angle.value 
_pdbx_struct_conn_angle.value_esd 
1  O   ? A GLY 71 ? A GLY 50  ? 1_555 MG ? C MG . ? A MG 402 ? 1_555 OE1 ? A GLU 91 ? A GLU 70  ? 1_555 76.6  ? 
2  O   ? A GLY 71 ? A GLY 50  ? 1_555 MG ? C MG . ? A MG 402 ? 1_555 O27 ? B O81 .  ? A O81 401 ? 1_555 109.6 ? 
3  OE1 ? A GLU 91 ? A GLU 70  ? 1_555 MG ? C MG . ? A MG 402 ? 1_555 O27 ? B O81 .  ? A O81 401 ? 1_555 84.5  ? 
4  O   ? A GLY 71 ? A GLY 50  ? 1_555 MG ? C MG . ? A MG 402 ? 1_555 O36 ? B O81 .  ? A O81 401 ? 1_555 159.4 ? 
5  OE1 ? A GLU 91 ? A GLU 70  ? 1_555 MG ? C MG . ? A MG 402 ? 1_555 O36 ? B O81 .  ? A O81 401 ? 1_555 86.3  ? 
6  O27 ? B O81 .  ? A O81 401 ? 1_555 MG ? C MG . ? A MG 402 ? 1_555 O36 ? B O81 .  ? A O81 401 ? 1_555 79.6  ? 
7  O   ? A GLY 71 ? A GLY 50  ? 1_555 MG ? C MG . ? A MG 402 ? 1_555 O21 ? B O81 .  ? A O81 401 ? 1_555 97.9  ? 
8  OE1 ? A GLU 91 ? A GLU 70  ? 1_555 MG ? C MG . ? A MG 402 ? 1_555 O21 ? B O81 .  ? A O81 401 ? 1_555 173.8 ? 
9  O27 ? B O81 .  ? A O81 401 ? 1_555 MG ? C MG . ? A MG 402 ? 1_555 O21 ? B O81 .  ? A O81 401 ? 1_555 100.2 ? 
10 O36 ? B O81 .  ? A O81 401 ? 1_555 MG ? C MG . ? A MG 402 ? 1_555 O21 ? B O81 .  ? A O81 401 ? 1_555 98.4  ? 
11 O   ? A GLY 71 ? A GLY 50  ? 1_555 MG ? C MG . ? A MG 402 ? 1_555 O   ? H HOH .  ? A HOH 540 ? 1_555 87.4  ? 
12 OE1 ? A GLU 91 ? A GLU 70  ? 1_555 MG ? C MG . ? A MG 402 ? 1_555 O   ? H HOH .  ? A HOH 540 ? 1_555 82.8  ? 
13 O27 ? B O81 .  ? A O81 401 ? 1_555 MG ? C MG . ? A MG 402 ? 1_555 O   ? H HOH .  ? A HOH 540 ? 1_555 155.8 ? 
14 O36 ? B O81 .  ? A O81 401 ? 1_555 MG ? C MG . ? A MG 402 ? 1_555 O   ? H HOH .  ? A HOH 540 ? 1_555 79.0  ? 
15 O21 ? B O81 .  ? A O81 401 ? 1_555 MG ? C MG . ? A MG 402 ? 1_555 O   ? H HOH .  ? A HOH 540 ? 1_555 94.1  ? 
16 OE2 ? A GLU 87 ? A GLU 66  ? 1_555 MG ? D MG . ? A MG 403 ? 1_555 OE1 ? A GLU 91 ? A GLU 70  ? 1_555 82.2  ? 
17 OE2 ? A GLU 87 ? A GLU 66  ? 1_555 MG ? D MG . ? A MG 403 ? 1_555 O27 ? B O81 .  ? A O81 401 ? 1_555 98.4  ? 
18 OE1 ? A GLU 91 ? A GLU 70  ? 1_555 MG ? D MG . ? A MG 403 ? 1_555 O27 ? B O81 .  ? A O81 401 ? 1_555 72.4  ? 
19 OE2 ? A GLU 87 ? A GLU 66  ? 1_555 MG ? D MG . ? A MG 403 ? 1_555 O   ? H HOH .  ? A HOH 554 ? 1_555 162.2 ? 
20 OE1 ? A GLU 91 ? A GLU 70  ? 1_555 MG ? D MG . ? A MG 403 ? 1_555 O   ? H HOH .  ? A HOH 554 ? 1_555 82.4  ? 
21 O27 ? B O81 .  ? A O81 401 ? 1_555 MG ? D MG . ? A MG 403 ? 1_555 O   ? H HOH .  ? A HOH 554 ? 1_555 85.3  ? 
22 OE2 ? A GLU 87 ? A GLU 66  ? 1_555 MG ? D MG . ? A MG 403 ? 1_555 O   ? H HOH .  ? A HOH 571 ? 1_555 104.1 ? 
23 OE1 ? A GLU 91 ? A GLU 70  ? 1_555 MG ? D MG . ? A MG 403 ? 1_555 O   ? H HOH .  ? A HOH 571 ? 1_555 97.3  ? 
24 O27 ? B O81 .  ? A O81 401 ? 1_555 MG ? D MG . ? A MG 403 ? 1_555 O   ? H HOH .  ? A HOH 571 ? 1_555 153.8 ? 
25 O   ? H HOH .  ? A HOH 554 ? 1_555 MG ? D MG . ? A MG 403 ? 1_555 O   ? H HOH .  ? A HOH 571 ? 1_555 69.2  ? 
26 OE1 ? A GLU 87 ? A GLU 66  ? 1_555 MG ? E MG . ? A MG 404 ? 1_555 O37 ? B O81 .  ? A O81 401 ? 1_555 105.5 ? 
27 OE1 ? A GLU 87 ? A GLU 66  ? 1_555 MG ? E MG . ? A MG 404 ? 1_555 O   ? H HOH .  ? A HOH 530 ? 1_555 93.2  ? 
28 O37 ? B O81 .  ? A O81 401 ? 1_555 MG ? E MG . ? A MG 404 ? 1_555 O   ? H HOH .  ? A HOH 530 ? 1_555 156.7 ? 
29 OE1 ? A GLU 87 ? A GLU 66  ? 1_555 MG ? E MG . ? A MG 404 ? 1_555 O   ? H HOH .  ? A HOH 535 ? 1_555 62.9  ? 
30 O37 ? B O81 .  ? A O81 401 ? 1_555 MG ? E MG . ? A MG 404 ? 1_555 O   ? H HOH .  ? A HOH 535 ? 1_555 96.5  ? 
31 O   ? H HOH .  ? A HOH 530 ? 1_555 MG ? E MG . ? A MG 404 ? 1_555 O   ? H HOH .  ? A HOH 535 ? 1_555 79.6  ? 
# 
loop_
_struct_sheet.id 
_struct_sheet.type 
_struct_sheet.number_strands 
_struct_sheet.details 
AA1 ? 4 ? 
AA2 ? 3 ? 
# 
loop_
_struct_sheet_order.sheet_id 
_struct_sheet_order.range_id_1 
_struct_sheet_order.range_id_2 
_struct_sheet_order.offset 
_struct_sheet_order.sense 
AA1 1 2 ? anti-parallel 
AA1 2 3 ? parallel      
AA1 3 4 ? anti-parallel 
AA2 1 2 ? anti-parallel 
AA2 2 3 ? anti-parallel 
# 
loop_
_struct_sheet_range.sheet_id 
_struct_sheet_range.id 
_struct_sheet_range.beg_label_comp_id 
_struct_sheet_range.beg_label_asym_id 
_struct_sheet_range.beg_label_seq_id 
_struct_sheet_range.pdbx_beg_PDB_ins_code 
_struct_sheet_range.end_label_comp_id 
_struct_sheet_range.end_label_asym_id 
_struct_sheet_range.end_label_seq_id 
_struct_sheet_range.pdbx_end_PDB_ins_code 
_struct_sheet_range.beg_auth_comp_id 
_struct_sheet_range.beg_auth_asym_id 
_struct_sheet_range.beg_auth_seq_id 
_struct_sheet_range.end_auth_comp_id 
_struct_sheet_range.end_auth_asym_id 
_struct_sheet_range.end_auth_seq_id 
AA1 1 GLY A 71  ? GLY A 73  ? GLY A 50  GLY A 52  
AA1 2 LYS A 39  ? PHE A 47  ? LYS A 18  PHE A 26  
AA1 3 HIS A 112 ? VAL A 124 ? HIS A 91  VAL A 103 
AA1 4 VAL A 94  ? ASN A 107 ? VAL A 73  ASN A 86  
AA2 1 TRP A 67  ? ILE A 68  ? TRP A 46  ILE A 47  
AA2 2 GLU A 54  ? SER A 59  ? GLU A 33  SER A 38  
AA2 3 ARG A 138 ? LYS A 142 ? ARG A 117 LYS A 121 
# 
loop_
_pdbx_struct_sheet_hbond.sheet_id 
_pdbx_struct_sheet_hbond.range_id_1 
_pdbx_struct_sheet_hbond.range_id_2 
_pdbx_struct_sheet_hbond.range_1_label_atom_id 
_pdbx_struct_sheet_hbond.range_1_label_comp_id 
_pdbx_struct_sheet_hbond.range_1_label_asym_id 
_pdbx_struct_sheet_hbond.range_1_label_seq_id 
_pdbx_struct_sheet_hbond.range_1_PDB_ins_code 
_pdbx_struct_sheet_hbond.range_1_auth_atom_id 
_pdbx_struct_sheet_hbond.range_1_auth_comp_id 
_pdbx_struct_sheet_hbond.range_1_auth_asym_id 
_pdbx_struct_sheet_hbond.range_1_auth_seq_id 
_pdbx_struct_sheet_hbond.range_2_label_atom_id 
_pdbx_struct_sheet_hbond.range_2_label_comp_id 
_pdbx_struct_sheet_hbond.range_2_label_asym_id 
_pdbx_struct_sheet_hbond.range_2_label_seq_id 
_pdbx_struct_sheet_hbond.range_2_PDB_ins_code 
_pdbx_struct_sheet_hbond.range_2_auth_atom_id 
_pdbx_struct_sheet_hbond.range_2_auth_comp_id 
_pdbx_struct_sheet_hbond.range_2_auth_asym_id 
_pdbx_struct_sheet_hbond.range_2_auth_seq_id 
AA1 1 2 O GLY A 72  ? O GLY A 51 N ALA A 42  ? N ALA A 21  
AA1 2 3 N PHE A 47  ? N PHE A 26 O VAL A 121 ? O VAL A 100 
AA1 3 4 O VAL A 118 ? O VAL A 97 N GLY A 99  ? N GLY A 78  
AA2 1 2 O ILE A 68  ? O ILE A 47 N VAL A 58  ? N VAL A 37  
AA2 2 3 N VAL A 55  ? N VAL A 34 O PHE A 141 ? O PHE A 120 
# 
loop_
_struct_site.id 
_struct_site.pdbx_evidence_code 
_struct_site.pdbx_auth_asym_id 
_struct_site.pdbx_auth_comp_id 
_struct_site.pdbx_auth_seq_id 
_struct_site.pdbx_auth_ins_code 
_struct_site.pdbx_num_residues 
_struct_site.details 
AC1 Software A O81 401 ? 23 'binding site for residue O81 A 401' 
AC2 Software A MG  402 ? 6  'binding site for residue MG A 402'  
AC3 Software A MG  403 ? 7  'binding site for residue MG A 403'  
AC4 Software A MG  404 ? 5  'binding site for residue MG A 404'  
AC5 Software A CL  405 ? 6  'binding site for residue CL A 405'  
AC6 Software A SO4 406 ? 9  'binding site for residue SO4 A 406' 
# 
loop_
_struct_site_gen.id 
_struct_site_gen.site_id 
_struct_site_gen.pdbx_num_res 
_struct_site_gen.label_comp_id 
_struct_site_gen.label_asym_id 
_struct_site_gen.label_seq_id 
_struct_site_gen.pdbx_auth_ins_code 
_struct_site_gen.auth_comp_id 
_struct_site_gen.auth_asym_id 
_struct_site_gen.auth_seq_id 
_struct_site_gen.label_atom_id 
_struct_site_gen.label_alt_id 
_struct_site_gen.symmetry 
_struct_site_gen.details 
1  AC1 23 ARG A 31  ? ARG A 10  . ? 1_555 ? 
2  AC1 23 LYS A 39  ? LYS A 18  . ? 1_555 ? 
3  AC1 23 ARG A 41  ? ARG A 20  . ? 1_555 ? 
4  AC1 23 SER A 60  ? SER A 39  . ? 1_555 ? 
5  AC1 23 SER A 61  ? SER A 40  . ? 1_555 ? 
6  AC1 23 ARG A 62  ? ARG A 41  . ? 1_555 ? 
7  AC1 23 ILE A 68  ? ILE A 47  . ? 1_555 ? 
8  AC1 23 GLY A 71  ? GLY A 50  . ? 1_555 ? 
9  AC1 23 GLY A 72  ? GLY A 51  . ? 1_555 ? 
10 AC1 23 GLY A 73  ? GLY A 52  . ? 1_555 ? 
11 AC1 23 GLU A 87  ? GLU A 66  . ? 1_555 ? 
12 AC1 23 GLU A 91  ? GLU A 70  . ? 1_555 ? 
13 AC1 23 ARG A 110 ? ARG A 89  . ? 1_555 ? 
14 AC1 23 HIS A 112 ? HIS A 91  . ? 1_555 ? 
15 AC1 23 ARG A 136 ? ARG A 115 . ? 1_555 ? 
16 AC1 23 LYS A 154 ? LYS A 133 . ? 1_555 ? 
17 AC1 23 MG  C .   ? MG  A 402 . ? 1_555 ? 
18 AC1 23 MG  D .   ? MG  A 403 . ? 1_555 ? 
19 AC1 23 MG  E .   ? MG  A 404 . ? 1_555 ? 
20 AC1 23 HOH H .   ? HOH A 528 . ? 1_555 ? 
21 AC1 23 HOH H .   ? HOH A 538 . ? 1_555 ? 
22 AC1 23 HOH H .   ? HOH A 540 . ? 1_555 ? 
23 AC1 23 HOH H .   ? HOH A 554 . ? 1_555 ? 
24 AC2 6  GLY A 71  ? GLY A 50  . ? 1_555 ? 
25 AC2 6  GLY A 72  ? GLY A 51  . ? 1_555 ? 
26 AC2 6  GLU A 91  ? GLU A 70  . ? 1_555 ? 
27 AC2 6  O81 B .   ? O81 A 401 . ? 1_555 ? 
28 AC2 6  MG  D .   ? MG  A 403 . ? 1_555 ? 
29 AC2 6  HOH H .   ? HOH A 540 . ? 1_555 ? 
30 AC3 7  GLU A 87  ? GLU A 66  . ? 1_555 ? 
31 AC3 7  GLU A 91  ? GLU A 70  . ? 1_555 ? 
32 AC3 7  O81 B .   ? O81 A 401 . ? 1_555 ? 
33 AC3 7  MG  C .   ? MG  A 402 . ? 1_555 ? 
34 AC3 7  MG  E .   ? MG  A 404 . ? 1_555 ? 
35 AC3 7  HOH H .   ? HOH A 554 . ? 1_555 ? 
36 AC3 7  HOH H .   ? HOH A 571 . ? 1_555 ? 
37 AC4 5  GLU A 87  ? GLU A 66  . ? 1_555 ? 
38 AC4 5  O81 B .   ? O81 A 401 . ? 1_555 ? 
39 AC4 5  MG  D .   ? MG  A 403 . ? 1_555 ? 
40 AC4 5  HOH H .   ? HOH A 530 . ? 1_555 ? 
41 AC4 5  HOH H .   ? HOH A 535 . ? 1_555 ? 
42 AC5 6  SER A 49  ? SER A 28  . ? 1_555 ? 
43 AC5 6  SER A 51  ? SER A 30  . ? 1_555 ? 
44 AC5 6  GLU A 52  ? GLU A 31  . ? 1_555 ? 
45 AC5 6  GLU A 53  ? GLU A 32  . ? 1_555 ? 
46 AC5 6  GLU A 54  ? GLU A 33  . ? 1_555 ? 
47 AC5 6  HOH H .   ? HOH A 559 . ? 1_555 ? 
48 AC6 9  ARG A 41  ? ARG A 20  . ? 1_555 ? 
49 AC6 9  ASN A 107 ? ASN A 86  . ? 1_555 ? 
50 AC6 9  HIS A 112 ? HIS A 91  . ? 1_555 ? 
51 AC6 9  GLN A 157 ? GLN A 136 . ? 1_555 ? 
52 AC6 9  TYR A 160 ? TYR A 139 . ? 1_555 ? 
53 AC6 9  HOH H .   ? HOH A 501 . ? 1_555 ? 
54 AC6 9  HOH H .   ? HOH A 502 . ? 1_555 ? 
55 AC6 9  HOH H .   ? HOH A 525 . ? 1_555 ? 
56 AC6 9  HOH H .   ? HOH A 544 . ? 1_555 ? 
# 
_pdbx_validate_torsion.id              1 
_pdbx_validate_torsion.PDB_model_num   1 
_pdbx_validate_torsion.auth_comp_id    GLU 
_pdbx_validate_torsion.auth_asym_id    A 
_pdbx_validate_torsion.auth_seq_id     56 
_pdbx_validate_torsion.PDB_ins_code    ? 
_pdbx_validate_torsion.label_alt_id    ? 
_pdbx_validate_torsion.phi             57.78 
_pdbx_validate_torsion.psi             16.23 
# 
_pdbx_entry_details.entry_id                 6WO9 
_pdbx_entry_details.nonpolymer_details       ? 
_pdbx_entry_details.sequence_details         ? 
_pdbx_entry_details.compound_details         ? 
_pdbx_entry_details.source_details           ? 
_pdbx_entry_details.has_ligand_of_interest   Y 
# 
loop_
_pdbx_unobs_or_zero_occ_residues.id 
_pdbx_unobs_or_zero_occ_residues.PDB_model_num 
_pdbx_unobs_or_zero_occ_residues.polymer_flag 
_pdbx_unobs_or_zero_occ_residues.occupancy_flag 
_pdbx_unobs_or_zero_occ_residues.auth_asym_id 
_pdbx_unobs_or_zero_occ_residues.auth_comp_id 
_pdbx_unobs_or_zero_occ_residues.auth_seq_id 
_pdbx_unobs_or_zero_occ_residues.PDB_ins_code 
_pdbx_unobs_or_zero_occ_residues.label_asym_id 
_pdbx_unobs_or_zero_occ_residues.label_comp_id 
_pdbx_unobs_or_zero_occ_residues.label_seq_id 
1  1 Y 1 A HIS -20 ? A HIS 1   
2  1 Y 1 A HIS -19 ? A HIS 2   
3  1 Y 1 A HIS -18 ? A HIS 3   
4  1 Y 1 A HIS -17 ? A HIS 4   
5  1 Y 1 A HIS -16 ? A HIS 5   
6  1 Y 1 A HIS -15 ? A HIS 6   
7  1 Y 1 A SER -14 ? A SER 7   
8  1 Y 1 A SER -13 ? A SER 8   
9  1 Y 1 A GLY -12 ? A GLY 9   
10 1 Y 1 A VAL -11 ? A VAL 10  
11 1 Y 1 A ASP -10 ? A ASP 11  
12 1 Y 1 A LEU -9  ? A LEU 12  
13 1 Y 1 A GLY -8  ? A GLY 13  
14 1 Y 1 A THR -7  ? A THR 14  
15 1 Y 1 A GLU -6  ? A GLU 15  
16 1 Y 1 A ASN -5  ? A ASN 16  
17 1 Y 1 A LEU -4  ? A LEU 17  
18 1 Y 1 A TYR -3  ? A TYR 18  
19 1 Y 1 A PHE -2  ? A PHE 19  
20 1 Y 1 A GLN -1  ? A GLN 20  
21 1 Y 1 A SER 0   ? A SER 21  
22 1 Y 1 A MET 1   ? A MET 22  
23 1 Y 1 A MET 2   ? A MET 23  
24 1 Y 1 A LYS 3   ? A LYS 24  
25 1 Y 1 A LEU 4   ? A LEU 25  
26 1 Y 1 A LYS 5   ? A LYS 26  
27 1 Y 1 A SER 6   ? A SER 27  
28 1 Y 1 A ASN 7   ? A ASN 28  
29 1 Y 1 A GLN 8   ? A GLN 29  
30 1 Y 1 A LEU 143 ? A LEU 164 
31 1 Y 1 A ARG 144 ? A ARG 165 
32 1 Y 1 A GLN 145 ? A GLN 166 
33 1 Y 1 A GLY 146 ? A GLY 167 
34 1 Y 1 A TYR 147 ? A TYR 168 
35 1 Y 1 A SER 148 ? A SER 169 
# 
loop_
_chem_comp_atom.comp_id 
_chem_comp_atom.atom_id 
_chem_comp_atom.type_symbol 
_chem_comp_atom.pdbx_aromatic_flag 
_chem_comp_atom.pdbx_stereo_config 
_chem_comp_atom.pdbx_ordinal 
ALA N    N  N N 1   
ALA CA   C  N S 2   
ALA C    C  N N 3   
ALA O    O  N N 4   
ALA CB   C  N N 5   
ALA OXT  O  N N 6   
ALA H    H  N N 7   
ALA H2   H  N N 8   
ALA HA   H  N N 9   
ALA HB1  H  N N 10  
ALA HB2  H  N N 11  
ALA HB3  H  N N 12  
ALA HXT  H  N N 13  
ARG N    N  N N 14  
ARG CA   C  N S 15  
ARG C    C  N N 16  
ARG O    O  N N 17  
ARG CB   C  N N 18  
ARG CG   C  N N 19  
ARG CD   C  N N 20  
ARG NE   N  N N 21  
ARG CZ   C  N N 22  
ARG NH1  N  N N 23  
ARG NH2  N  N N 24  
ARG OXT  O  N N 25  
ARG H    H  N N 26  
ARG H2   H  N N 27  
ARG HA   H  N N 28  
ARG HB2  H  N N 29  
ARG HB3  H  N N 30  
ARG HG2  H  N N 31  
ARG HG3  H  N N 32  
ARG HD2  H  N N 33  
ARG HD3  H  N N 34  
ARG HE   H  N N 35  
ARG HH11 H  N N 36  
ARG HH12 H  N N 37  
ARG HH21 H  N N 38  
ARG HH22 H  N N 39  
ARG HXT  H  N N 40  
ASN N    N  N N 41  
ASN CA   C  N S 42  
ASN C    C  N N 43  
ASN O    O  N N 44  
ASN CB   C  N N 45  
ASN CG   C  N N 46  
ASN OD1  O  N N 47  
ASN ND2  N  N N 48  
ASN OXT  O  N N 49  
ASN H    H  N N 50  
ASN H2   H  N N 51  
ASN HA   H  N N 52  
ASN HB2  H  N N 53  
ASN HB3  H  N N 54  
ASN HD21 H  N N 55  
ASN HD22 H  N N 56  
ASN HXT  H  N N 57  
ASP N    N  N N 58  
ASP CA   C  N S 59  
ASP C    C  N N 60  
ASP O    O  N N 61  
ASP CB   C  N N 62  
ASP CG   C  N N 63  
ASP OD1  O  N N 64  
ASP OD2  O  N N 65  
ASP OXT  O  N N 66  
ASP H    H  N N 67  
ASP H2   H  N N 68  
ASP HA   H  N N 69  
ASP HB2  H  N N 70  
ASP HB3  H  N N 71  
ASP HD2  H  N N 72  
ASP HXT  H  N N 73  
CL  CL   CL N N 74  
CYS N    N  N N 75  
CYS CA   C  N R 76  
CYS C    C  N N 77  
CYS O    O  N N 78  
CYS CB   C  N N 79  
CYS SG   S  N N 80  
CYS OXT  O  N N 81  
CYS H    H  N N 82  
CYS H2   H  N N 83  
CYS HA   H  N N 84  
CYS HB2  H  N N 85  
CYS HB3  H  N N 86  
CYS HG   H  N N 87  
CYS HXT  H  N N 88  
GLN N    N  N N 89  
GLN CA   C  N S 90  
GLN C    C  N N 91  
GLN O    O  N N 92  
GLN CB   C  N N 93  
GLN CG   C  N N 94  
GLN CD   C  N N 95  
GLN OE1  O  N N 96  
GLN NE2  N  N N 97  
GLN OXT  O  N N 98  
GLN H    H  N N 99  
GLN H2   H  N N 100 
GLN HA   H  N N 101 
GLN HB2  H  N N 102 
GLN HB3  H  N N 103 
GLN HG2  H  N N 104 
GLN HG3  H  N N 105 
GLN HE21 H  N N 106 
GLN HE22 H  N N 107 
GLN HXT  H  N N 108 
GLU N    N  N N 109 
GLU CA   C  N S 110 
GLU C    C  N N 111 
GLU O    O  N N 112 
GLU CB   C  N N 113 
GLU CG   C  N N 114 
GLU CD   C  N N 115 
GLU OE1  O  N N 116 
GLU OE2  O  N N 117 
GLU OXT  O  N N 118 
GLU H    H  N N 119 
GLU H2   H  N N 120 
GLU HA   H  N N 121 
GLU HB2  H  N N 122 
GLU HB3  H  N N 123 
GLU HG2  H  N N 124 
GLU HG3  H  N N 125 
GLU HE2  H  N N 126 
GLU HXT  H  N N 127 
GLY N    N  N N 128 
GLY CA   C  N N 129 
GLY C    C  N N 130 
GLY O    O  N N 131 
GLY OXT  O  N N 132 
GLY H    H  N N 133 
GLY H2   H  N N 134 
GLY HA2  H  N N 135 
GLY HA3  H  N N 136 
GLY HXT  H  N N 137 
HIS N    N  N N 138 
HIS CA   C  N S 139 
HIS C    C  N N 140 
HIS O    O  N N 141 
HIS CB   C  N N 142 
HIS CG   C  Y N 143 
HIS ND1  N  Y N 144 
HIS CD2  C  Y N 145 
HIS CE1  C  Y N 146 
HIS NE2  N  Y N 147 
HIS OXT  O  N N 148 
HIS H    H  N N 149 
HIS H2   H  N N 150 
HIS HA   H  N N 151 
HIS HB2  H  N N 152 
HIS HB3  H  N N 153 
HIS HD1  H  N N 154 
HIS HD2  H  N N 155 
HIS HE1  H  N N 156 
HIS HE2  H  N N 157 
HIS HXT  H  N N 158 
HOH O    O  N N 159 
HOH H1   H  N N 160 
HOH H2   H  N N 161 
ILE N    N  N N 162 
ILE CA   C  N S 163 
ILE C    C  N N 164 
ILE O    O  N N 165 
ILE CB   C  N S 166 
ILE CG1  C  N N 167 
ILE CG2  C  N N 168 
ILE CD1  C  N N 169 
ILE OXT  O  N N 170 
ILE H    H  N N 171 
ILE H2   H  N N 172 
ILE HA   H  N N 173 
ILE HB   H  N N 174 
ILE HG12 H  N N 175 
ILE HG13 H  N N 176 
ILE HG21 H  N N 177 
ILE HG22 H  N N 178 
ILE HG23 H  N N 179 
ILE HD11 H  N N 180 
ILE HD12 H  N N 181 
ILE HD13 H  N N 182 
ILE HXT  H  N N 183 
LEU N    N  N N 184 
LEU CA   C  N S 185 
LEU C    C  N N 186 
LEU O    O  N N 187 
LEU CB   C  N N 188 
LEU CG   C  N N 189 
LEU CD1  C  N N 190 
LEU CD2  C  N N 191 
LEU OXT  O  N N 192 
LEU H    H  N N 193 
LEU H2   H  N N 194 
LEU HA   H  N N 195 
LEU HB2  H  N N 196 
LEU HB3  H  N N 197 
LEU HG   H  N N 198 
LEU HD11 H  N N 199 
LEU HD12 H  N N 200 
LEU HD13 H  N N 201 
LEU HD21 H  N N 202 
LEU HD22 H  N N 203 
LEU HD23 H  N N 204 
LEU HXT  H  N N 205 
LYS N    N  N N 206 
LYS CA   C  N S 207 
LYS C    C  N N 208 
LYS O    O  N N 209 
LYS CB   C  N N 210 
LYS CG   C  N N 211 
LYS CD   C  N N 212 
LYS CE   C  N N 213 
LYS NZ   N  N N 214 
LYS OXT  O  N N 215 
LYS H    H  N N 216 
LYS H2   H  N N 217 
LYS HA   H  N N 218 
LYS HB2  H  N N 219 
LYS HB3  H  N N 220 
LYS HG2  H  N N 221 
LYS HG3  H  N N 222 
LYS HD2  H  N N 223 
LYS HD3  H  N N 224 
LYS HE2  H  N N 225 
LYS HE3  H  N N 226 
LYS HZ1  H  N N 227 
LYS HZ2  H  N N 228 
LYS HZ3  H  N N 229 
LYS HXT  H  N N 230 
MET N    N  N N 231 
MET CA   C  N S 232 
MET C    C  N N 233 
MET O    O  N N 234 
MET CB   C  N N 235 
MET CG   C  N N 236 
MET SD   S  N N 237 
MET CE   C  N N 238 
MET OXT  O  N N 239 
MET H    H  N N 240 
MET H2   H  N N 241 
MET HA   H  N N 242 
MET HB2  H  N N 243 
MET HB3  H  N N 244 
MET HG2  H  N N 245 
MET HG3  H  N N 246 
MET HE1  H  N N 247 
MET HE2  H  N N 248 
MET HE3  H  N N 249 
MET HXT  H  N N 250 
MG  MG   MG N N 251 
O81 O27  O  N N 252 
O81 C5   C  N S 253 
O81 C6   C  N R 254 
O81 C4   C  N N 255 
O81 C3   C  N R 256 
O81 C2   C  N R 257 
O81 C1   C  N N 258 
O81 O32  O  N N 259 
O81 P2   P  N N 260 
O81 O42  O  N N 261 
O81 O22  O  N N 262 
O81 O12  O  N N 263 
O81 O13  O  N N 264 
O81 P3   P  N N 265 
O81 O33  O  N N 266 
O81 O43  O  N N 267 
O81 O23  O  N N 268 
O81 O14  O  N N 269 
O81 P4   P  N N 270 
O81 O34  O  N N 271 
O81 O44  O  N N 272 
O81 O24  O  N N 273 
O81 O15  O  N N 274 
O81 P5   P  N N 275 
O81 O35  O  N N 276 
O81 O45  O  N N 277 
O81 O25  O  N N 278 
O81 O16  O  N N 279 
O81 P6   P  N N 280 
O81 O36  O  N N 281 
O81 O46  O  N N 282 
O81 O26  O  N N 283 
O81 O11  O  N N 284 
O81 P1   P  N N 285 
O81 O21  O  N N 286 
O81 O31  O  N N 287 
O81 O41  O  N N 288 
O81 P7   P  N N 289 
O81 O37  O  N N 290 
O81 O47  O  N N 291 
O81 H1   H  N N 292 
O81 H2   H  N N 293 
O81 H3   H  N N 294 
O81 H4   H  N N 295 
O81 H5   H  N N 296 
O81 H6   H  N N 297 
O81 H7   H  N N 298 
O81 H8   H  N N 299 
O81 H9   H  N N 300 
O81 H10  H  N N 301 
O81 H11  H  N N 302 
O81 H12  H  N N 303 
O81 H13  H  N N 304 
O81 H14  H  N N 305 
O81 H15  H  N N 306 
O81 H16  H  N N 307 
O81 H17  H  N N 308 
O81 H18  H  N N 309 
O81 H19  H  N N 310 
PHE N    N  N N 311 
PHE CA   C  N S 312 
PHE C    C  N N 313 
PHE O    O  N N 314 
PHE CB   C  N N 315 
PHE CG   C  Y N 316 
PHE CD1  C  Y N 317 
PHE CD2  C  Y N 318 
PHE CE1  C  Y N 319 
PHE CE2  C  Y N 320 
PHE CZ   C  Y N 321 
PHE OXT  O  N N 322 
PHE H    H  N N 323 
PHE H2   H  N N 324 
PHE HA   H  N N 325 
PHE HB2  H  N N 326 
PHE HB3  H  N N 327 
PHE HD1  H  N N 328 
PHE HD2  H  N N 329 
PHE HE1  H  N N 330 
PHE HE2  H  N N 331 
PHE HZ   H  N N 332 
PHE HXT  H  N N 333 
PRO N    N  N N 334 
PRO CA   C  N S 335 
PRO C    C  N N 336 
PRO O    O  N N 337 
PRO CB   C  N N 338 
PRO CG   C  N N 339 
PRO CD   C  N N 340 
PRO OXT  O  N N 341 
PRO H    H  N N 342 
PRO HA   H  N N 343 
PRO HB2  H  N N 344 
PRO HB3  H  N N 345 
PRO HG2  H  N N 346 
PRO HG3  H  N N 347 
PRO HD2  H  N N 348 
PRO HD3  H  N N 349 
PRO HXT  H  N N 350 
SER N    N  N N 351 
SER CA   C  N S 352 
SER C    C  N N 353 
SER O    O  N N 354 
SER CB   C  N N 355 
SER OG   O  N N 356 
SER OXT  O  N N 357 
SER H    H  N N 358 
SER H2   H  N N 359 
SER HA   H  N N 360 
SER HB2  H  N N 361 
SER HB3  H  N N 362 
SER HG   H  N N 363 
SER HXT  H  N N 364 
SO4 S    S  N N 365 
SO4 O1   O  N N 366 
SO4 O2   O  N N 367 
SO4 O3   O  N N 368 
SO4 O4   O  N N 369 
THR N    N  N N 370 
THR CA   C  N S 371 
THR C    C  N N 372 
THR O    O  N N 373 
THR CB   C  N R 374 
THR OG1  O  N N 375 
THR CG2  C  N N 376 
THR OXT  O  N N 377 
THR H    H  N N 378 
THR H2   H  N N 379 
THR HA   H  N N 380 
THR HB   H  N N 381 
THR HG1  H  N N 382 
THR HG21 H  N N 383 
THR HG22 H  N N 384 
THR HG23 H  N N 385 
THR HXT  H  N N 386 
TRP N    N  N N 387 
TRP CA   C  N S 388 
TRP C    C  N N 389 
TRP O    O  N N 390 
TRP CB   C  N N 391 
TRP CG   C  Y N 392 
TRP CD1  C  Y N 393 
TRP CD2  C  Y N 394 
TRP NE1  N  Y N 395 
TRP CE2  C  Y N 396 
TRP CE3  C  Y N 397 
TRP CZ2  C  Y N 398 
TRP CZ3  C  Y N 399 
TRP CH2  C  Y N 400 
TRP OXT  O  N N 401 
TRP H    H  N N 402 
TRP H2   H  N N 403 
TRP HA   H  N N 404 
TRP HB2  H  N N 405 
TRP HB3  H  N N 406 
TRP HD1  H  N N 407 
TRP HE1  H  N N 408 
TRP HE3  H  N N 409 
TRP HZ2  H  N N 410 
TRP HZ3  H  N N 411 
TRP HH2  H  N N 412 
TRP HXT  H  N N 413 
TYR N    N  N N 414 
TYR CA   C  N S 415 
TYR C    C  N N 416 
TYR O    O  N N 417 
TYR CB   C  N N 418 
TYR CG   C  Y N 419 
TYR CD1  C  Y N 420 
TYR CD2  C  Y N 421 
TYR CE1  C  Y N 422 
TYR CE2  C  Y N 423 
TYR CZ   C  Y N 424 
TYR OH   O  N N 425 
TYR OXT  O  N N 426 
TYR H    H  N N 427 
TYR H2   H  N N 428 
TYR HA   H  N N 429 
TYR HB2  H  N N 430 
TYR HB3  H  N N 431 
TYR HD1  H  N N 432 
TYR HD2  H  N N 433 
TYR HE1  H  N N 434 
TYR HE2  H  N N 435 
TYR HH   H  N N 436 
TYR HXT  H  N N 437 
VAL N    N  N N 438 
VAL CA   C  N S 439 
VAL C    C  N N 440 
VAL O    O  N N 441 
VAL CB   C  N N 442 
VAL CG1  C  N N 443 
VAL CG2  C  N N 444 
VAL OXT  O  N N 445 
VAL H    H  N N 446 
VAL H2   H  N N 447 
VAL HA   H  N N 448 
VAL HB   H  N N 449 
VAL HG11 H  N N 450 
VAL HG12 H  N N 451 
VAL HG13 H  N N 452 
VAL HG21 H  N N 453 
VAL HG22 H  N N 454 
VAL HG23 H  N N 455 
VAL HXT  H  N N 456 
# 
loop_
_chem_comp_bond.comp_id 
_chem_comp_bond.atom_id_1 
_chem_comp_bond.atom_id_2 
_chem_comp_bond.value_order 
_chem_comp_bond.pdbx_aromatic_flag 
_chem_comp_bond.pdbx_stereo_config 
_chem_comp_bond.pdbx_ordinal 
ALA N   CA   sing N N 1   
ALA N   H    sing N N 2   
ALA N   H2   sing N N 3   
ALA CA  C    sing N N 4   
ALA CA  CB   sing N N 5   
ALA CA  HA   sing N N 6   
ALA C   O    doub N N 7   
ALA C   OXT  sing N N 8   
ALA CB  HB1  sing N N 9   
ALA CB  HB2  sing N N 10  
ALA CB  HB3  sing N N 11  
ALA OXT HXT  sing N N 12  
ARG N   CA   sing N N 13  
ARG N   H    sing N N 14  
ARG N   H2   sing N N 15  
ARG CA  C    sing N N 16  
ARG CA  CB   sing N N 17  
ARG CA  HA   sing N N 18  
ARG C   O    doub N N 19  
ARG C   OXT  sing N N 20  
ARG CB  CG   sing N N 21  
ARG CB  HB2  sing N N 22  
ARG CB  HB3  sing N N 23  
ARG CG  CD   sing N N 24  
ARG CG  HG2  sing N N 25  
ARG CG  HG3  sing N N 26  
ARG CD  NE   sing N N 27  
ARG CD  HD2  sing N N 28  
ARG CD  HD3  sing N N 29  
ARG NE  CZ   sing N N 30  
ARG NE  HE   sing N N 31  
ARG CZ  NH1  sing N N 32  
ARG CZ  NH2  doub N N 33  
ARG NH1 HH11 sing N N 34  
ARG NH1 HH12 sing N N 35  
ARG NH2 HH21 sing N N 36  
ARG NH2 HH22 sing N N 37  
ARG OXT HXT  sing N N 38  
ASN N   CA   sing N N 39  
ASN N   H    sing N N 40  
ASN N   H2   sing N N 41  
ASN CA  C    sing N N 42  
ASN CA  CB   sing N N 43  
ASN CA  HA   sing N N 44  
ASN C   O    doub N N 45  
ASN C   OXT  sing N N 46  
ASN CB  CG   sing N N 47  
ASN CB  HB2  sing N N 48  
ASN CB  HB3  sing N N 49  
ASN CG  OD1  doub N N 50  
ASN CG  ND2  sing N N 51  
ASN ND2 HD21 sing N N 52  
ASN ND2 HD22 sing N N 53  
ASN OXT HXT  sing N N 54  
ASP N   CA   sing N N 55  
ASP N   H    sing N N 56  
ASP N   H2   sing N N 57  
ASP CA  C    sing N N 58  
ASP CA  CB   sing N N 59  
ASP CA  HA   sing N N 60  
ASP C   O    doub N N 61  
ASP C   OXT  sing N N 62  
ASP CB  CG   sing N N 63  
ASP CB  HB2  sing N N 64  
ASP CB  HB3  sing N N 65  
ASP CG  OD1  doub N N 66  
ASP CG  OD2  sing N N 67  
ASP OD2 HD2  sing N N 68  
ASP OXT HXT  sing N N 69  
CYS N   CA   sing N N 70  
CYS N   H    sing N N 71  
CYS N   H2   sing N N 72  
CYS CA  C    sing N N 73  
CYS CA  CB   sing N N 74  
CYS CA  HA   sing N N 75  
CYS C   O    doub N N 76  
CYS C   OXT  sing N N 77  
CYS CB  SG   sing N N 78  
CYS CB  HB2  sing N N 79  
CYS CB  HB3  sing N N 80  
CYS SG  HG   sing N N 81  
CYS OXT HXT  sing N N 82  
GLN N   CA   sing N N 83  
GLN N   H    sing N N 84  
GLN N   H2   sing N N 85  
GLN CA  C    sing N N 86  
GLN CA  CB   sing N N 87  
GLN CA  HA   sing N N 88  
GLN C   O    doub N N 89  
GLN C   OXT  sing N N 90  
GLN CB  CG   sing N N 91  
GLN CB  HB2  sing N N 92  
GLN CB  HB3  sing N N 93  
GLN CG  CD   sing N N 94  
GLN CG  HG2  sing N N 95  
GLN CG  HG3  sing N N 96  
GLN CD  OE1  doub N N 97  
GLN CD  NE2  sing N N 98  
GLN NE2 HE21 sing N N 99  
GLN NE2 HE22 sing N N 100 
GLN OXT HXT  sing N N 101 
GLU N   CA   sing N N 102 
GLU N   H    sing N N 103 
GLU N   H2   sing N N 104 
GLU CA  C    sing N N 105 
GLU CA  CB   sing N N 106 
GLU CA  HA   sing N N 107 
GLU C   O    doub N N 108 
GLU C   OXT  sing N N 109 
GLU CB  CG   sing N N 110 
GLU CB  HB2  sing N N 111 
GLU CB  HB3  sing N N 112 
GLU CG  CD   sing N N 113 
GLU CG  HG2  sing N N 114 
GLU CG  HG3  sing N N 115 
GLU CD  OE1  doub N N 116 
GLU CD  OE2  sing N N 117 
GLU OE2 HE2  sing N N 118 
GLU OXT HXT  sing N N 119 
GLY N   CA   sing N N 120 
GLY N   H    sing N N 121 
GLY N   H2   sing N N 122 
GLY CA  C    sing N N 123 
GLY CA  HA2  sing N N 124 
GLY CA  HA3  sing N N 125 
GLY C   O    doub N N 126 
GLY C   OXT  sing N N 127 
GLY OXT HXT  sing N N 128 
HIS N   CA   sing N N 129 
HIS N   H    sing N N 130 
HIS N   H2   sing N N 131 
HIS CA  C    sing N N 132 
HIS CA  CB   sing N N 133 
HIS CA  HA   sing N N 134 
HIS C   O    doub N N 135 
HIS C   OXT  sing N N 136 
HIS CB  CG   sing N N 137 
HIS CB  HB2  sing N N 138 
HIS CB  HB3  sing N N 139 
HIS CG  ND1  sing Y N 140 
HIS CG  CD2  doub Y N 141 
HIS ND1 CE1  doub Y N 142 
HIS ND1 HD1  sing N N 143 
HIS CD2 NE2  sing Y N 144 
HIS CD2 HD2  sing N N 145 
HIS CE1 NE2  sing Y N 146 
HIS CE1 HE1  sing N N 147 
HIS NE2 HE2  sing N N 148 
HIS OXT HXT  sing N N 149 
HOH O   H1   sing N N 150 
HOH O   H2   sing N N 151 
ILE N   CA   sing N N 152 
ILE N   H    sing N N 153 
ILE N   H2   sing N N 154 
ILE CA  C    sing N N 155 
ILE CA  CB   sing N N 156 
ILE CA  HA   sing N N 157 
ILE C   O    doub N N 158 
ILE C   OXT  sing N N 159 
ILE CB  CG1  sing N N 160 
ILE CB  CG2  sing N N 161 
ILE CB  HB   sing N N 162 
ILE CG1 CD1  sing N N 163 
ILE CG1 HG12 sing N N 164 
ILE CG1 HG13 sing N N 165 
ILE CG2 HG21 sing N N 166 
ILE CG2 HG22 sing N N 167 
ILE CG2 HG23 sing N N 168 
ILE CD1 HD11 sing N N 169 
ILE CD1 HD12 sing N N 170 
ILE CD1 HD13 sing N N 171 
ILE OXT HXT  sing N N 172 
LEU N   CA   sing N N 173 
LEU N   H    sing N N 174 
LEU N   H2   sing N N 175 
LEU CA  C    sing N N 176 
LEU CA  CB   sing N N 177 
LEU CA  HA   sing N N 178 
LEU C   O    doub N N 179 
LEU C   OXT  sing N N 180 
LEU CB  CG   sing N N 181 
LEU CB  HB2  sing N N 182 
LEU CB  HB3  sing N N 183 
LEU CG  CD1  sing N N 184 
LEU CG  CD2  sing N N 185 
LEU CG  HG   sing N N 186 
LEU CD1 HD11 sing N N 187 
LEU CD1 HD12 sing N N 188 
LEU CD1 HD13 sing N N 189 
LEU CD2 HD21 sing N N 190 
LEU CD2 HD22 sing N N 191 
LEU CD2 HD23 sing N N 192 
LEU OXT HXT  sing N N 193 
LYS N   CA   sing N N 194 
LYS N   H    sing N N 195 
LYS N   H2   sing N N 196 
LYS CA  C    sing N N 197 
LYS CA  CB   sing N N 198 
LYS CA  HA   sing N N 199 
LYS C   O    doub N N 200 
LYS C   OXT  sing N N 201 
LYS CB  CG   sing N N 202 
LYS CB  HB2  sing N N 203 
LYS CB  HB3  sing N N 204 
LYS CG  CD   sing N N 205 
LYS CG  HG2  sing N N 206 
LYS CG  HG3  sing N N 207 
LYS CD  CE   sing N N 208 
LYS CD  HD2  sing N N 209 
LYS CD  HD3  sing N N 210 
LYS CE  NZ   sing N N 211 
LYS CE  HE2  sing N N 212 
LYS CE  HE3  sing N N 213 
LYS NZ  HZ1  sing N N 214 
LYS NZ  HZ2  sing N N 215 
LYS NZ  HZ3  sing N N 216 
LYS OXT HXT  sing N N 217 
MET N   CA   sing N N 218 
MET N   H    sing N N 219 
MET N   H2   sing N N 220 
MET CA  C    sing N N 221 
MET CA  CB   sing N N 222 
MET CA  HA   sing N N 223 
MET C   O    doub N N 224 
MET C   OXT  sing N N 225 
MET CB  CG   sing N N 226 
MET CB  HB2  sing N N 227 
MET CB  HB3  sing N N 228 
MET CG  SD   sing N N 229 
MET CG  HG2  sing N N 230 
MET CG  HG3  sing N N 231 
MET SD  CE   sing N N 232 
MET CE  HE1  sing N N 233 
MET CE  HE2  sing N N 234 
MET CE  HE3  sing N N 235 
MET OXT HXT  sing N N 236 
O81 O35 P5   doub N N 237 
O81 O44 P4   doub N N 238 
O81 P5  O45  sing N N 239 
O81 P5  O25  sing N N 240 
O81 P5  O15  sing N N 241 
O81 P4  O24  sing N N 242 
O81 P4  O34  sing N N 243 
O81 P4  O14  sing N N 244 
O81 O15 C5   sing N N 245 
O81 O14 C4   sing N N 246 
O81 O36 P6   doub N N 247 
O81 C5  C4   sing N N 248 
O81 C5  C6   sing N N 249 
O81 C4  C3   sing N N 250 
O81 O16 P6   sing N N 251 
O81 O16 C6   sing N N 252 
O81 O43 P3   doub N N 253 
O81 P6  O26  sing N N 254 
O81 P6  O46  sing N N 255 
O81 C6  C1   sing N N 256 
O81 C3  O13  sing N N 257 
O81 C3  C2   sing N N 258 
O81 O13 P3   sing N N 259 
O81 P3  O23  sing N N 260 
O81 P3  O33  sing N N 261 
O81 C1  C2   sing N N 262 
O81 C1  O11  sing N N 263 
O81 C2  O12  sing N N 264 
O81 O12 P2   sing N N 265 
O81 O21 P1   doub N N 266 
O81 O11 P1   sing N N 267 
O81 O42 P2   doub N N 268 
O81 P2  O32  sing N N 269 
O81 P2  O22  sing N N 270 
O81 P1  O31  sing N N 271 
O81 P1  O41  sing N N 272 
O81 O47 P7   doub N N 273 
O81 O41 P7   sing N N 274 
O81 O37 P7   sing N N 275 
O81 P7  O27  sing N N 276 
O81 O27 H1   sing N N 277 
O81 C5  H2   sing N N 278 
O81 C6  H3   sing N N 279 
O81 C4  H4   sing N N 280 
O81 C3  H5   sing N N 281 
O81 C2  H6   sing N N 282 
O81 C1  H7   sing N N 283 
O81 O32 H8   sing N N 284 
O81 O22 H9   sing N N 285 
O81 O33 H10  sing N N 286 
O81 O23 H11  sing N N 287 
O81 O34 H12  sing N N 288 
O81 O24 H13  sing N N 289 
O81 O45 H14  sing N N 290 
O81 O25 H15  sing N N 291 
O81 O46 H16  sing N N 292 
O81 O26 H17  sing N N 293 
O81 O31 H18  sing N N 294 
O81 O37 H19  sing N N 295 
PHE N   CA   sing N N 296 
PHE N   H    sing N N 297 
PHE N   H2   sing N N 298 
PHE CA  C    sing N N 299 
PHE CA  CB   sing N N 300 
PHE CA  HA   sing N N 301 
PHE C   O    doub N N 302 
PHE C   OXT  sing N N 303 
PHE CB  CG   sing N N 304 
PHE CB  HB2  sing N N 305 
PHE CB  HB3  sing N N 306 
PHE CG  CD1  doub Y N 307 
PHE CG  CD2  sing Y N 308 
PHE CD1 CE1  sing Y N 309 
PHE CD1 HD1  sing N N 310 
PHE CD2 CE2  doub Y N 311 
PHE CD2 HD2  sing N N 312 
PHE CE1 CZ   doub Y N 313 
PHE CE1 HE1  sing N N 314 
PHE CE2 CZ   sing Y N 315 
PHE CE2 HE2  sing N N 316 
PHE CZ  HZ   sing N N 317 
PHE OXT HXT  sing N N 318 
PRO N   CA   sing N N 319 
PRO N   CD   sing N N 320 
PRO N   H    sing N N 321 
PRO CA  C    sing N N 322 
PRO CA  CB   sing N N 323 
PRO CA  HA   sing N N 324 
PRO C   O    doub N N 325 
PRO C   OXT  sing N N 326 
PRO CB  CG   sing N N 327 
PRO CB  HB2  sing N N 328 
PRO CB  HB3  sing N N 329 
PRO CG  CD   sing N N 330 
PRO CG  HG2  sing N N 331 
PRO CG  HG3  sing N N 332 
PRO CD  HD2  sing N N 333 
PRO CD  HD3  sing N N 334 
PRO OXT HXT  sing N N 335 
SER N   CA   sing N N 336 
SER N   H    sing N N 337 
SER N   H2   sing N N 338 
SER CA  C    sing N N 339 
SER CA  CB   sing N N 340 
SER CA  HA   sing N N 341 
SER C   O    doub N N 342 
SER C   OXT  sing N N 343 
SER CB  OG   sing N N 344 
SER CB  HB2  sing N N 345 
SER CB  HB3  sing N N 346 
SER OG  HG   sing N N 347 
SER OXT HXT  sing N N 348 
SO4 S   O1   doub N N 349 
SO4 S   O2   doub N N 350 
SO4 S   O3   sing N N 351 
SO4 S   O4   sing N N 352 
THR N   CA   sing N N 353 
THR N   H    sing N N 354 
THR N   H2   sing N N 355 
THR CA  C    sing N N 356 
THR CA  CB   sing N N 357 
THR CA  HA   sing N N 358 
THR C   O    doub N N 359 
THR C   OXT  sing N N 360 
THR CB  OG1  sing N N 361 
THR CB  CG2  sing N N 362 
THR CB  HB   sing N N 363 
THR OG1 HG1  sing N N 364 
THR CG2 HG21 sing N N 365 
THR CG2 HG22 sing N N 366 
THR CG2 HG23 sing N N 367 
THR OXT HXT  sing N N 368 
TRP N   CA   sing N N 369 
TRP N   H    sing N N 370 
TRP N   H2   sing N N 371 
TRP CA  C    sing N N 372 
TRP CA  CB   sing N N 373 
TRP CA  HA   sing N N 374 
TRP C   O    doub N N 375 
TRP C   OXT  sing N N 376 
TRP CB  CG   sing N N 377 
TRP CB  HB2  sing N N 378 
TRP CB  HB3  sing N N 379 
TRP CG  CD1  doub Y N 380 
TRP CG  CD2  sing Y N 381 
TRP CD1 NE1  sing Y N 382 
TRP CD1 HD1  sing N N 383 
TRP CD2 CE2  doub Y N 384 
TRP CD2 CE3  sing Y N 385 
TRP NE1 CE2  sing Y N 386 
TRP NE1 HE1  sing N N 387 
TRP CE2 CZ2  sing Y N 388 
TRP CE3 CZ3  doub Y N 389 
TRP CE3 HE3  sing N N 390 
TRP CZ2 CH2  doub Y N 391 
TRP CZ2 HZ2  sing N N 392 
TRP CZ3 CH2  sing Y N 393 
TRP CZ3 HZ3  sing N N 394 
TRP CH2 HH2  sing N N 395 
TRP OXT HXT  sing N N 396 
TYR N   CA   sing N N 397 
TYR N   H    sing N N 398 
TYR N   H2   sing N N 399 
TYR CA  C    sing N N 400 
TYR CA  CB   sing N N 401 
TYR CA  HA   sing N N 402 
TYR C   O    doub N N 403 
TYR C   OXT  sing N N 404 
TYR CB  CG   sing N N 405 
TYR CB  HB2  sing N N 406 
TYR CB  HB3  sing N N 407 
TYR CG  CD1  doub Y N 408 
TYR CG  CD2  sing Y N 409 
TYR CD1 CE1  sing Y N 410 
TYR CD1 HD1  sing N N 411 
TYR CD2 CE2  doub Y N 412 
TYR CD2 HD2  sing N N 413 
TYR CE1 CZ   doub Y N 414 
TYR CE1 HE1  sing N N 415 
TYR CE2 CZ   sing Y N 416 
TYR CE2 HE2  sing N N 417 
TYR CZ  OH   sing N N 418 
TYR OH  HH   sing N N 419 
TYR OXT HXT  sing N N 420 
VAL N   CA   sing N N 421 
VAL N   H    sing N N 422 
VAL N   H2   sing N N 423 
VAL CA  C    sing N N 424 
VAL CA  CB   sing N N 425 
VAL CA  HA   sing N N 426 
VAL C   O    doub N N 427 
VAL C   OXT  sing N N 428 
VAL CB  CG1  sing N N 429 
VAL CB  CG2  sing N N 430 
VAL CB  HB   sing N N 431 
VAL CG1 HG11 sing N N 432 
VAL CG1 HG12 sing N N 433 
VAL CG1 HG13 sing N N 434 
VAL CG2 HG21 sing N N 435 
VAL CG2 HG22 sing N N 436 
VAL CG2 HG23 sing N N 437 
VAL OXT HXT  sing N N 438 
# 
_pdbx_audit_support.funding_organization   
'National Institutes of Health/National Institute of Environmental Health Sciences (NIH/NIEHS)' 
_pdbx_audit_support.country                'United States' 
_pdbx_audit_support.grant_number           1ZIAES080046-31 
_pdbx_audit_support.ordinal                1 
# 
loop_
_pdbx_entity_instance_feature.ordinal 
_pdbx_entity_instance_feature.comp_id 
_pdbx_entity_instance_feature.asym_id 
_pdbx_entity_instance_feature.seq_num 
_pdbx_entity_instance_feature.auth_comp_id 
_pdbx_entity_instance_feature.auth_asym_id 
_pdbx_entity_instance_feature.auth_seq_num 
_pdbx_entity_instance_feature.feature_type 
_pdbx_entity_instance_feature.details 
1 CL  ? ? CL  ? ? 'SUBJECT OF INVESTIGATION' ? 
2 MG  ? ? MG  ? ? 'SUBJECT OF INVESTIGATION' ? 
3 O81 ? ? O81 ? ? 'SUBJECT OF INVESTIGATION' ? 
4 SO4 ? ? SO4 ? ? 'SUBJECT OF INVESTIGATION' ? 
# 
_atom_sites.entry_id                    6WO9 
_atom_sites.Cartn_transf_matrix[1][1]   ? 
_atom_sites.Cartn_transf_matrix[1][2]   ? 
_atom_sites.Cartn_transf_matrix[1][3]   ? 
_atom_sites.Cartn_transf_matrix[2][1]   ? 
_atom_sites.Cartn_transf_matrix[2][2]   ? 
_atom_sites.Cartn_transf_matrix[2][3]   ? 
_atom_sites.Cartn_transf_matrix[3][1]   ? 
_atom_sites.Cartn_transf_matrix[3][2]   ? 
_atom_sites.Cartn_transf_matrix[3][3]   ? 
_atom_sites.Cartn_transf_vector[1]      ? 
_atom_sites.Cartn_transf_vector[2]      ? 
_atom_sites.Cartn_transf_vector[3]      ? 
_atom_sites.fract_transf_matrix[1][1]   0.01815829 
_atom_sites.fract_transf_matrix[1][2]   -0.00368303 
_atom_sites.fract_transf_matrix[1][3]   -0.01019142 
_atom_sites.fract_transf_matrix[2][1]   -0.00400400 
_atom_sites.fract_transf_matrix[2][2]   -0.01619206 
_atom_sites.fract_transf_matrix[2][3]   -0.00128245 
_atom_sites.fract_transf_matrix[3][1]   -0.00725422 
_atom_sites.fract_transf_matrix[3][2]   0.00290055 
_atom_sites.fract_transf_matrix[3][3]   -0.01397323 
_atom_sites.fract_transf_vector[1]      0.117824 
_atom_sites.fract_transf_vector[2]      0.127247 
_atom_sites.fract_transf_vector[3]      0.227943 
_atom_sites.solution_primary            ? 
_atom_sites.solution_secondary          ? 
_atom_sites.solution_hydrogens          ? 
_atom_sites.special_details             ? 
# 
loop_
_atom_type.symbol 
C  
CL 
MG 
N  
O  
P  
S  
# 
loop_
_atom_site.group_PDB 
_atom_site.id 
_atom_site.type_symbol 
_atom_site.label_atom_id 
_atom_site.label_alt_id 
_atom_site.label_comp_id 
_atom_site.label_asym_id 
_atom_site.label_entity_id 
_atom_site.label_seq_id 
_atom_site.pdbx_PDB_ins_code 
_atom_site.Cartn_x 
_atom_site.Cartn_y 
_atom_site.Cartn_z 
_atom_site.occupancy 
_atom_site.B_iso_or_equiv 
_atom_site.pdbx_formal_charge 
_atom_site.auth_seq_id 
_atom_site.auth_comp_id 
_atom_site.auth_asym_id 
_atom_site.auth_atom_id 
_atom_site.pdbx_PDB_model_num 
ATOM   1    N  N   . THR A 1 30  ? 3.817   -0.596  -17.553 1.00 48.16 ? 9   THR A N   1 
ATOM   2    C  CA  . THR A 1 30  ? 4.129   0.803   -18.016 1.00 45.38 ? 9   THR A CA  1 
ATOM   3    C  C   . THR A 1 30  ? 3.905   1.800   -16.875 1.00 41.56 ? 9   THR A C   1 
ATOM   4    O  O   . THR A 1 30  ? 2.729   1.972   -16.471 1.00 39.30 ? 9   THR A O   1 
ATOM   5    C  CB  . THR A 1 30  ? 3.259   1.239   -19.202 1.00 49.14 ? 9   THR A CB  1 
ATOM   6    O  OG1 . THR A 1 30  ? 3.422   0.293   -20.257 1.00 51.36 ? 9   THR A OG1 1 
ATOM   7    C  CG2 . THR A 1 30  ? 3.604   2.629   -19.690 1.00 49.88 ? 9   THR A CG2 1 
ATOM   8    N  N   . ARG A 1 31  ? 4.978   2.467   -16.436 1.00 34.45 ? 10  ARG A N   1 
ATOM   9    C  CA  . ARG A 1 31  ? 4.962   3.529   -15.392 1.00 32.93 ? 10  ARG A CA  1 
ATOM   10   C  C   . ARG A 1 31  ? 4.273   4.774   -15.960 1.00 26.28 ? 10  ARG A C   1 
ATOM   11   O  O   . ARG A 1 31  ? 4.441   5.065   -17.150 1.00 23.76 ? 10  ARG A O   1 
ATOM   12   C  CB  . ARG A 1 31  ? 6.387   3.870   -14.948 1.00 38.07 ? 10  ARG A CB  1 
ATOM   13   C  CG  . ARG A 1 31  ? 7.188   2.687   -14.426 1.00 45.39 ? 10  ARG A CG  1 
ATOM   14   C  CD  . ARG A 1 31  ? 8.670   3.001   -14.431 1.00 52.69 ? 10  ARG A CD  1 
ATOM   15   N  NE  . ARG A 1 31  ? 9.418   2.072   -13.593 1.00 62.61 ? 10  ARG A NE  1 
ATOM   16   C  CZ  . ARG A 1 31  ? 10.712  2.179   -13.312 1.00 69.58 ? 10  ARG A CZ  1 
ATOM   17   N  NH1 . ARG A 1 31  ? 11.423  3.187   -13.792 1.00 73.56 ? 10  ARG A NH1 1 
ATOM   18   N  NH2 . ARG A 1 31  ? 11.292  1.276   -12.541 1.00 73.56 ? 10  ARG A NH2 1 
ATOM   19   N  N   . THR A 1 32  ? 3.508   5.492   -15.151 1.00 19.85 ? 11  THR A N   1 
ATOM   20   C  CA  . THR A 1 32  ? 2.837   6.727   -15.586 1.00 18.74 ? 11  THR A CA  1 
ATOM   21   C  C   . THR A 1 32  ? 3.257   7.888   -14.686 1.00 18.31 ? 11  THR A C   1 
ATOM   22   O  O   . THR A 1 32  ? 3.755   7.658   -13.567 1.00 15.92 ? 11  THR A O   1 
ATOM   23   C  CB  . THR A 1 32  ? 1.319   6.537   -15.637 1.00 20.17 ? 11  THR A CB  1 
ATOM   24   O  OG1 . THR A 1 32  ? 0.905   6.242   -14.306 1.00 22.45 ? 11  THR A OG1 1 
ATOM   25   C  CG2 . THR A 1 32  ? 0.898   5.482   -16.642 1.00 19.89 ? 11  THR A CG2 1 
ATOM   26   N  N   . TYR A 1 33  ? 3.058   9.109   -15.175 1.00 17.49 ? 12  TYR A N   1 
ATOM   27   C  CA  . TYR A 1 33  ? 3.599   10.330  -14.549 1.00 17.75 ? 12  TYR A CA  1 
ATOM   28   C  C   . TYR A 1 33  ? 2.591   11.460  -14.654 1.00 18.48 ? 12  TYR A C   1 
ATOM   29   O  O   . TYR A 1 33  ? 1.835   11.579  -15.647 1.00 18.76 ? 12  TYR A O   1 
ATOM   30   C  CB  . TYR A 1 33  ? 4.912   10.703  -15.213 1.00 19.26 ? 12  TYR A CB  1 
ATOM   31   C  CG  . TYR A 1 33  ? 5.923   9.598   -15.177 1.00 20.52 ? 12  TYR A CG  1 
ATOM   32   C  CD1 . TYR A 1 33  ? 5.883   8.562   -16.091 1.00 22.96 ? 12  TYR A CD1 1 
ATOM   33   C  CD2 . TYR A 1 33  ? 6.855   9.530   -14.148 1.00 21.72 ? 12  TYR A CD2 1 
ATOM   34   C  CE1 . TYR A 1 33  ? 6.811   7.530   -16.037 1.00 23.31 ? 12  TYR A CE1 1 
ATOM   35   C  CE2 . TYR A 1 33  ? 7.782   8.504   -14.077 1.00 22.28 ? 12  TYR A CE2 1 
ATOM   36   C  CZ  . TYR A 1 33  ? 7.767   7.504   -15.031 1.00 25.90 ? 12  TYR A CZ  1 
ATOM   37   O  OH  . TYR A 1 33  ? 8.685   6.479   -14.965 1.00 28.44 ? 12  TYR A OH  1 
ATOM   38   N  N   . ASP A 1 34  ? 2.602   12.294  -13.626 1.00 18.65 ? 13  ASP A N   1 
ATOM   39   C  CA  . ASP A 1 34  ? 1.932   13.604  -13.629 1.00 21.54 ? 13  ASP A CA  1 
ATOM   40   C  C   . ASP A 1 34  ? 2.725   14.570  -14.519 1.00 21.80 ? 13  ASP A C   1 
ATOM   41   O  O   . ASP A 1 34  ? 3.908   14.275  -14.882 1.00 19.02 ? 13  ASP A O   1 
ATOM   42   C  CB  . ASP A 1 34  ? 1.789   14.118  -12.201 1.00 21.75 ? 13  ASP A CB  1 
ATOM   43   C  CG  . ASP A 1 34  ? 0.712   13.365  -11.443 1.00 28.49 ? 13  ASP A CG  1 
ATOM   44   O  OD1 . ASP A 1 34  ? -0.323  13.022  -12.067 1.00 26.17 ? 13  ASP A OD1 1 
ATOM   45   O  OD2 . ASP A 1 34  ? 0.924   13.107  -10.227 1.00 35.69 ? 13  ASP A OD2 1 
ATOM   46   N  N   . GLY A 1 35  ? 2.088   15.693  -14.843 1.00 21.54 ? 14  GLY A N   1 
ATOM   47   C  CA  . GLY A 1 35  ? 2.645   16.733  -15.724 1.00 25.06 ? 14  GLY A CA  1 
ATOM   48   C  C   . GLY A 1 35  ? 3.969   17.274  -15.230 1.00 27.59 ? 14  GLY A C   1 
ATOM   49   O  O   . GLY A 1 35  ? 4.717   17.787  -16.061 1.00 27.52 ? 14  GLY A O   1 
ATOM   50   N  N   . ASP A 1 36  ? 4.267   17.152  -13.929 1.00 27.56 ? 15  ASP A N   1 
ATOM   51   C  CA  . ASP A 1 36  ? 5.551   17.615  -13.333 1.00 27.25 ? 15  ASP A CA  1 
ATOM   52   C  C   . ASP A 1 36  ? 6.582   16.494  -13.284 1.00 25.43 ? 15  ASP A C   1 
ATOM   53   O  O   . ASP A 1 36  ? 7.653   16.746  -12.714 1.00 27.91 ? 15  ASP A O   1 
ATOM   54   C  CB  . ASP A 1 36  ? 5.368   18.174  -11.921 1.00 29.75 ? 15  ASP A CB  1 
ATOM   55   C  CG  . ASP A 1 36  ? 4.662   17.216  -10.962 1.00 32.23 ? 15  ASP A CG  1 
ATOM   56   O  OD1 . ASP A 1 36  ? 4.512   16.016  -11.306 1.00 26.60 ? 15  ASP A OD1 1 
ATOM   57   O  OD2 . ASP A 1 36  ? 4.257   17.689  -9.879  1.00 34.54 ? 15  ASP A OD2 1 
ATOM   58   N  N   . GLY A 1 37  ? 6.300   15.317  -13.848 1.00 23.14 ? 16  GLY A N   1 
ATOM   59   C  CA  . GLY A 1 37  ? 7.256   14.193  -13.898 1.00 22.79 ? 16  GLY A CA  1 
ATOM   60   C  C   . GLY A 1 37  ? 7.254   13.344  -12.625 1.00 22.63 ? 16  GLY A C   1 
ATOM   61   O  O   . GLY A 1 37  ? 8.087   12.442  -12.526 1.00 23.70 ? 16  GLY A O   1 
ATOM   62   N  N   . TYR A 1 38  ? 6.352   13.574  -11.671 1.00 20.44 ? 17  TYR A N   1 
ATOM   63   C  CA  . TYR A 1 38  ? 6.228   12.638  -10.516 1.00 19.88 ? 17  TYR A CA  1 
ATOM   64   C  C   . TYR A 1 38  ? 5.553   11.341  -10.979 1.00 17.43 ? 17  TYR A C   1 
ATOM   65   O  O   . TYR A 1 38  ? 4.576   11.387  -11.737 1.00 17.90 ? 17  TYR A O   1 
ATOM   66   C  CB  . TYR A 1 38  ? 5.449   13.259  -9.367  1.00 21.13 ? 17  TYR A CB  1 
ATOM   67   C  CG  . TYR A 1 38  ? 6.274   14.179  -8.504  1.00 24.24 ? 17  TYR A CG  1 
ATOM   68   C  CD1 . TYR A 1 38  ? 7.087   15.162  -9.044  1.00 27.72 ? 17  TYR A CD1 1 
ATOM   69   C  CD2 . TYR A 1 38  ? 6.217   14.072  -7.130  1.00 23.85 ? 17  TYR A CD2 1 
ATOM   70   C  CE1 . TYR A 1 38  ? 7.829   16.010  -8.230  1.00 32.60 ? 17  TYR A CE1 1 
ATOM   71   C  CE2 . TYR A 1 38  ? 6.950   14.896  -6.303  1.00 26.21 ? 17  TYR A CE2 1 
ATOM   72   C  CZ  . TYR A 1 38  ? 7.757   15.872  -6.851  1.00 32.33 ? 17  TYR A CZ  1 
ATOM   73   O  OH  . TYR A 1 38  ? 8.461   16.669  -6.006  1.00 33.56 ? 17  TYR A OH  1 
ATOM   74   N  N   . LYS A 1 39  ? 6.067   10.214  -10.529 1.00 16.98 ? 18  LYS A N   1 
ATOM   75   C  CA  . LYS A 1 39  ? 5.496   8.876   -10.798 1.00 18.31 ? 18  LYS A CA  1 
ATOM   76   C  C   . LYS A 1 39  ? 4.153   8.762   -10.086 1.00 17.98 ? 18  LYS A C   1 
ATOM   77   O  O   . LYS A 1 39  ? 4.070   9.050   -8.877  1.00 19.54 ? 18  LYS A O   1 
ATOM   78   C  CB  . LYS A 1 39  ? 6.449   7.756   -10.415 1.00 20.90 ? 18  LYS A CB  1 
ATOM   79   C  CG  . LYS A 1 39  ? 5.958   6.375   -10.812 1.00 23.80 ? 18  LYS A CG  1 
ATOM   80   C  CD  . LYS A 1 39  ? 6.772   5.214   -10.220 1.00 30.36 ? 18  LYS A CD  1 
ATOM   81   C  CE  . LYS A 1 39  ? 6.078   3.869   -10.306 1.00 34.07 ? 18  LYS A CE  1 
ATOM   82   N  NZ  . LYS A 1 39  ? 6.935   2.755   -9.815  1.00 37.82 ? 18  LYS A NZ  1 
ATOM   83   N  N   . LYS A 1 40  ? 3.138   8.339   -10.823 1.00 17.55 ? 19  LYS A N   1 
ATOM   84   C  CA  . LYS A 1 40  ? 1.773   8.177   -10.285 1.00 18.76 ? 19  LYS A CA  1 
ATOM   85   C  C   . LYS A 1 40  ? 1.694   6.825   -9.587  1.00 17.43 ? 19  LYS A C   1 
ATOM   86   O  O   . LYS A 1 40  ? 1.967   5.756   -10.223 1.00 17.40 ? 19  LYS A O   1 
ATOM   87   C  CB  . LYS A 1 40  ? 0.705   8.324   -11.365 1.00 18.77 ? 19  LYS A CB  1 
ATOM   88   C  CG  . LYS A 1 40  ? 0.648   9.681   -12.030 1.00 20.09 ? 19  LYS A CG  1 
ATOM   89   C  CD  . LYS A 1 40  ? -0.446  9.779   -13.057 1.00 22.10 ? 19  LYS A CD  1 
ATOM   90   C  CE  . LYS A 1 40  ? -1.814  9.841   -12.398 1.00 25.56 ? 19  LYS A CE  1 
ATOM   91   N  NZ  . LYS A 1 40  ? -1.892  10.976  -11.435 1.00 24.61 ? 19  LYS A NZ  1 
ATOM   92   N  N   . ARG A 1 41  ? 1.263   6.853   -8.323  1.00 15.93 ? 20  ARG A N   1 
ATOM   93   C  CA  . ARG A 1 41  ? 1.148   5.629   -7.517  1.00 16.60 ? 20  ARG A CA  1 
ATOM   94   C  C   . ARG A 1 41  ? -0.160  5.627   -6.734  1.00 15.44 ? 20  ARG A C   1 
ATOM   95   O  O   . ARG A 1 41  ? -0.761  6.692   -6.502  1.00 14.57 ? 20  ARG A O   1 
ATOM   96   C  CB  . ARG A 1 41  ? 2.302   5.498   -6.528  1.00 16.92 ? 20  ARG A CB  1 
ATOM   97   C  CG  . ARG A 1 41  ? 3.667   5.458   -7.172  1.00 19.15 ? 20  ARG A CG  1 
ATOM   98   C  CD  . ARG A 1 41  ? 4.764   5.330   -6.134  1.00 20.23 ? 20  ARG A CD  1 
ATOM   99   N  NE  . ARG A 1 41  ? 4.832   4.024   -5.508  1.00 20.87 ? 20  ARG A NE  1 
ATOM   100  C  CZ  . ARG A 1 41  ? 4.346   3.699   -4.298  1.00 23.73 ? 20  ARG A CZ  1 
ATOM   101  N  NH1 . ARG A 1 41  ? 4.502   2.468   -3.852  1.00 21.22 ? 20  ARG A NH1 1 
ATOM   102  N  NH2 . ARG A 1 41  ? 3.718   4.585   -3.534  1.00 22.54 ? 20  ARG A NH2 1 
ATOM   103  N  N   . ALA A 1 42  ? -0.569  4.435   -6.347  1.00 15.63 ? 21  ALA A N   1 
ATOM   104  C  CA  . ALA A 1 42  ? -1.729  4.246   -5.453  1.00 17.78 ? 21  ALA A CA  1 
ATOM   105  C  C   . ALA A 1 42  ? -1.361  3.216   -4.396  1.00 18.05 ? 21  ALA A C   1 
ATOM   106  O  O   . ALA A 1 42  ? -0.576  2.283   -4.694  1.00 18.83 ? 21  ALA A O   1 
ATOM   107  C  CB  . ALA A 1 42  ? -2.944  3.855   -6.235  1.00 17.38 ? 21  ALA A CB  1 
ATOM   108  N  N   . ALA A 1 43  ? -1.858  3.430   -3.192  1.00 17.85 ? 22  ALA A N   1 
ATOM   109  C  CA  . ALA A 1 43  ? -1.543  2.602   -2.006  1.00 18.51 ? 22  ALA A CA  1 
ATOM   110  C  C   . ALA A 1 43  ? -2.809  2.389   -1.185  1.00 20.20 ? 22  ALA A C   1 
ATOM   111  O  O   . ALA A 1 43  ? -3.736  3.251   -1.266  1.00 16.33 ? 22  ALA A O   1 
ATOM   112  C  CB  . ALA A 1 43  ? -0.445  3.252   -1.229  1.00 18.00 ? 22  ALA A CB  1 
ATOM   113  N  N   . CYS A 1 44  ? -2.886  1.300   -0.404  1.00 20.08 ? 23  CYS A N   1 
ATOM   114  C  CA  . CYS A 1 44  ? -4.021  1.127   0.552   1.00 21.64 ? 23  CYS A CA  1 
ATOM   115  C  C   . CYS A 1 44  ? -3.455  0.906   1.938   1.00 19.38 ? 23  CYS A C   1 
ATOM   116  O  O   . CYS A 1 44  ? -2.489  0.115   2.091   1.00 19.84 ? 23  CYS A O   1 
ATOM   117  C  CB  . CYS A 1 44  ? -4.977  -0.055  0.329   1.00 26.08 ? 23  CYS A CB  1 
ATOM   118  S  SG  . CYS A 1 44  ? -6.099  0.079   -1.088  1.00 33.12 ? 23  CYS A SG  1 
ATOM   119  N  N   . LEU A 1 45  ? -4.116  1.504   2.911   1.00 18.47 ? 24  LEU A N   1 
ATOM   120  C  CA  . LEU A 1 45  ? -3.996  1.136   4.338   1.00 18.78 ? 24  LEU A CA  1 
ATOM   121  C  C   . LEU A 1 45  ? -5.045  0.046   4.533   1.00 19.24 ? 24  LEU A C   1 
ATOM   122  O  O   . LEU A 1 45  ? -6.272  0.363   4.461   1.00 18.90 ? 24  LEU A O   1 
ATOM   123  C  CB  . LEU A 1 45  ? -4.262  2.369   5.206   1.00 20.46 ? 24  LEU A CB  1 
ATOM   124  C  CG  . LEU A 1 45  ? -3.461  3.614   4.857   1.00 21.97 ? 24  LEU A CG  1 
ATOM   125  C  CD1 . LEU A 1 45  ? -3.799  4.766   5.801   1.00 22.85 ? 24  LEU A CD1 1 
ATOM   126  C  CD2 . LEU A 1 45  ? -1.991  3.295   4.916   1.00 23.45 ? 24  LEU A CD2 1 
ATOM   127  N  N   . CYS A 1 46  ? -4.572  -1.187  4.569   1.00 17.06 ? 25  CYS A N   1 
ATOM   128  C  CA  . CYS A 1 46  ? -5.381  -2.426  4.589   1.00 17.30 ? 25  CYS A CA  1 
ATOM   129  C  C   . CYS A 1 46  ? -5.647  -2.768  6.035   1.00 17.22 ? 25  CYS A C   1 
ATOM   130  O  O   . CYS A 1 46  ? -4.743  -3.312  6.652   1.00 17.36 ? 25  CYS A O   1 
ATOM   131  C  CB  . CYS A 1 46  ? -4.612  -3.559  3.930   1.00 19.29 ? 25  CYS A CB  1 
ATOM   132  S  SG  . CYS A 1 46  ? -4.413  -3.251  2.166   1.00 23.72 ? 25  CYS A SG  1 
ATOM   133  N  N   . PHE A 1 47  ? -6.821  -2.422  6.545   1.00 18.20 ? 26  PHE A N   1 
ATOM   134  C  CA  . PHE A 1 47  ? -7.175  -2.663  7.958   1.00 19.40 ? 26  PHE A CA  1 
ATOM   135  C  C   . PHE A 1 47  ? -7.849  -4.023  8.110   1.00 18.74 ? 26  PHE A C   1 
ATOM   136  O  O   . PHE A 1 47  ? -8.629  -4.518  7.253   1.00 18.60 ? 26  PHE A O   1 
ATOM   137  C  CB  . PHE A 1 47  ? -8.044  -1.527  8.514   1.00 19.74 ? 26  PHE A CB  1 
ATOM   138  C  CG  . PHE A 1 47  ? -7.334  -0.201  8.539   1.00 21.23 ? 26  PHE A CG  1 
ATOM   139  C  CD1 . PHE A 1 47  ? -6.319  0.037   9.451   1.00 22.88 ? 26  PHE A CD1 1 
ATOM   140  C  CD2 . PHE A 1 47  ? -7.671  0.798   7.648   1.00 23.56 ? 26  PHE A CD2 1 
ATOM   141  C  CE1 . PHE A 1 47  ? -5.659  1.257   9.478   1.00 25.23 ? 26  PHE A CE1 1 
ATOM   142  C  CE2 . PHE A 1 47  ? -7.000  2.010   7.672   1.00 27.21 ? 26  PHE A CE2 1 
ATOM   143  C  CZ  . PHE A 1 47  ? -5.986  2.232   8.575   1.00 25.66 ? 26  PHE A CZ  1 
ATOM   144  N  N   . ARG A 1 48  ? -7.626  -4.590  9.278   1.00 20.71 ? 27  ARG A N   1 
ATOM   145  C  CA  . ARG A 1 48  ? -8.186  -5.912  9.614   1.00 23.68 ? 27  ARG A CA  1 
ATOM   146  C  C   . ARG A 1 48  ? -9.692  -5.781  9.801   1.00 24.10 ? 27  ARG A C   1 
ATOM   147  O  O   . ARG A 1 48  ? -10.386 -6.711  9.412   1.00 27.02 ? 27  ARG A O   1 
ATOM   148  C  CB  . ARG A 1 48  ? -7.494  -6.511  10.833  1.00 27.58 ? 27  ARG A CB  1 
ATOM   149  C  CG  . ARG A 1 48  ? -7.506  -8.026  10.779  1.00 33.24 ? 27  ARG A CG  1 
ATOM   150  C  CD  . ARG A 1 48  ? -7.716  -8.679  12.101  1.00 36.11 ? 27  ARG A CD  1 
ATOM   151  N  NE  . ARG A 1 48  ? -6.436  -8.895  12.693  1.00 40.09 ? 27  ARG A NE  1 
ATOM   152  C  CZ  . ARG A 1 48  ? -5.957  -10.065 13.108  1.00 43.78 ? 27  ARG A CZ  1 
ATOM   153  N  NH1 . ARG A 1 48  ? -6.640  -11.185 12.958  1.00 48.46 ? 27  ARG A NH1 1 
ATOM   154  N  NH2 . ARG A 1 48  ? -4.772  -10.099 13.682  1.00 41.98 ? 27  ARG A NH2 1 
ATOM   155  N  N   . SER A 1 49  ? -10.172 -4.644  10.307  1.00 23.49 ? 28  SER A N   1 
ATOM   156  C  CA  . SER A 1 49  ? -11.600 -4.438  10.626  1.00 24.39 ? 28  SER A CA  1 
ATOM   157  C  C   . SER A 1 49  ? -11.936 -2.963  10.525  1.00 27.23 ? 28  SER A C   1 
ATOM   158  O  O   . SER A 1 49  ? -11.005 -2.105  10.425  1.00 22.86 ? 28  SER A O   1 
ATOM   159  C  CB  . SER A 1 49  ? -11.922 -5.007  12.004  1.00 28.64 ? 28  SER A CB  1 
ATOM   160  O  OG  . SER A 1 49  ? -11.405 -4.190  13.045  1.00 25.12 ? 28  SER A OG  1 
ATOM   161  N  N   . GLU A 1 50  ? -13.227 -2.670  10.628  1.00 30.33 ? 29  GLU A N   1 
ATOM   162  C  CA  . GLU A 1 50  ? -13.741 -1.285  10.644  1.00 35.27 ? 29  GLU A CA  1 
ATOM   163  C  C   . GLU A 1 50  ? -13.178 -0.510  11.832  1.00 31.28 ? 29  GLU A C   1 
ATOM   164  O  O   . GLU A 1 50  ? -13.234 0.706   11.740  1.00 33.11 ? 29  GLU A O   1 
ATOM   165  C  CB  . GLU A 1 50  ? -15.272 -1.273  10.586  1.00 41.89 ? 29  GLU A CB  1 
ATOM   166  C  CG  . GLU A 1 50  ? -15.775 -1.514  9.174   1.00 45.46 ? 29  GLU A CG  1 
ATOM   167  C  CD  . GLU A 1 50  ? -17.283 -1.626  9.003   1.00 57.44 ? 29  GLU A CD  1 
ATOM   168  O  OE1 . GLU A 1 50  ? -17.725 -1.984  7.884   1.00 62.20 ? 29  GLU A OE1 1 
ATOM   169  O  OE2 . GLU A 1 50  ? -18.015 -1.357  9.981   1.00 63.13 ? 29  GLU A OE2 1 
ATOM   170  N  N   . SER A 1 51  ? -12.631 -1.147  12.873  1.00 31.49 ? 30  SER A N   1 
ATOM   171  C  CA  A SER A 1 51  ? -11.994 -0.420  14.007  0.51 32.28 ? 30  SER A CA  1 
ATOM   172  C  CA  B SER A 1 51  ? -12.001 -0.411  14.002  0.49 31.38 ? 30  SER A CA  1 
ATOM   173  C  C   . SER A 1 51  ? -10.692 0.261   13.546  1.00 33.81 ? 30  SER A C   1 
ATOM   174  O  O   . SER A 1 51  ? -10.250 1.208   14.211  1.00 30.54 ? 30  SER A O   1 
ATOM   175  C  CB  A SER A 1 51  ? -11.757 -1.318  15.185  0.51 34.04 ? 30  SER A CB  1 
ATOM   176  C  CB  B SER A 1 51  ? -11.791 -1.309  15.173  0.49 31.96 ? 30  SER A CB  1 
ATOM   177  O  OG  A SER A 1 51  ? -10.945 -2.431  14.836  0.51 36.68 ? 30  SER A OG  1 
ATOM   178  O  OG  B SER A 1 51  ? -12.982 -2.031  15.454  0.49 31.77 ? 30  SER A OG  1 
ATOM   179  N  N   . GLU A 1 52  ? -10.093 -0.185  12.439  1.00 30.08 ? 31  GLU A N   1 
ATOM   180  C  CA  . GLU A 1 52  ? -8.816  0.405   11.920  1.00 29.54 ? 31  GLU A CA  1 
ATOM   181  C  C   . GLU A 1 52  ? -7.738  0.425   13.014  1.00 25.37 ? 31  GLU A C   1 
ATOM   182  O  O   . GLU A 1 52  ? -7.024  1.400   13.131  1.00 29.15 ? 31  GLU A O   1 
ATOM   183  C  CB  . GLU A 1 52  ? -9.079  1.794   11.344  1.00 32.32 ? 31  GLU A CB  1 
ATOM   184  C  CG  . GLU A 1 52  ? -10.197 1.808   10.305  1.00 37.55 ? 31  GLU A CG  1 
ATOM   185  C  CD  . GLU A 1 52  ? -10.429 3.122   9.573   1.00 41.66 ? 31  GLU A CD  1 
ATOM   186  O  OE1 . GLU A 1 52  ? -9.807  4.122   9.944   1.00 50.28 ? 31  GLU A OE1 1 
ATOM   187  O  OE2 . GLU A 1 52  ? -11.247 3.144   8.634   1.00 50.43 ? 31  GLU A OE2 1 
ATOM   188  N  N   . GLU A 1 53  ? -7.548  -0.660  13.739  1.00 27.30 ? 32  GLU A N   1 
ATOM   189  C  CA  . GLU A 1 53  ? -6.509  -0.777  14.799  1.00 30.24 ? 32  GLU A CA  1 
ATOM   190  C  C   . GLU A 1 53  ? -5.295  -1.596  14.338  1.00 28.78 ? 32  GLU A C   1 
ATOM   191  O  O   . GLU A 1 53  ? -4.212  -1.496  14.977  1.00 27.33 ? 32  GLU A O   1 
ATOM   192  C  CB  . GLU A 1 53  ? -7.156  -1.436  16.017  1.00 35.62 ? 32  GLU A CB  1 
ATOM   193  C  CG  . GLU A 1 53  ? -7.990  -0.452  16.816  1.00 39.58 ? 32  GLU A CG  1 
ATOM   194  C  CD  . GLU A 1 53  ? -8.958  -1.097  17.796  1.00 50.52 ? 32  GLU A CD  1 
ATOM   195  O  OE1 . GLU A 1 53  ? -8.792  -2.320  18.088  1.00 48.31 ? 32  GLU A OE1 1 
ATOM   196  O  OE2 . GLU A 1 53  ? -9.885  -0.379  18.254  1.00 55.99 ? 32  GLU A OE2 1 
ATOM   197  N  N   . GLU A 1 54  ? -5.461  -2.422  13.315  1.00 23.40 ? 33  GLU A N   1 
ATOM   198  C  CA  . GLU A 1 54  ? -4.373  -3.300  12.812  1.00 23.96 ? 33  GLU A CA  1 
ATOM   199  C  C   . GLU A 1 54  ? -4.309  -3.105  11.297  1.00 20.57 ? 33  GLU A C   1 
ATOM   200  O  O   . GLU A 1 54  ? -5.364  -3.072  10.654  1.00 17.50 ? 33  GLU A O   1 
ATOM   201  C  CB  . GLU A 1 54  ? -4.610  -4.763  13.143  1.00 26.61 ? 33  GLU A CB  1 
ATOM   202  C  CG  . GLU A 1 54  ? -4.198  -5.154  14.545  1.00 34.09 ? 33  GLU A CG  1 
ATOM   203  C  CD  . GLU A 1 54  ? -4.633  -6.561  14.887  1.00 39.38 ? 33  GLU A CD  1 
ATOM   204  O  OE1 . GLU A 1 54  ? -3.980  -7.518  14.411  1.00 42.67 ? 33  GLU A OE1 1 
ATOM   205  O  OE2 . GLU A 1 54  ? -5.672  -6.692  15.568  1.00 52.30 ? 33  GLU A OE2 1 
ATOM   206  N  N   . VAL A 1 55  ? -3.109  -2.950  10.777  1.00 18.04 ? 34  VAL A N   1 
ATOM   207  C  CA  . VAL A 1 55  ? -2.884  -2.655  9.349   1.00 17.83 ? 34  VAL A CA  1 
ATOM   208  C  C   . VAL A 1 55  ? -1.904  -3.697  8.836   1.00 17.58 ? 34  VAL A C   1 
ATOM   209  O  O   . VAL A 1 55  ? -1.032  -4.140  9.610   1.00 17.86 ? 34  VAL A O   1 
ATOM   210  C  CB  . VAL A 1 55  ? -2.399  -1.210  9.141   1.00 19.66 ? 34  VAL A CB  1 
ATOM   211  C  CG1 . VAL A 1 55  ? -1.004  -0.974  9.710   1.00 18.75 ? 34  VAL A CG1 1 
ATOM   212  C  CG2 . VAL A 1 55  ? -2.469  -0.829  7.667   1.00 20.98 ? 34  VAL A CG2 1 
ATOM   213  N  N   . LEU A 1 56  ? -2.050  -4.060  7.574   1.00 16.54 ? 35  LEU A N   1 
ATOM   214  C  CA  . LEU A 1 56  ? -1.188  -5.045  6.897   1.00 17.17 ? 35  LEU A CA  1 
ATOM   215  C  C   . LEU A 1 56  ? -0.023  -4.309  6.227   1.00 17.85 ? 35  LEU A C   1 
ATOM   216  O  O   . LEU A 1 56  ? -0.251  -3.457  5.355   1.00 18.79 ? 35  LEU A O   1 
ATOM   217  C  CB  . LEU A 1 56  ? -2.013  -5.820  5.876   1.00 18.76 ? 35  LEU A CB  1 
ATOM   218  C  CG  . LEU A 1 56  ? -1.355  -7.097  5.349   1.00 19.40 ? 35  LEU A CG  1 
ATOM   219  C  CD1 . LEU A 1 56  ? -1.277  -8.137  6.427   1.00 19.88 ? 35  LEU A CD1 1 
ATOM   220  C  CD2 . LEU A 1 56  ? -2.139  -7.640  4.166   1.00 21.44 ? 35  LEU A CD2 1 
ATOM   221  N  N   . LEU A 1 57  ? 1.193   -4.647  6.604   1.00 15.15 ? 36  LEU A N   1 
ATOM   222  C  CA  . LEU A 1 57  ? 2.395   -4.189  5.875   1.00 15.37 ? 36  LEU A CA  1 
ATOM   223  C  C   . LEU A 1 57  ? 2.973   -5.386  5.148   1.00 14.53 ? 36  LEU A C   1 
ATOM   224  O  O   . LEU A 1 57  ? 2.650   -6.525  5.487   1.00 13.98 ? 36  LEU A O   1 
ATOM   225  C  CB  . LEU A 1 57  ? 3.420   -3.605  6.849   1.00 15.75 ? 36  LEU A CB  1 
ATOM   226  C  CG  . LEU A 1 57  ? 2.962   -2.418  7.690   1.00 16.58 ? 36  LEU A CG  1 
ATOM   227  C  CD1 . LEU A 1 57  ? 4.146   -1.860  8.485   1.00 17.22 ? 36  LEU A CD1 1 
ATOM   228  C  CD2 . LEU A 1 57  ? 2.329   -1.328  6.846   1.00 16.63 ? 36  LEU A CD2 1 
ATOM   229  N  N   . VAL A 1 58  ? 3.779   -5.122  4.139   1.00 15.14 ? 37  VAL A N   1 
ATOM   230  C  CA  . VAL A 1 58  ? 4.428   -6.200  3.357   1.00 15.04 ? 37  VAL A CA  1 
ATOM   231  C  C   . VAL A 1 58  ? 5.921   -5.919  3.327   1.00 15.03 ? 37  VAL A C   1 
ATOM   232  O  O   . VAL A 1 58  ? 6.327   -4.789  3.619   1.00 14.69 ? 37  VAL A O   1 
ATOM   233  C  CB  . VAL A 1 58  ? 3.829   -6.296  1.938   1.00 15.71 ? 37  VAL A CB  1 
ATOM   234  C  CG1 . VAL A 1 58  ? 2.334   -6.514  1.970   1.00 16.18 ? 37  VAL A CG1 1 
ATOM   235  C  CG2 . VAL A 1 58  ? 4.192   -5.105  1.079   1.00 16.26 ? 37  VAL A CG2 1 
ATOM   236  N  N   . SER A 1 59  ? 6.725   -6.920  2.990   1.00 15.33 ? 38  SER A N   1 
ATOM   237  C  CA  . SER A 1 59  ? 8.194   -6.759  2.900   1.00 17.41 ? 38  SER A CA  1 
ATOM   238  C  C   . SER A 1 59  ? 8.555   -6.039  1.601   1.00 18.48 ? 38  SER A C   1 
ATOM   239  O  O   . SER A 1 59  ? 7.830   -6.173  0.610   1.00 19.17 ? 38  SER A O   1 
ATOM   240  C  CB  . SER A 1 59  ? 8.918   -8.069  3.095   1.00 17.44 ? 38  SER A CB  1 
ATOM   241  O  OG  . SER A 1 59  ? 8.436   -9.016  2.176   1.00 18.86 ? 38  SER A OG  1 
ATOM   242  N  N   . SER A 1 60  ? 9.579   -5.181  1.656   1.00 21.17 ? 39  SER A N   1 
ATOM   243  C  CA  . SER A 1 60  ? 10.201  -4.543  0.478   1.00 22.80 ? 39  SER A CA  1 
ATOM   244  C  C   . SER A 1 60  ? 10.737  -5.658  -0.423  1.00 24.59 ? 39  SER A C   1 
ATOM   245  O  O   . SER A 1 60  ? 11.266  -6.659  0.112   1.00 25.94 ? 39  SER A O   1 
ATOM   246  C  CB  . SER A 1 60  ? 11.289  -3.584  0.901   1.00 27.55 ? 39  SER A CB  1 
ATOM   247  O  OG  . SER A 1 60  ? 12.207  -3.373  -0.160  1.00 28.93 ? 39  SER A OG  1 
ATOM   248  N  N   . SER A 1 61  ? 10.572  -5.532  -1.731  1.00 26.84 ? 40  SER A N   1 
ATOM   249  C  CA  . SER A 1 61  ? 11.129  -6.506  -2.704  1.00 33.24 ? 40  SER A CA  1 
ATOM   250  C  C   . SER A 1 61  ? 12.664  -6.495  -2.623  1.00 36.53 ? 40  SER A C   1 
ATOM   251  O  O   . SER A 1 61  ? 13.252  -7.561  -2.578  1.00 45.66 ? 40  SER A O   1 
ATOM   252  C  CB  . SER A 1 61  ? 10.667  -6.199  -4.092  1.00 34.06 ? 40  SER A CB  1 
ATOM   253  O  OG  . SER A 1 61  ? 10.967  -4.865  -4.413  1.00 35.27 ? 40  SER A OG  1 
ATOM   254  N  N   . ARG A 1 62  ? 13.272  -5.314  -2.594  1.00 40.94 ? 41  ARG A N   1 
ATOM   255  C  CA  . ARG A 1 62  ? 14.735  -5.137  -2.767  1.00 48.79 ? 41  ARG A CA  1 
ATOM   256  C  C   . ARG A 1 62  ? 15.434  -5.372  -1.421  1.00 53.04 ? 41  ARG A C   1 
ATOM   257  O  O   . ARG A 1 62  ? 16.629  -5.696  -1.450  1.00 50.53 ? 41  ARG A O   1 
ATOM   258  C  CB  . ARG A 1 62  ? 15.002  -3.752  -3.364  1.00 56.20 ? 41  ARG A CB  1 
ATOM   259  C  CG  . ARG A 1 62  ? 16.298  -3.646  -4.155  1.00 63.04 ? 41  ARG A CG  1 
ATOM   260  C  CD  . ARG A 1 62  ? 16.241  -2.552  -5.204  1.00 68.25 ? 41  ARG A CD  1 
ATOM   261  N  NE  . ARG A 1 62  ? 17.466  -1.764  -5.239  1.00 69.53 ? 41  ARG A NE  1 
ATOM   262  C  CZ  . ARG A 1 62  ? 17.931  -1.109  -6.300  1.00 75.27 ? 41  ARG A CZ  1 
ATOM   263  N  NH1 . ARG A 1 62  ? 17.286  -1.143  -7.457  1.00 78.00 ? 41  ARG A NH1 1 
ATOM   264  N  NH2 . ARG A 1 62  ? 19.058  -0.422  -6.200  1.00 80.18 ? 41  ARG A NH2 1 
ATOM   265  N  N   . HIS A 1 63  ? 14.716  -5.240  -0.291  1.00 48.34 ? 42  HIS A N   1 
ATOM   266  C  CA  . HIS A 1 63  ? 15.265  -5.387  1.085   1.00 43.27 ? 42  HIS A CA  1 
ATOM   267  C  C   . HIS A 1 63  ? 14.257  -6.090  1.993   1.00 41.94 ? 42  HIS A C   1 
ATOM   268  O  O   . HIS A 1 63  ? 13.509  -5.423  2.699   1.00 39.98 ? 42  HIS A O   1 
ATOM   269  C  CB  . HIS A 1 63  ? 15.643  -4.007  1.633   1.00 44.99 ? 42  HIS A CB  1 
ATOM   270  C  CG  . HIS A 1 63  ? 16.634  -3.256  0.802   1.00 44.03 ? 42  HIS A CG  1 
ATOM   271  N  ND1 . HIS A 1 63  ? 16.260  -2.223  -0.048  1.00 44.95 ? 42  HIS A ND1 1 
ATOM   272  C  CD2 . HIS A 1 63  ? 17.977  -3.358  0.709   1.00 43.16 ? 42  HIS A CD2 1 
ATOM   273  C  CE1 . HIS A 1 63  ? 17.329  -1.735  -0.643  1.00 45.46 ? 42  HIS A CE1 1 
ATOM   274  N  NE2 . HIS A 1 63  ? 18.399  -2.419  -0.194  1.00 44.50 ? 42  HIS A NE2 1 
ATOM   275  N  N   . PRO A 1 64  ? 14.209  -7.443  2.021   1.00 40.73 ? 43  PRO A N   1 
ATOM   276  C  CA  . PRO A 1 64  ? 13.123  -8.184  2.669   1.00 37.94 ? 43  PRO A CA  1 
ATOM   277  C  C   . PRO A 1 64  ? 12.950  -8.107  4.193   1.00 38.12 ? 43  PRO A C   1 
ATOM   278  O  O   . PRO A 1 64  ? 11.982  -8.692  4.700   1.00 36.14 ? 43  PRO A O   1 
ATOM   279  C  CB  . PRO A 1 64  ? 13.455  -9.657  2.388   1.00 41.73 ? 43  PRO A CB  1 
ATOM   280  C  CG  . PRO A 1 64  ? 14.381  -9.619  1.195   1.00 43.06 ? 43  PRO A CG  1 
ATOM   281  C  CD  . PRO A 1 64  ? 15.174  -8.340  1.364   1.00 44.24 ? 43  PRO A CD  1 
ATOM   282  N  N   . ASP A 1 65  ? 13.863  -7.449  4.906   1.00 32.62 ? 44  ASP A N   1 
ATOM   283  C  CA  . ASP A 1 65  ? 13.762  -7.273  6.377   1.00 35.49 ? 44  ASP A CA  1 
ATOM   284  C  C   . ASP A 1 65  ? 13.114  -5.924  6.694   1.00 29.38 ? 44  ASP A C   1 
ATOM   285  O  O   . ASP A 1 65  ? 13.046  -5.564  7.872   1.00 30.82 ? 44  ASP A O   1 
ATOM   286  C  CB  . ASP A 1 65  ? 15.142  -7.362  7.027   1.00 42.31 ? 44  ASP A CB  1 
ATOM   287  C  CG  . ASP A 1 65  ? 15.853  -8.630  6.632   1.00 46.97 ? 44  ASP A CG  1 
ATOM   288  O  OD1 . ASP A 1 65  ? 15.518  -9.683  7.215   1.00 58.35 ? 44  ASP A OD1 1 
ATOM   289  O  OD2 . ASP A 1 65  ? 16.680  -8.559  5.692   1.00 61.50 ? 44  ASP A OD2 1 
ATOM   290  N  N   . ARG A 1 66  ? 12.727  -5.172  5.669   1.00 28.35 ? 45  ARG A N   1 
ATOM   291  C  CA  . ARG A 1 66  ? 12.068  -3.854  5.830   1.00 27.59 ? 45  ARG A CA  1 
ATOM   292  C  C   . ARG A 1 66  ? 10.589  -3.991  5.486   1.00 25.39 ? 45  ARG A C   1 
ATOM   293  O  O   . ARG A 1 66  ? 10.281  -4.812  4.597   1.00 23.98 ? 45  ARG A O   1 
ATOM   294  C  CB  . ARG A 1 66  ? 12.669  -2.835  4.873   1.00 28.61 ? 45  ARG A CB  1 
ATOM   295  C  CG  . ARG A 1 66  ? 14.177  -2.696  4.974   1.00 34.18 ? 45  ARG A CG  1 
ATOM   296  C  CD  . ARG A 1 66  ? 14.625  -1.574  4.048   1.00 35.68 ? 45  ARG A CD  1 
ATOM   297  N  NE  . ARG A 1 66  ? 16.079  -1.550  3.986   1.00 40.12 ? 45  ARG A NE  1 
ATOM   298  C  CZ  . ARG A 1 66  ? 16.784  -0.761  3.198   1.00 40.70 ? 45  ARG A CZ  1 
ATOM   299  N  NH1 . ARG A 1 66  ? 16.174  0.093   2.390   1.00 41.60 ? 45  ARG A NH1 1 
ATOM   300  N  NH2 . ARG A 1 66  ? 18.102  -0.835  3.224   1.00 45.66 ? 45  ARG A NH2 1 
ATOM   301  N  N   . TRP A 1 67  ? 9.745   -3.188  6.141   1.00 20.94 ? 46  TRP A N   1 
ATOM   302  C  CA  . TRP A 1 67  ? 8.272   -3.208  5.965   1.00 20.43 ? 46  TRP A CA  1 
ATOM   303  C  C   . TRP A 1 67  ? 7.866   -1.976  5.173   1.00 17.82 ? 46  TRP A C   1 
ATOM   304  O  O   . TRP A 1 67  ? 8.486   -0.910  5.376   1.00 17.45 ? 46  TRP A O   1 
ATOM   305  C  CB  . TRP A 1 67  ? 7.539   -3.297  7.309   1.00 19.37 ? 46  TRP A CB  1 
ATOM   306  C  CG  . TRP A 1 67  ? 7.811   -4.568  8.046   1.00 21.70 ? 46  TRP A CG  1 
ATOM   307  C  CD1 . TRP A 1 67  ? 8.589   -4.719  9.161   1.00 22.69 ? 46  TRP A CD1 1 
ATOM   308  C  CD2 . TRP A 1 67  ? 7.311   -5.884  7.726   1.00 22.54 ? 46  TRP A CD2 1 
ATOM   309  N  NE1 . TRP A 1 67  ? 8.621   -6.035  9.540   1.00 22.96 ? 46  TRP A NE1 1 
ATOM   310  C  CE2 . TRP A 1 67  ? 7.839   -6.773  8.690   1.00 23.07 ? 46  TRP A CE2 1 
ATOM   311  C  CE3 . TRP A 1 67  ? 6.456   -6.390  6.737   1.00 21.25 ? 46  TRP A CE3 1 
ATOM   312  C  CZ2 . TRP A 1 67  ? 7.569   -8.145  8.660   1.00 24.64 ? 46  TRP A CZ2 1 
ATOM   313  C  CZ3 . TRP A 1 67  ? 6.215   -7.745  6.683   1.00 22.33 ? 46  TRP A CZ3 1 
ATOM   314  C  CH2 . TRP A 1 67  ? 6.760   -8.613  7.647   1.00 24.56 ? 46  TRP A CH2 1 
ATOM   315  N  N   . ILE A 1 68  ? 6.888   -2.125  4.289   1.00 16.40 ? 47  ILE A N   1 
ATOM   316  C  CA  . ILE A 1 68  ? 6.310   -1.025  3.474   1.00 17.58 ? 47  ILE A CA  1 
ATOM   317  C  C   . ILE A 1 68  ? 4.785   -1.139  3.509   1.00 16.39 ? 47  ILE A C   1 
ATOM   318  O  O   . ILE A 1 68  ? 4.242   -2.263  3.713   1.00 15.03 ? 47  ILE A O   1 
ATOM   319  C  CB  . ILE A 1 68  ? 6.854   -1.057  2.027   1.00 19.44 ? 47  ILE A CB  1 
ATOM   320  C  CG1 . ILE A 1 68  ? 6.463   -2.333  1.285   1.00 20.56 ? 47  ILE A CG1 1 
ATOM   321  C  CG2 . ILE A 1 68  ? 8.370   -0.840  1.988   1.00 21.35 ? 47  ILE A CG2 1 
ATOM   322  C  CD1 . ILE A 1 68  ? 6.714   -2.257  -0.196  1.00 22.86 ? 47  ILE A CD1 1 
ATOM   323  N  N   . VAL A 1 69  ? 4.130   -0.035  3.206   1.00 16.79 ? 48  VAL A N   1 
ATOM   324  C  CA  . VAL A 1 69  ? 2.696   -0.017  2.843   1.00 15.50 ? 48  VAL A CA  1 
ATOM   325  C  C   . VAL A 1 69  ? 2.582   -0.554  1.425   1.00 15.50 ? 48  VAL A C   1 
ATOM   326  O  O   . VAL A 1 69  ? 3.308   -0.114  0.549   1.00 16.29 ? 48  VAL A O   1 
ATOM   327  C  CB  . VAL A 1 69  ? 2.097   1.384   2.979   1.00 16.01 ? 48  VAL A CB  1 
ATOM   328  C  CG1 . VAL A 1 69  ? 0.652   1.409   2.507   1.00 15.31 ? 48  VAL A CG1 1 
ATOM   329  C  CG2 . VAL A 1 69  ? 2.259   1.867   4.404   1.00 16.45 ? 48  VAL A CG2 1 
ATOM   330  N  N   . PRO A 1 70  ? 1.718   -1.551  1.174   1.00 15.43 ? 49  PRO A N   1 
ATOM   331  C  CA  . PRO A 1 70  ? 1.492   -2.030  -0.184  1.00 15.87 ? 49  PRO A CA  1 
ATOM   332  C  C   . PRO A 1 70  ? 0.937   -0.943  -1.111  1.00 17.49 ? 49  PRO A C   1 
ATOM   333  O  O   . PRO A 1 70  ? 0.061   -0.150  -0.712  1.00 16.63 ? 49  PRO A O   1 
ATOM   334  C  CB  . PRO A 1 70  ? 0.486   -3.171  -0.013  1.00 16.09 ? 49  PRO A CB  1 
ATOM   335  C  CG  . PRO A 1 70  ? -0.189  -2.895  1.285   1.00 16.47 ? 49  PRO A CG  1 
ATOM   336  C  CD  . PRO A 1 70  ? 0.837   -2.211  2.165   1.00 16.30 ? 49  PRO A CD  1 
ATOM   337  N  N   . GLY A 1 71  ? 1.492   -0.898  -2.315  1.00 16.90 ? 50  GLY A N   1 
ATOM   338  C  CA  . GLY A 1 71  ? 1.131   0.089   -3.335  1.00 18.53 ? 50  GLY A CA  1 
ATOM   339  C  C   . GLY A 1 71  ? 2.046   0.007   -4.537  1.00 18.69 ? 50  GLY A C   1 
ATOM   340  O  O   . GLY A 1 71  ? 3.028   -0.755  -4.520  1.00 16.83 ? 50  GLY A O   1 
ATOM   341  N  N   . GLY A 1 72  ? 1.738   0.772   -5.571  1.00 19.44 ? 51  GLY A N   1 
ATOM   342  C  CA  . GLY A 1 72  ? 2.597   0.753   -6.767  1.00 19.56 ? 51  GLY A CA  1 
ATOM   343  C  C   . GLY A 1 72  ? 2.026   1.642   -7.839  1.00 18.69 ? 51  GLY A C   1 
ATOM   344  O  O   . GLY A 1 72  ? 1.113   2.434   -7.536  1.00 15.35 ? 51  GLY A O   1 
ATOM   345  N  N   . GLY A 1 73  ? 2.554   1.483   -9.049  1.00 18.28 ? 52  GLY A N   1 
ATOM   346  C  CA  . GLY A 1 73  ? 2.300   2.378   -10.181 1.00 18.61 ? 52  GLY A CA  1 
ATOM   347  C  C   . GLY A 1 73  ? 0.895   2.241   -10.708 1.00 18.79 ? 52  GLY A C   1 
ATOM   348  O  O   . GLY A 1 73  ? 0.409   1.136   -10.807 1.00 20.71 ? 52  GLY A O   1 
ATOM   349  N  N   . MET A 1 74  ? 0.256   3.366   -11.005 1.00 19.67 ? 53  MET A N   1 
ATOM   350  C  CA  A MET A 1 74  ? -0.985  3.406   -11.808 0.51 20.23 ? 53  MET A CA  1 
ATOM   351  C  CA  B MET A 1 74  ? -0.976  3.441   -11.825 0.49 21.06 ? 53  MET A CA  1 
ATOM   352  C  C   . MET A 1 74  ? -0.635  3.126   -13.280 1.00 21.11 ? 53  MET A C   1 
ATOM   353  O  O   . MET A 1 74  ? 0.444   3.598   -13.774 1.00 21.35 ? 53  MET A O   1 
ATOM   354  C  CB  A MET A 1 74  ? -1.675  4.756   -11.627 0.51 20.62 ? 53  MET A CB  1 
ATOM   355  C  CB  B MET A 1 74  ? -1.562  4.844   -11.780 0.49 22.63 ? 53  MET A CB  1 
ATOM   356  C  CG  A MET A 1 74  ? -2.062  5.013   -10.164 0.51 19.42 ? 53  MET A CG  1 
ATOM   357  C  CG  B MET A 1 74  ? -1.940  5.283   -10.395 0.49 22.60 ? 53  MET A CG  1 
ATOM   358  S  SD  A MET A 1 74  ? -2.603  6.692   -9.807  0.51 19.85 ? 53  MET A SD  1 
ATOM   359  S  SD  B MET A 1 74  ? -3.184  6.536   -10.595 0.49 25.50 ? 53  MET A SD  1 
ATOM   360  C  CE  A MET A 1 74  ? -3.753  6.899   -11.166 0.51 21.05 ? 53  MET A CE  1 
ATOM   361  C  CE  B MET A 1 74  ? -2.875  7.547   -9.152  0.49 24.60 ? 53  MET A CE  1 
ATOM   362  N  N   . GLU A 1 75  ? -1.489  2.362   -13.948 1.00 20.97 ? 54  GLU A N   1 
ATOM   363  C  CA  . GLU A 1 75  ? -1.317  2.027   -15.389 1.00 24.60 ? 54  GLU A CA  1 
ATOM   364  C  C   . GLU A 1 75  ? -1.978  3.124   -16.216 1.00 21.29 ? 54  GLU A C   1 
ATOM   365  O  O   . GLU A 1 75  ? -2.765  3.911   -15.697 1.00 20.34 ? 54  GLU A O   1 
ATOM   366  C  CB  . GLU A 1 75  ? -1.914  0.658   -15.713 1.00 28.35 ? 54  GLU A CB  1 
ATOM   367  C  CG  . GLU A 1 75  ? -1.206  -0.498  -15.036 1.00 31.71 ? 54  GLU A CG  1 
ATOM   368  C  CD  . GLU A 1 75  ? -2.006  -1.806  -15.038 1.00 38.75 ? 54  GLU A CD  1 
ATOM   369  O  OE1 . GLU A 1 75  ? -3.218  -1.783  -15.365 1.00 42.67 ? 54  GLU A OE1 1 
ATOM   370  O  OE2 . GLU A 1 75  ? -1.422  -2.858  -14.708 1.00 48.72 ? 54  GLU A OE2 1 
ATOM   371  N  N   . PRO A 1 76  ? -1.677  3.239   -17.533 1.00 21.97 ? 55  PRO A N   1 
ATOM   372  C  CA  . PRO A 1 76  ? -2.282  4.296   -18.350 1.00 21.49 ? 55  PRO A CA  1 
ATOM   373  C  C   . PRO A 1 76  ? -3.819  4.298   -18.270 1.00 22.23 ? 55  PRO A C   1 
ATOM   374  O  O   . PRO A 1 76  ? -4.390  3.241   -18.281 1.00 23.80 ? 55  PRO A O   1 
ATOM   375  C  CB  . PRO A 1 76  ? -1.758  3.991   -19.757 1.00 23.47 ? 55  PRO A CB  1 
ATOM   376  C  CG  . PRO A 1 76  ? -0.461  3.240   -19.525 1.00 23.25 ? 55  PRO A CG  1 
ATOM   377  C  CD  . PRO A 1 76  ? -0.715  2.409   -18.277 1.00 22.07 ? 55  PRO A CD  1 
ATOM   378  N  N   . GLU A 1 77  ? -4.419  5.466   -18.031 1.00 22.89 ? 56  GLU A N   1 
ATOM   379  C  CA  . GLU A 1 77  ? -5.878  5.696   -17.900 1.00 27.04 ? 56  GLU A CA  1 
ATOM   380  C  C   . GLU A 1 77  ? -6.517  4.847   -16.785 1.00 29.30 ? 56  GLU A C   1 
ATOM   381  O  O   . GLU A 1 77  ? -7.741  4.774   -16.766 1.00 28.57 ? 56  GLU A O   1 
ATOM   382  C  CB  . GLU A 1 77  ? -6.550  5.369   -19.239 1.00 31.40 ? 56  GLU A CB  1 
ATOM   383  C  CG  . GLU A 1 77  ? -5.925  6.125   -20.385 1.00 35.34 ? 56  GLU A CG  1 
ATOM   384  C  CD  . GLU A 1 77  ? -6.746  6.084   -21.655 1.00 44.68 ? 56  GLU A CD  1 
ATOM   385  O  OE1 . GLU A 1 77  ? -6.982  4.962   -22.155 1.00 46.60 ? 56  GLU A OE1 1 
ATOM   386  O  OE2 . GLU A 1 77  ? -7.127  7.172   -22.135 1.00 47.14 ? 56  GLU A OE2 1 
ATOM   387  N  N   . GLU A 1 78  ? -5.744  4.275   -15.861 1.00 27.96 ? 57  GLU A N   1 
ATOM   388  C  CA  . GLU A 1 78  ? -6.301  3.488   -14.724 1.00 25.73 ? 57  GLU A CA  1 
ATOM   389  C  C   . GLU A 1 78  ? -6.744  4.445   -13.606 1.00 24.08 ? 57  GLU A C   1 
ATOM   390  O  O   . GLU A 1 78  ? -5.939  5.289   -13.195 1.00 23.43 ? 57  GLU A O   1 
ATOM   391  C  CB  . GLU A 1 78  ? -5.252  2.493   -14.253 1.00 26.88 ? 57  GLU A CB  1 
ATOM   392  C  CG  . GLU A 1 78  ? -5.763  1.540   -13.179 1.00 27.29 ? 57  GLU A CG  1 
ATOM   393  C  CD  . GLU A 1 78  ? -4.685  0.595   -12.673 1.00 28.71 ? 57  GLU A CD  1 
ATOM   394  O  OE1 . GLU A 1 78  ? -3.466  1.023   -12.570 1.00 25.67 ? 57  GLU A OE1 1 
ATOM   395  O  OE2 . GLU A 1 78  ? -5.037  -0.581  -12.419 1.00 28.87 ? 57  GLU A OE2 1 
ATOM   396  N  N   . GLU A 1 79  ? -7.988  4.348   -13.138 1.00 24.36 ? 58  GLU A N   1 
ATOM   397  C  CA  . GLU A 1 79  ? -8.469  5.160   -11.992 1.00 27.93 ? 58  GLU A CA  1 
ATOM   398  C  C   . GLU A 1 79  ? -7.606  4.808   -10.776 1.00 24.08 ? 58  GLU A C   1 
ATOM   399  O  O   . GLU A 1 79  ? -7.197  3.664   -10.611 1.00 19.98 ? 58  GLU A O   1 
ATOM   400  C  CB  . GLU A 1 79  ? -9.945  4.888   -11.691 1.00 35.23 ? 58  GLU A CB  1 
ATOM   401  C  CG  . GLU A 1 79  ? -10.887 5.540   -12.691 1.00 46.06 ? 58  GLU A CG  1 
ATOM   402  C  CD  . GLU A 1 79  ? -12.373 5.314   -12.440 1.00 60.10 ? 58  GLU A CD  1 
ATOM   403  O  OE1 . GLU A 1 79  ? -12.713 4.573   -11.479 1.00 65.27 ? 58  GLU A OE1 1 
ATOM   404  O  OE2 . GLU A 1 79  ? -13.201 5.885   -13.209 1.00 69.19 ? 58  GLU A OE2 1 
ATOM   405  N  N   . PRO A 1 80  ? -7.279  5.778   -9.905  1.00 22.07 ? 59  PRO A N   1 
ATOM   406  C  CA  . PRO A 1 80  ? -6.455  5.499   -8.722  1.00 21.51 ? 59  PRO A CA  1 
ATOM   407  C  C   . PRO A 1 80  ? -7.041  4.419   -7.789  1.00 19.69 ? 59  PRO A C   1 
ATOM   408  O  O   . PRO A 1 80  ? -6.294  3.620   -7.275  1.00 17.88 ? 59  PRO A O   1 
ATOM   409  C  CB  . PRO A 1 80  ? -6.346  6.841   -7.986  1.00 22.60 ? 59  PRO A CB  1 
ATOM   410  C  CG  . PRO A 1 80  ? -7.045  7.870   -8.827  1.00 24.36 ? 59  PRO A CG  1 
ATOM   411  C  CD  . PRO A 1 80  ? -7.623  7.200   -10.055 1.00 23.98 ? 59  PRO A CD  1 
ATOM   412  N  N   . SER A 1 81  ? -8.357  4.421   -7.576  1.00 19.35 ? 60  SER A N   1 
ATOM   413  C  CA  . SER A 1 81  ? -9.037  3.437   -6.694  1.00 21.80 ? 60  SER A CA  1 
ATOM   414  C  C   . SER A 1 81  ? -8.833  2.035   -7.271  1.00 21.07 ? 60  SER A C   1 
ATOM   415  O  O   . SER A 1 81  ? -8.654  1.081   -6.508  1.00 23.24 ? 60  SER A O   1 
ATOM   416  C  CB  . SER A 1 81  ? -10.492 3.779   -6.533  1.00 21.15 ? 60  SER A CB  1 
ATOM   417  O  OG  . SER A 1 81  ? -11.116 3.802   -7.814  1.00 24.04 ? 60  SER A OG  1 
ATOM   418  N  N   . VAL A 1 82  ? -8.928  1.906   -8.589  1.00 23.00 ? 61  VAL A N   1 
ATOM   419  C  CA  . VAL A 1 82  ? -8.736  0.632   -9.326  1.00 21.34 ? 61  VAL A CA  1 
ATOM   420  C  C   . VAL A 1 82  ? -7.283  0.197   -9.173  1.00 20.34 ? 61  VAL A C   1 
ATOM   421  O  O   . VAL A 1 82  ? -7.056  -0.985  -8.886  1.00 19.06 ? 61  VAL A O   1 
ATOM   422  C  CB  . VAL A 1 82  ? -9.138  0.786   -10.809 1.00 24.37 ? 61  VAL A CB  1 
ATOM   423  C  CG1 . VAL A 1 82  ? -8.686  -0.406  -11.644 1.00 25.68 ? 61  VAL A CG1 1 
ATOM   424  C  CG2 . VAL A 1 82  ? -10.639 1.011   -10.917 1.00 25.68 ? 61  VAL A CG2 1 
ATOM   425  N  N   . ALA A 1 83  ? -6.323  1.114   -9.324  1.00 19.06 ? 62  ALA A N   1 
ATOM   426  C  CA  . ALA A 1 83  ? -4.882  0.798   -9.168  1.00 18.23 ? 62  ALA A CA  1 
ATOM   427  C  C   . ALA A 1 83  ? -4.614  0.335   -7.728  1.00 16.55 ? 62  ALA A C   1 
ATOM   428  O  O   . ALA A 1 83  ? -3.868  -0.642  -7.547  1.00 16.87 ? 62  ALA A O   1 
ATOM   429  C  CB  . ALA A 1 83  ? -4.028  2.007   -9.519  1.00 19.06 ? 62  ALA A CB  1 
ATOM   430  N  N   . ALA A 1 84  ? -5.183  0.999   -6.720  1.00 16.23 ? 63  ALA A N   1 
ATOM   431  C  CA  . ALA A 1 84  ? -4.921  0.652   -5.300  1.00 18.06 ? 63  ALA A CA  1 
ATOM   432  C  C   . ALA A 1 84  ? -5.375  -0.782  -5.007  1.00 18.56 ? 63  ALA A C   1 
ATOM   433  O  O   . ALA A 1 84  ? -4.595  -1.525  -4.360  1.00 17.76 ? 63  ALA A O   1 
ATOM   434  C  CB  . ALA A 1 84  ? -5.618  1.608   -4.362  1.00 17.26 ? 63  ALA A CB  1 
ATOM   435  N  N   . VAL A 1 85  ? -6.603  -1.141  -5.414  1.00 20.19 ? 64  VAL A N   1 
ATOM   436  C  CA  . VAL A 1 85  ? -7.172  -2.522  -5.241  1.00 22.24 ? 64  VAL A CA  1 
ATOM   437  C  C   . VAL A 1 85  ? -6.285  -3.552  -5.969  1.00 19.82 ? 64  VAL A C   1 
ATOM   438  O  O   . VAL A 1 85  ? -5.989  -4.640  -5.411  1.00 18.50 ? 64  VAL A O   1 
ATOM   439  C  CB  . VAL A 1 85  ? -8.637  -2.555  -5.721  1.00 23.19 ? 64  VAL A CB  1 
ATOM   440  C  CG1 . VAL A 1 85  ? -9.200  -3.959  -5.791  1.00 25.96 ? 64  VAL A CG1 1 
ATOM   441  C  CG2 . VAL A 1 85  ? -9.496  -1.679  -4.805  1.00 26.86 ? 64  VAL A CG2 1 
ATOM   442  N  N   . ARG A 1 86  ? -5.871  -3.249  -7.180  1.00 20.03 ? 65  ARG A N   1 
ATOM   443  C  CA  . ARG A 1 86  ? -5.022  -4.179  -7.972  1.00 22.45 ? 65  ARG A CA  1 
ATOM   444  C  C   . ARG A 1 86  ? -3.678  -4.346  -7.250  1.00 20.32 ? 65  ARG A C   1 
ATOM   445  O  O   . ARG A 1 86  ? -3.218  -5.483  -7.115  1.00 19.55 ? 65  ARG A O   1 
ATOM   446  C  CB  . ARG A 1 86  ? -4.831  -3.671  -9.399  1.00 24.67 ? 65  ARG A CB  1 
ATOM   447  C  CG  . ARG A 1 86  ? -3.797  -4.457  -10.205 1.00 26.52 ? 65  ARG A CG  1 
ATOM   448  C  CD  . ARG A 1 86  ? -3.602  -3.859  -11.596 1.00 29.33 ? 65  ARG A CD  1 
ATOM   449  N  NE  . ARG A 1 86  ? -3.176  -2.464  -11.540 1.00 27.93 ? 65  ARG A NE  1 
ATOM   450  C  CZ  . ARG A 1 86  ? -1.953  -2.040  -11.190 1.00 31.32 ? 65  ARG A CZ  1 
ATOM   451  N  NH1 . ARG A 1 86  ? -1.020  -2.900  -10.821 1.00 32.32 ? 65  ARG A NH1 1 
ATOM   452  N  NH2 . ARG A 1 86  ? -1.677  -0.745  -11.169 1.00 29.39 ? 65  ARG A NH2 1 
ATOM   453  N  N   . GLU A 1 87  ? -3.055  -3.251  -6.813  1.00 20.88 ? 66  GLU A N   1 
ATOM   454  C  CA  . GLU A 1 87  ? -1.713  -3.323  -6.170  1.00 23.03 ? 66  GLU A CA  1 
ATOM   455  C  C   . GLU A 1 87  ? -1.800  -4.132  -4.860  1.00 20.94 ? 66  GLU A C   1 
ATOM   456  O  O   . GLU A 1 87  ? -0.891  -4.903  -4.565  1.00 20.39 ? 66  GLU A O   1 
ATOM   457  C  CB  . GLU A 1 87  ? -1.147  -1.915  -5.934  1.00 23.58 ? 66  GLU A CB  1 
ATOM   458  C  CG  . GLU A 1 87  ? -0.673  -1.235  -7.227  1.00 27.52 ? 66  GLU A CG  1 
ATOM   459  C  CD  . GLU A 1 87  ? 0.541   -1.904  -7.857  1.00 30.00 ? 66  GLU A CD  1 
ATOM   460  O  OE1 . GLU A 1 87  ? 0.794   -1.700  -9.076  1.00 38.07 ? 66  GLU A OE1 1 
ATOM   461  O  OE2 . GLU A 1 87  ? 1.220   -2.644  -7.136  1.00 33.22 ? 66  GLU A OE2 1 
ATOM   462  N  N   . VAL A 1 88  ? -2.862  -3.980  -4.081  1.00 19.44 ? 67  VAL A N   1 
ATOM   463  C  CA  A VAL A 1 88  ? -2.969  -4.685  -2.774  0.50 19.54 ? 67  VAL A CA  1 
ATOM   464  C  CA  B VAL A 1 88  ? -2.931  -4.689  -2.769  0.50 19.89 ? 67  VAL A CA  1 
ATOM   465  C  C   . VAL A 1 88  ? -3.215  -6.178  -3.029  1.00 20.64 ? 67  VAL A C   1 
ATOM   466  O  O   . VAL A 1 88  ? -2.639  -6.988  -2.321  1.00 19.12 ? 67  VAL A O   1 
ATOM   467  C  CB  A VAL A 1 88  ? -4.035  -4.036  -1.882  0.50 20.26 ? 67  VAL A CB  1 
ATOM   468  C  CB  B VAL A 1 88  ? -3.911  -4.055  -1.769  0.50 21.03 ? 67  VAL A CB  1 
ATOM   469  C  CG1 A VAL A 1 88  ? -4.733  -5.028  -0.967  0.50 19.66 ? 67  VAL A CG1 1 
ATOM   470  C  CG1 B VAL A 1 88  ? -3.766  -2.545  -1.734  0.50 22.14 ? 67  VAL A CG1 1 
ATOM   471  C  CG2 A VAL A 1 88  ? -3.401  -2.919  -1.083  0.50 21.29 ? 67  VAL A CG2 1 
ATOM   472  C  CG2 B VAL A 1 88  ? -5.357  -4.452  -2.012  0.50 21.20 ? 67  VAL A CG2 1 
ATOM   473  N  N   . CYS A 1 89  ? -4.023  -6.514  -4.026  1.00 20.23 ? 68  CYS A N   1 
ATOM   474  C  CA  . CYS A 1 89  ? -4.224  -7.933  -4.437  1.00 22.17 ? 68  CYS A CA  1 
ATOM   475  C  C   . CYS A 1 89  ? -2.867  -8.528  -4.854  1.00 20.68 ? 68  CYS A C   1 
ATOM   476  O  O   . CYS A 1 89  ? -2.506  -9.585  -4.340  1.00 20.82 ? 68  CYS A O   1 
ATOM   477  C  CB  . CYS A 1 89  ? -5.264  -8.021  -5.555  1.00 24.72 ? 68  CYS A CB  1 
ATOM   478  S  SG  . CYS A 1 89  ? -5.435  -9.684  -6.263  1.00 31.79 ? 68  CYS A SG  1 
ATOM   479  N  N   . GLU A 1 90  ? -2.095  -7.832  -5.687  1.00 22.05 ? 69  GLU A N   1 
ATOM   480  C  CA  . GLU A 1 90  ? -0.785  -8.313  -6.241  1.00 22.66 ? 69  GLU A CA  1 
ATOM   481  C  C   . GLU A 1 90  ? 0.277   -8.437  -5.138  1.00 19.85 ? 69  GLU A C   1 
ATOM   482  O  O   . GLU A 1 90  ? 1.043   -9.420  -5.126  1.00 19.08 ? 69  GLU A O   1 
ATOM   483  C  CB  . GLU A 1 90  ? -0.187  -7.333  -7.264  1.00 26.27 ? 69  GLU A CB  1 
ATOM   484  C  CG  . GLU A 1 90  ? -0.881  -7.278  -8.609  1.00 32.20 ? 69  GLU A CG  1 
ATOM   485  C  CD  . GLU A 1 90  ? -0.361  -6.188  -9.566  1.00 35.95 ? 69  GLU A CD  1 
ATOM   486  O  OE1 . GLU A 1 90  ? -0.987  -5.991  -10.634 1.00 37.28 ? 69  GLU A OE1 1 
ATOM   487  O  OE2 . GLU A 1 90  ? 0.660   -5.510  -9.247  1.00 41.72 ? 69  GLU A OE2 1 
ATOM   488  N  N   . GLU A 1 91  ? 0.426   -7.409  -4.317  1.00 17.65 ? 70  GLU A N   1 
ATOM   489  C  CA  . GLU A 1 91  ? 1.529   -7.324  -3.335  1.00 18.59 ? 70  GLU A CA  1 
ATOM   490  C  C   . GLU A 1 91  ? 1.166   -7.989  -2.026  1.00 17.16 ? 70  GLU A C   1 
ATOM   491  O  O   . GLU A 1 91  ? 2.104   -8.519  -1.385  1.00 18.95 ? 70  GLU A O   1 
ATOM   492  C  CB  . GLU A 1 91  ? 1.912   -5.879  -3.005  1.00 19.79 ? 70  GLU A CB  1 
ATOM   493  C  CG  . GLU A 1 91  ? 2.448   -5.173  -4.214  1.00 22.34 ? 70  GLU A CG  1 
ATOM   494  C  CD  . GLU A 1 91  ? 3.248   -3.917  -3.919  1.00 25.17 ? 70  GLU A CD  1 
ATOM   495  O  OE1 . GLU A 1 91  ? 3.800   -3.369  -4.910  1.00 28.61 ? 70  GLU A OE1 1 
ATOM   496  O  OE2 . GLU A 1 91  ? 3.333   -3.503  -2.719  1.00 22.98 ? 70  GLU A OE2 1 
ATOM   497  N  N   . ALA A 1 92  ? -0.089  -7.900  -1.584  1.00 17.52 ? 71  ALA A N   1 
ATOM   498  C  CA  . ALA A 1 92  ? -0.448  -8.320  -0.210  1.00 16.44 ? 71  ALA A CA  1 
ATOM   499  C  C   . ALA A 1 92  ? -1.379  -9.535  -0.192  1.00 17.19 ? 71  ALA A C   1 
ATOM   500  O  O   . ALA A 1 92  ? -1.553  -10.123 0.916   1.00 16.66 ? 71  ALA A O   1 
ATOM   501  C  CB  . ALA A 1 92  ? -1.041  -7.161  0.545   1.00 17.65 ? 71  ALA A CB  1 
ATOM   502  N  N   . GLY A 1 93  ? -2.012  -9.874  -1.308  1.00 16.20 ? 72  GLY A N   1 
ATOM   503  C  CA  . GLY A 1 93  ? -2.834  -11.091 -1.409  1.00 16.63 ? 72  GLY A CA  1 
ATOM   504  C  C   . GLY A 1 93  ? -4.116  -10.909 -0.624  1.00 17.09 ? 72  GLY A C   1 
ATOM   505  O  O   . GLY A 1 93  ? -4.633  -11.917 -0.081  1.00 20.53 ? 72  GLY A O   1 
ATOM   506  N  N   . VAL A 1 94  ? -4.612  -9.684  -0.532  1.00 16.73 ? 73  VAL A N   1 
ATOM   507  C  CA  . VAL A 1 94  ? -5.911  -9.431  0.155   1.00 17.88 ? 73  VAL A CA  1 
ATOM   508  C  C   . VAL A 1 94  ? -6.871  -8.727  -0.792  1.00 18.62 ? 73  VAL A C   1 
ATOM   509  O  O   . VAL A 1 94  ? -6.420  -8.055  -1.731  1.00 18.26 ? 73  VAL A O   1 
ATOM   510  C  CB  . VAL A 1 94  ? -5.751  -8.676  1.482   1.00 17.10 ? 73  VAL A CB  1 
ATOM   511  C  CG1 . VAL A 1 94  ? -4.870  -9.437  2.431   1.00 18.78 ? 73  VAL A CG1 1 
ATOM   512  C  CG2 . VAL A 1 94  ? -5.208  -7.266  1.292   1.00 17.11 ? 73  VAL A CG2 1 
ATOM   513  N  N   . LYS A 1 95  ? -8.164  -8.861  -0.469  1.00 19.03 ? 74  LYS A N   1 
ATOM   514  C  CA  . LYS A 1 95  ? -9.285  -8.141  -1.079  1.00 19.84 ? 74  LYS A CA  1 
ATOM   515  C  C   . LYS A 1 95  ? -10.173 -7.625  0.051   1.00 19.00 ? 74  LYS A C   1 
ATOM   516  O  O   . LYS A 1 95  ? -10.100 -8.144  1.202   1.00 16.46 ? 74  LYS A O   1 
ATOM   517  C  CB  . LYS A 1 95  ? -10.060 -9.036  -2.056  1.00 24.47 ? 74  LYS A CB  1 
ATOM   518  C  CG  . LYS A 1 95  ? -9.184  -9.657  -3.142  1.00 27.30 ? 74  LYS A CG  1 
ATOM   519  C  CD  . LYS A 1 95  ? -9.925  -10.284 -4.268  1.00 31.22 ? 74  LYS A CD  1 
ATOM   520  C  CE  . LYS A 1 95  ? -9.014  -11.012 -5.236  1.00 33.02 ? 74  LYS A CE  1 
ATOM   521  N  NZ  . LYS A 1 95  ? -8.147  -10.082 -5.994  1.00 36.84 ? 74  LYS A NZ  1 
ATOM   522  N  N   . GLY A 1 96  ? -10.960 -6.614  -0.256  1.00 17.60 ? 75  GLY A N   1 
ATOM   523  C  CA  . GLY A 1 96  ? -11.993 -6.189  0.695   1.00 20.06 ? 75  GLY A CA  1 
ATOM   524  C  C   . GLY A 1 96  ? -12.753 -4.999  0.188   1.00 20.57 ? 75  GLY A C   1 
ATOM   525  O  O   . GLY A 1 96  ? -12.890 -4.867  -1.025  1.00 19.61 ? 75  GLY A O   1 
ATOM   526  N  N   . THR A 1 97  ? -13.238 -4.174  1.106   1.00 20.03 ? 76  THR A N   1 
ATOM   527  C  CA  . THR A 1 97  ? -14.161 -3.054  0.788   1.00 21.82 ? 76  THR A CA  1 
ATOM   528  C  C   . THR A 1 97  ? -13.321 -1.784  0.774   1.00 19.65 ? 76  THR A C   1 
ATOM   529  O  O   . THR A 1 97  ? -12.761 -1.446  1.838   1.00 17.78 ? 76  THR A O   1 
ATOM   530  C  CB  . THR A 1 97  ? -15.303 -2.969  1.807   1.00 25.91 ? 76  THR A CB  1 
ATOM   531  O  OG1 . THR A 1 97  ? -15.895 -4.267  1.853   1.00 32.88 ? 76  THR A OG1 1 
ATOM   532  C  CG2 . THR A 1 97  ? -16.337 -1.920  1.446   1.00 29.24 ? 76  THR A CG2 1 
ATOM   533  N  N   . LEU A 1 98  ? -13.223 -1.133  -0.384  1.00 21.19 ? 77  LEU A N   1 
ATOM   534  C  CA  . LEU A 1 98  ? -12.460 0.131   -0.526  1.00 22.93 ? 77  LEU A CA  1 
ATOM   535  C  C   . LEU A 1 98  ? -13.253 1.230   0.183   1.00 24.19 ? 77  LEU A C   1 
ATOM   536  O  O   . LEU A 1 98  ? -14.430 1.323   -0.054  1.00 25.05 ? 77  LEU A O   1 
ATOM   537  C  CB  . LEU A 1 98  ? -12.255 0.447   -2.007  1.00 26.97 ? 77  LEU A CB  1 
ATOM   538  C  CG  . LEU A 1 98  ? -11.149 1.460   -2.312  1.00 27.50 ? 77  LEU A CG  1 
ATOM   539  C  CD1 . LEU A 1 98  ? -9.782  0.921   -1.970  1.00 27.63 ? 77  LEU A CD1 1 
ATOM   540  C  CD2 . LEU A 1 98  ? -11.192 1.860   -3.767  1.00 31.61 ? 77  LEU A CD2 1 
ATOM   541  N  N   . GLY A 1 99  ? -12.632 1.941   1.120   1.00 22.04 ? 78  GLY A N   1 
ATOM   542  C  CA  . GLY A 1 99  ? -13.233 3.105   1.768   1.00 22.88 ? 78  GLY A CA  1 
ATOM   543  C  C   . GLY A 1 99  ? -12.696 4.382   1.138   1.00 22.57 ? 78  GLY A C   1 
ATOM   544  O  O   . GLY A 1 99  ? -12.392 4.415   -0.068  1.00 23.89 ? 78  GLY A O   1 
ATOM   545  N  N   . ARG A 1 100 ? -12.505 5.372   1.977   1.00 22.34 ? 79  ARG A N   1 
ATOM   546  C  CA  . ARG A 1 100 ? -12.301 6.768   1.565   1.00 24.10 ? 79  ARG A CA  1 
ATOM   547  C  C   . ARG A 1 100 ? -10.856 6.914   1.078   1.00 22.31 ? 79  ARG A C   1 
ATOM   548  O  O   . ARG A 1 100 ? -9.938  6.150   1.526   1.00 18.76 ? 79  ARG A O   1 
ATOM   549  C  CB  . ARG A 1 100 ? -12.598 7.671   2.759   1.00 27.33 ? 79  ARG A CB  1 
ATOM   550  C  CG  . ARG A 1 100 ? -11.675 7.426   3.943   1.00 34.02 ? 79  ARG A CG  1 
ATOM   551  C  CD  . ARG A 1 100 ? -12.144 8.069   5.231   1.00 40.91 ? 79  ARG A CD  1 
ATOM   552  N  NE  . ARG A 1 100 ? -11.255 7.689   6.316   1.00 42.11 ? 79  ARG A NE  1 
ATOM   553  C  CZ  . ARG A 1 100 ? -10.161 8.343   6.692   1.00 52.66 ? 79  ARG A CZ  1 
ATOM   554  N  NH1 . ARG A 1 100 ? -9.778  9.462   6.088   1.00 54.68 ? 79  ARG A NH1 1 
ATOM   555  N  NH2 . ARG A 1 100 ? -9.448  7.867   7.699   1.00 57.96 ? 79  ARG A NH2 1 
ATOM   556  N  N   . LEU A 1 101 ? -10.674 7.826   0.154   1.00 22.38 ? 80  LEU A N   1 
ATOM   557  C  CA  . LEU A 1 101 ? -9.348  8.397   -0.133  1.00 20.78 ? 80  LEU A CA  1 
ATOM   558  C  C   . LEU A 1 101 ? -8.876  9.085   1.141   1.00 21.23 ? 80  LEU A C   1 
ATOM   559  O  O   . LEU A 1 101 ? -9.628  9.941   1.684   1.00 22.03 ? 80  LEU A O   1 
ATOM   560  C  CB  . LEU A 1 101 ? -9.497  9.340   -1.329  1.00 22.97 ? 80  LEU A CB  1 
ATOM   561  C  CG  . LEU A 1 101 ? -8.188  10.000  -1.787  1.00 22.65 ? 80  LEU A CG  1 
ATOM   562  C  CD1 . LEU A 1 101 ? -7.235  8.979   -2.369  1.00 22.52 ? 80  LEU A CD1 1 
ATOM   563  C  CD2 . LEU A 1 101 ? -8.469  11.098  -2.805  1.00 26.99 ? 80  LEU A CD2 1 
ATOM   564  N  N   . VAL A 1 102 ? -7.673  8.749   1.631   1.00 18.11 ? 81  VAL A N   1 
ATOM   565  C  CA  . VAL A 1 102 ? -7.074  9.442   2.794   1.00 18.44 ? 81  VAL A CA  1 
ATOM   566  C  C   . VAL A 1 102 ? -6.481  10.768  2.310   1.00 17.33 ? 81  VAL A C   1 
ATOM   567  O  O   . VAL A 1 102 ? -6.765  11.824  2.916   1.00 16.93 ? 81  VAL A O   1 
ATOM   568  C  CB  . VAL A 1 102 ? -6.029  8.531   3.466   1.00 20.47 ? 81  VAL A CB  1 
ATOM   569  C  CG1 . VAL A 1 102 ? -5.303  9.207   4.594   1.00 21.86 ? 81  VAL A CG1 1 
ATOM   570  C  CG2 . VAL A 1 102 ? -6.669  7.235   3.938   1.00 23.31 ? 81  VAL A CG2 1 
ATOM   571  N  N   . GLY A 1 103 ? -5.753  10.736  1.203   1.00 17.80 ? 82  GLY A N   1 
ATOM   572  C  CA  . GLY A 1 103 ? -5.095  11.928  0.664   1.00 16.59 ? 82  GLY A CA  1 
ATOM   573  C  C   . GLY A 1 103 ? -4.164  11.576  -0.442  1.00 17.09 ? 82  GLY A C   1 
ATOM   574  O  O   . GLY A 1 103 ? -4.105  10.386  -0.849  1.00 16.12 ? 82  GLY A O   1 
ATOM   575  N  N   . ILE A 1 104 ? -3.506  12.598  -0.952  1.00 15.75 ? 83  ILE A N   1 
ATOM   576  C  CA  . ILE A 1 104 ? -2.475  12.480  -2.011  1.00 17.17 ? 83  ILE A CA  1 
ATOM   577  C  C   . ILE A 1 104 ? -1.172  12.927  -1.356  1.00 16.13 ? 83  ILE A C   1 
ATOM   578  O  O   . ILE A 1 104 ? -1.113  14.051  -0.777  1.00 15.84 ? 83  ILE A O   1 
ATOM   579  C  CB  . ILE A 1 104 ? -2.859  13.301  -3.246  1.00 18.28 ? 83  ILE A CB  1 
ATOM   580  C  CG1 . ILE A 1 104 ? -4.266  12.948  -3.725  1.00 21.99 ? 83  ILE A CG1 1 
ATOM   581  C  CG2 . ILE A 1 104 ? -1.821  13.093  -4.341  1.00 20.92 ? 83  ILE A CG2 1 
ATOM   582  C  CD1 . ILE A 1 104 ? -4.798  13.884  -4.813  1.00 25.09 ? 83  ILE A CD1 1 
ATOM   583  N  N   . PHE A 1 105 ? -0.200  12.050  -1.347  1.00 14.90 ? 84  PHE A N   1 
ATOM   584  C  CA  . PHE A 1 105 ? 1.072   12.254  -0.635  1.00 15.97 ? 84  PHE A CA  1 
ATOM   585  C  C   . PHE A 1 105 ? 2.223   12.294  -1.630  1.00 17.30 ? 84  PHE A C   1 
ATOM   586  O  O   . PHE A 1 105 ? 2.410   11.367  -2.416  1.00 17.68 ? 84  PHE A O   1 
ATOM   587  C  CB  . PHE A 1 105 ? 1.260   11.142  0.380   1.00 15.99 ? 84  PHE A CB  1 
ATOM   588  C  CG  . PHE A 1 105 ? 0.248   11.131  1.489   1.00 16.60 ? 84  PHE A CG  1 
ATOM   589  C  CD1 . PHE A 1 105 ? -1.023  10.636  1.274   1.00 16.17 ? 84  PHE A CD1 1 
ATOM   590  C  CD2 . PHE A 1 105 ? 0.601   11.534  2.766   1.00 17.60 ? 84  PHE A CD2 1 
ATOM   591  C  CE1 . PHE A 1 105 ? -1.947  10.587  2.304   1.00 18.41 ? 84  PHE A CE1 1 
ATOM   592  C  CE2 . PHE A 1 105 ? -0.329  11.500  3.794   1.00 19.06 ? 84  PHE A CE2 1 
ATOM   593  C  CZ  . PHE A 1 105 ? -1.600  11.016  3.560   1.00 18.14 ? 84  PHE A CZ  1 
ATOM   594  N  N   . GLU A 1 106 ? 3.026   13.342  -1.573  1.00 18.77 ? 85  GLU A N   1 
ATOM   595  C  CA  . GLU A 1 106 ? 4.265   13.415  -2.378  1.00 19.73 ? 85  GLU A CA  1 
ATOM   596  C  C   . GLU A 1 106 ? 5.450   12.919  -1.573  1.00 22.17 ? 85  GLU A C   1 
ATOM   597  O  O   . GLU A 1 106 ? 5.544   13.239  -0.382  1.00 20.83 ? 85  GLU A O   1 
ATOM   598  C  CB  . GLU A 1 106 ? 4.502   14.855  -2.805  1.00 24.72 ? 85  GLU A CB  1 
ATOM   599  C  CG  . GLU A 1 106 ? 3.487   15.216  -3.844  1.00 28.78 ? 85  GLU A CG  1 
ATOM   600  C  CD  . GLU A 1 106 ? 3.457   16.661  -4.257  1.00 31.35 ? 85  GLU A CD  1 
ATOM   601  O  OE1 . GLU A 1 106 ? 2.381   17.053  -4.808  1.00 32.32 ? 85  GLU A OE1 1 
ATOM   602  O  OE2 . GLU A 1 106 ? 4.504   17.355  -4.068  1.00 30.94 ? 85  GLU A OE2 1 
ATOM   603  N  N   . ASN A 1 107 ? 6.346   12.214  -2.255  1.00 20.70 ? 86  ASN A N   1 
ATOM   604  C  CA  . ASN A 1 107 ? 7.720   11.929  -1.827  1.00 21.71 ? 86  ASN A CA  1 
ATOM   605  C  C   . ASN A 1 107 ? 8.649   12.703  -2.777  1.00 23.18 ? 86  ASN A C   1 
ATOM   606  O  O   . ASN A 1 107 ? 8.863   12.214  -3.897  1.00 18.93 ? 86  ASN A O   1 
ATOM   607  C  CB  . ASN A 1 107 ? 7.936   10.418  -1.824  1.00 23.52 ? 86  ASN A CB  1 
ATOM   608  C  CG  . ASN A 1 107 ? 9.324   10.026  -1.364  1.00 27.05 ? 86  ASN A CG  1 
ATOM   609  O  OD1 . ASN A 1 107 ? 10.255  10.834  -1.450  1.00 26.38 ? 86  ASN A OD1 1 
ATOM   610  N  ND2 . ASN A 1 107 ? 9.468   8.774   -0.953  1.00 24.39 ? 86  ASN A ND2 1 
ATOM   611  N  N   . GLN A 1 108 ? 9.138   13.878  -2.364  1.00 24.39 ? 87  GLN A N   1 
ATOM   612  C  CA  . GLN A 1 108 ? 10.018  14.760  -3.176  1.00 29.99 ? 87  GLN A CA  1 
ATOM   613  C  C   . GLN A 1 108 ? 11.326  14.032  -3.511  1.00 29.92 ? 87  GLN A C   1 
ATOM   614  O  O   . GLN A 1 108 ? 11.833  14.225  -4.616  1.00 34.47 ? 87  GLN A O   1 
ATOM   615  C  CB  . GLN A 1 108 ? 10.369  16.076  -2.476  1.00 37.31 ? 87  GLN A CB  1 
ATOM   616  C  CG  . GLN A 1 108 ? 9.196   16.861  -1.894  1.00 47.20 ? 87  GLN A CG  1 
ATOM   617  C  CD  . GLN A 1 108 ? 8.237   17.472  -2.890  1.00 56.38 ? 87  GLN A CD  1 
ATOM   618  O  OE1 . GLN A 1 108 ? 7.321   16.813  -3.386  1.00 57.02 ? 87  GLN A OE1 1 
ATOM   619  N  NE2 . GLN A 1 108 ? 8.378   18.773  -3.120  1.00 57.54 ? 87  GLN A NE2 1 
ATOM   620  N  N   . GLU A 1 109 ? 11.855  13.198  -2.616  1.00 28.98 ? 88  GLU A N   1 
ATOM   621  C  CA  . GLU A 1 109 ? 13.173  12.532  -2.798  1.00 33.91 ? 88  GLU A CA  1 
ATOM   622  C  C   . GLU A 1 109 ? 13.099  11.500  -3.942  1.00 32.78 ? 88  GLU A C   1 
ATOM   623  O  O   . GLU A 1 109 ? 14.039  11.414  -4.738  1.00 32.04 ? 88  GLU A O   1 
ATOM   624  C  CB  . GLU A 1 109 ? 13.621  11.935  -1.458  1.00 40.19 ? 88  GLU A CB  1 
ATOM   625  C  CG  . GLU A 1 109 ? 15.071  11.497  -1.449  1.00 50.83 ? 88  GLU A CG  1 
ATOM   626  C  CD  . GLU A 1 109 ? 15.692  11.393  -0.065  1.00 60.48 ? 88  GLU A CD  1 
ATOM   627  O  OE1 . GLU A 1 109 ? 16.916  11.658  0.058   1.00 61.74 ? 88  GLU A OE1 1 
ATOM   628  O  OE2 . GLU A 1 109 ? 14.952  11.059  0.889   1.00 65.06 ? 88  GLU A OE2 1 
ATOM   629  N  N   . ARG A 1 110 ? 11.990  10.778  -4.074  1.00 27.10 ? 89  ARG A N   1 
ATOM   630  C  CA  . ARG A 1 110 ? 11.819  9.696   -5.064  1.00 27.50 ? 89  ARG A CA  1 
ATOM   631  C  C   . ARG A 1 110 ? 10.948  10.201  -6.219  1.00 25.08 ? 89  ARG A C   1 
ATOM   632  O  O   . ARG A 1 110 ? 10.806  9.452   -7.174  1.00 24.50 ? 89  ARG A O   1 
ATOM   633  C  CB  . ARG A 1 110 ? 11.165  8.482   -4.403  1.00 33.40 ? 89  ARG A CB  1 
ATOM   634  C  CG  . ARG A 1 110 ? 11.861  8.006   -3.131  1.00 39.29 ? 89  ARG A CG  1 
ATOM   635  C  CD  . ARG A 1 110 ? 13.349  7.836   -3.327  1.00 44.51 ? 89  ARG A CD  1 
ATOM   636  N  NE  . ARG A 1 110 ? 13.662  7.019   -4.500  1.00 50.72 ? 89  ARG A NE  1 
ATOM   637  C  CZ  . ARG A 1 110 ? 14.846  6.975   -5.116  1.00 53.42 ? 89  ARG A CZ  1 
ATOM   638  N  NH1 . ARG A 1 110 ? 15.860  7.713   -4.690  1.00 52.02 ? 89  ARG A NH1 1 
ATOM   639  N  NH2 . ARG A 1 110 ? 15.008  6.192   -6.171  1.00 60.43 ? 89  ARG A NH2 1 
ATOM   640  N  N   . LYS A 1 111 ? 10.367  11.395  -6.108  1.00 21.78 ? 90  LYS A N   1 
ATOM   641  C  CA  . LYS A 1 111 ? 9.433   11.975  -7.129  1.00 24.85 ? 90  LYS A CA  1 
ATOM   642  C  C   . LYS A 1 111 ? 8.248   11.023  -7.327  1.00 20.79 ? 90  LYS A C   1 
ATOM   643  O  O   . LYS A 1 111 ? 8.019   10.556  -8.461  1.00 18.63 ? 90  LYS A O   1 
ATOM   644  C  CB  . LYS A 1 111 ? 10.128  12.214  -8.475  1.00 29.98 ? 90  LYS A CB  1 
ATOM   645  C  CG  . LYS A 1 111 ? 11.381  13.077  -8.407  1.00 35.98 ? 90  LYS A CG  1 
ATOM   646  C  CD  . LYS A 1 111 ? 11.138  14.447  -7.848  1.00 42.98 ? 90  LYS A CD  1 
ATOM   647  C  CE  . LYS A 1 111 ? 12.344  15.358  -7.978  1.00 50.93 ? 90  LYS A CE  1 
ATOM   648  N  NZ  . LYS A 1 111 ? 13.205  15.294  -6.773  1.00 51.82 ? 90  LYS A NZ  1 
ATOM   649  N  N   . HIS A 1 112 ? 7.524   10.754  -6.252  1.00 17.45 ? 91  HIS A N   1 
ATOM   650  C  CA  . HIS A 1 112 ? 6.288   9.941   -6.260  1.00 17.73 ? 91  HIS A CA  1 
ATOM   651  C  C   . HIS A 1 112 ? 5.145   10.819  -5.807  1.00 16.95 ? 91  HIS A C   1 
ATOM   652  O  O   . HIS A 1 112 ? 5.370   11.639  -4.907  1.00 16.13 ? 91  HIS A O   1 
ATOM   653  C  CB  . HIS A 1 112 ? 6.366   8.767   -5.295  1.00 19.20 ? 91  HIS A CB  1 
ATOM   654  C  CG  . HIS A 1 112 ? 7.354   7.716   -5.640  1.00 21.35 ? 91  HIS A CG  1 
ATOM   655  N  ND1 . HIS A 1 112 ? 7.707   6.738   -4.734  1.00 25.96 ? 91  HIS A ND1 1 
ATOM   656  C  CD2 . HIS A 1 112 ? 8.056   7.472   -6.771  1.00 23.30 ? 91  HIS A CD2 1 
ATOM   657  C  CE1 . HIS A 1 112 ? 8.570   5.905   -5.311  1.00 27.07 ? 91  HIS A CE1 1 
ATOM   658  N  NE2 . HIS A 1 112 ? 8.824   6.358   -6.550  1.00 23.81 ? 91  HIS A NE2 1 
ATOM   659  N  N   . ARG A 1 113 ? 3.971   10.610  -6.381  1.00 16.67 ? 92  ARG A N   1 
ATOM   660  C  CA  . ARG A 1 113 ? 2.706   11.215  -5.901  1.00 16.74 ? 92  ARG A CA  1 
ATOM   661  C  C   . ARG A 1 113 ? 1.717   10.052  -5.769  1.00 17.04 ? 92  ARG A C   1 
ATOM   662  O  O   . ARG A 1 113 ? 1.357   9.437   -6.789  1.00 19.06 ? 92  ARG A O   1 
ATOM   663  C  CB  . ARG A 1 113 ? 2.248   12.334  -6.836  1.00 17.31 ? 92  ARG A CB  1 
ATOM   664  C  CG  . ARG A 1 113 ? 0.957   13.004  -6.400  1.00 19.20 ? 92  ARG A CG  1 
ATOM   665  C  CD  . ARG A 1 113 ? 0.618   14.281  -7.168  1.00 19.29 ? 92  ARG A CD  1 
ATOM   666  N  NE  . ARG A 1 113 ? 1.628   15.297  -6.973  1.00 21.16 ? 92  ARG A NE  1 
ATOM   667  C  CZ  . ARG A 1 113 ? 2.495   15.723  -7.884  1.00 25.75 ? 92  ARG A CZ  1 
ATOM   668  N  NH1 . ARG A 1 113 ? 2.508   15.217  -9.116  1.00 25.14 ? 92  ARG A NH1 1 
ATOM   669  N  NH2 . ARG A 1 113 ? 3.358   16.660  -7.546  1.00 24.72 ? 92  ARG A NH2 1 
ATOM   670  N  N   . THR A 1 114 ? 1.342   9.725   -4.537  1.00 15.19 ? 93  THR A N   1 
ATOM   671  C  CA  . THR A 1 114 ? 0.594   8.501   -4.201  1.00 14.58 ? 93  THR A CA  1 
ATOM   672  C  C   . THR A 1 114 ? -0.781  8.882   -3.683  1.00 15.20 ? 93  THR A C   1 
ATOM   673  O  O   . THR A 1 114 ? -0.857  9.663   -2.679  1.00 15.47 ? 93  THR A O   1 
ATOM   674  C  CB  . THR A 1 114 ? 1.357   7.648   -3.182  1.00 15.53 ? 93  THR A CB  1 
ATOM   675  O  OG1 . THR A 1 114 ? 2.669   7.497   -3.724  1.00 15.18 ? 93  THR A OG1 1 
ATOM   676  C  CG2 . THR A 1 114 ? 0.704   6.291   -2.961  1.00 15.24 ? 93  THR A CG2 1 
ATOM   677  N  N   . TYR A 1 115 ? -1.804  8.317   -4.309  1.00 14.37 ? 94  TYR A N   1 
ATOM   678  C  CA  . TYR A 1 115 ? -3.175  8.269   -3.757  1.00 15.77 ? 94  TYR A CA  1 
ATOM   679  C  C   . TYR A 1 115 ? -3.253  7.151   -2.739  1.00 15.09 ? 94  TYR A C   1 
ATOM   680  O  O   . TYR A 1 115 ? -2.898  5.996   -3.061  1.00 13.33 ? 94  TYR A O   1 
ATOM   681  C  CB  . TYR A 1 115 ? -4.212  8.008   -4.841  1.00 17.88 ? 94  TYR A CB  1 
ATOM   682  C  CG  . TYR A 1 115 ? -4.449  9.174   -5.753  1.00 22.28 ? 94  TYR A CG  1 
ATOM   683  C  CD1 . TYR A 1 115 ? -3.476  9.590   -6.638  1.00 26.88 ? 94  TYR A CD1 1 
ATOM   684  C  CD2 . TYR A 1 115 ? -5.679  9.811   -5.784  1.00 23.84 ? 94  TYR A CD2 1 
ATOM   685  C  CE1 . TYR A 1 115 ? -3.700  10.654  -7.498  1.00 32.02 ? 94  TYR A CE1 1 
ATOM   686  C  CE2 . TYR A 1 115 ? -5.925  10.857  -6.654  1.00 28.64 ? 94  TYR A CE2 1 
ATOM   687  C  CZ  . TYR A 1 115 ? -4.925  11.293  -7.502  1.00 30.37 ? 94  TYR A CZ  1 
ATOM   688  O  OH  . TYR A 1 115 ? -5.160  12.308  -8.381  1.00 36.01 ? 94  TYR A OH  1 
ATOM   689  N  N   . VAL A 1 116 ? -3.702  7.489   -1.538  1.00 13.05 ? 95  VAL A N   1 
ATOM   690  C  CA  . VAL A 1 116 ? -3.698  6.512   -0.425  1.00 14.42 ? 95  VAL A CA  1 
ATOM   691  C  C   . VAL A 1 116 ? -5.159  6.297   -0.004  1.00 13.85 ? 95  VAL A C   1 
ATOM   692  O  O   . VAL A 1 116 ? -5.854  7.304   0.288   1.00 14.08 ? 95  VAL A O   1 
ATOM   693  C  CB  . VAL A 1 116 ? -2.815  6.981   0.740   1.00 14.11 ? 95  VAL A CB  1 
ATOM   694  C  CG1 . VAL A 1 116 ? -2.942  5.976   1.888   1.00 15.83 ? 95  VAL A CG1 1 
ATOM   695  C  CG2 . VAL A 1 116 ? -1.355  7.146   0.327   1.00 13.87 ? 95  VAL A CG2 1 
ATOM   696  N  N   . TYR A 1 117 ? -5.643  5.072   -0.086  1.00 14.39 ? 96  TYR A N   1 
ATOM   697  C  CA  . TYR A 1 117 ? -7.033  4.739   0.310   1.00 17.41 ? 96  TYR A CA  1 
ATOM   698  C  C   . TYR A 1 117 ? -7.046  3.848   1.542   1.00 19.28 ? 96  TYR A C   1 
ATOM   699  O  O   . TYR A 1 117 ? -6.055  3.173   1.817   1.00 18.52 ? 96  TYR A O   1 
ATOM   700  C  CB  . TYR A 1 117 ? -7.735  3.955   -0.791  1.00 18.18 ? 96  TYR A CB  1 
ATOM   701  C  CG  . TYR A 1 117 ? -8.004  4.746   -2.027  1.00 18.07 ? 96  TYR A CG  1 
ATOM   702  C  CD1 . TYR A 1 117 ? -7.027  4.874   -2.996  1.00 19.14 ? 96  TYR A CD1 1 
ATOM   703  C  CD2 . TYR A 1 117 ? -9.229  5.353   -2.235  1.00 20.80 ? 96  TYR A CD2 1 
ATOM   704  C  CE1 . TYR A 1 117 ? -7.258  5.619   -4.136  1.00 19.90 ? 96  TYR A CE1 1 
ATOM   705  C  CE2 . TYR A 1 117 ? -9.486  6.087   -3.385  1.00 20.43 ? 96  TYR A CE2 1 
ATOM   706  C  CZ  . TYR A 1 117 ? -8.483  6.231   -4.323  1.00 20.95 ? 96  TYR A CZ  1 
ATOM   707  O  OH  . TYR A 1 117 ? -8.676  6.958   -5.459  1.00 24.29 ? 96  TYR A OH  1 
ATOM   708  N  N   . VAL A 1 118 ? -8.190  3.829   2.215   1.00 20.60 ? 97  VAL A N   1 
ATOM   709  C  CA  . VAL A 1 118 ? -8.531  2.856   3.280   1.00 21.04 ? 97  VAL A CA  1 
ATOM   710  C  C   . VAL A 1 118 ? -9.140  1.632   2.585   1.00 18.58 ? 97  VAL A C   1 
ATOM   711  O  O   . VAL A 1 118 ? -9.969  1.787   1.635   1.00 17.95 ? 97  VAL A O   1 
ATOM   712  C  CB  . VAL A 1 118 ? -9.502  3.489   4.296   1.00 23.41 ? 97  VAL A CB  1 
ATOM   713  C  CG1 . VAL A 1 118 ? -10.158 2.461   5.202   1.00 25.09 ? 97  VAL A CG1 1 
ATOM   714  C  CG2 . VAL A 1 118 ? -8.806  4.558   5.104   1.00 24.82 ? 97  VAL A CG2 1 
ATOM   715  N  N   . LEU A 1 119 ? -8.695  0.450   2.967   1.00 17.39 ? 98  LEU A N   1 
ATOM   716  C  CA  A LEU A 1 119 ? -9.370  -0.799  2.543   0.50 17.80 ? 98  LEU A CA  1 
ATOM   717  C  CA  B LEU A 1 119 ? -9.301  -0.827  2.534   0.50 18.46 ? 98  LEU A CA  1 
ATOM   718  C  C   . LEU A 1 119 ? -9.653  -1.612  3.800   1.00 17.53 ? 98  LEU A C   1 
ATOM   719  O  O   . LEU A 1 119 ? -8.770  -1.723  4.639   1.00 17.48 ? 98  LEU A O   1 
ATOM   720  C  CB  A LEU A 1 119 ? -8.534  -1.581  1.520   0.50 18.88 ? 98  LEU A CB  1 
ATOM   721  C  CB  B LEU A 1 119 ? -8.274  -1.551  1.656   0.50 20.52 ? 98  LEU A CB  1 
ATOM   722  C  CG  A LEU A 1 119 ? -9.141  -2.911  1.059   0.50 19.30 ? 98  LEU A CG  1 
ATOM   723  C  CG  B LEU A 1 119 ? -8.758  -2.794  0.914   0.50 22.00 ? 98  LEU A CG  1 
ATOM   724  C  CD1 A LEU A 1 119 ? -9.162  -3.024  -0.462  0.50 20.06 ? 98  LEU A CD1 1 
ATOM   725  C  CD1 B LEU A 1 119 ? -9.070  -3.919  1.884   0.50 23.05 ? 98  LEU A CD1 1 
ATOM   726  C  CD2 A LEU A 1 119 ? -8.394  -4.097  1.653   0.50 20.47 ? 98  LEU A CD2 1 
ATOM   727  C  CD2 B LEU A 1 119 ? -9.963  -2.482  0.044   0.50 23.50 ? 98  LEU A CD2 1 
ATOM   728  N  N   . ILE A 1 120 ? -10.877 -2.124  3.915   1.00 17.99 ? 99  ILE A N   1 
ATOM   729  C  CA  . ILE A 1 120 ? -11.182 -3.050  5.033   1.00 18.45 ? 99  ILE A CA  1 
ATOM   730  C  C   . ILE A 1 120 ? -11.071 -4.460  4.454   1.00 17.09 ? 99  ILE A C   1 
ATOM   731  O  O   . ILE A 1 120 ? -11.827 -4.784  3.511   1.00 17.80 ? 99  ILE A O   1 
ATOM   732  C  CB  . ILE A 1 120 ? -12.557 -2.768  5.645   1.00 21.27 ? 99  ILE A CB  1 
ATOM   733  C  CG1 . ILE A 1 120 ? -12.745 -1.295  6.054   1.00 22.30 ? 99  ILE A CG1 1 
ATOM   734  C  CG2 . ILE A 1 120 ? -12.788 -3.755  6.772   1.00 22.10 ? 99  ILE A CG2 1 
ATOM   735  C  CD1 . ILE A 1 120 ? -11.647 -0.716  6.934   1.00 24.57 ? 99  ILE A CD1 1 
ATOM   736  N  N   . VAL A 1 121 ? -10.157 -5.256  4.987   1.00 16.49 ? 100 VAL A N   1 
ATOM   737  C  CA  . VAL A 1 121 ? -9.823  -6.596  4.424   1.00 18.27 ? 100 VAL A CA  1 
ATOM   738  C  C   . VAL A 1 121 ? -10.970 -7.567  4.751   1.00 18.26 ? 100 VAL A C   1 
ATOM   739  O  O   . VAL A 1 121 ? -11.293 -7.691  5.935   1.00 20.12 ? 100 VAL A O   1 
ATOM   740  C  CB  . VAL A 1 121 ? -8.478  -7.082  4.969   1.00 17.32 ? 100 VAL A CB  1 
ATOM   741  C  CG1 . VAL A 1 121 ? -8.224  -8.529  4.581   1.00 18.69 ? 100 VAL A CG1 1 
ATOM   742  C  CG2 . VAL A 1 121 ? -7.370  -6.151  4.478   1.00 18.05 ? 100 VAL A CG2 1 
ATOM   743  N  N   . THR A 1 122 ? -11.570 -8.181  3.742   1.00 19.69 ? 101 THR A N   1 
ATOM   744  C  CA  . THR A 1 122 ? -12.599 -9.240  3.929   1.00 21.28 ? 101 THR A CA  1 
ATOM   745  C  C   . THR A 1 122 ? -12.153 -10.595 3.358   1.00 21.32 ? 101 THR A C   1 
ATOM   746  O  O   . THR A 1 122 ? -12.843 -11.613 3.635   1.00 20.82 ? 101 THR A O   1 
ATOM   747  C  CB  . THR A 1 122 ? -13.941 -8.777  3.353   1.00 23.15 ? 101 THR A CB  1 
ATOM   748  O  OG1 . THR A 1 122 ? -13.708 -8.733  1.943   1.00 27.18 ? 101 THR A OG1 1 
ATOM   749  C  CG2 . THR A 1 122 ? -14.406 -7.456  3.936   1.00 24.36 ? 101 THR A CG2 1 
ATOM   750  N  N   A GLU A 1 123 ? -11.086 -10.641 2.546   0.50 20.01 ? 102 GLU A N   1 
ATOM   751  N  N   B GLU A 1 123 ? -11.035 -10.637 2.632   0.50 19.81 ? 102 GLU A N   1 
ATOM   752  C  CA  A GLU A 1 123 ? -10.566 -11.901 1.959   0.50 20.15 ? 102 GLU A CA  1 
ATOM   753  C  CA  B GLU A 1 123 ? -10.554 -11.885 2.017   0.50 19.86 ? 102 GLU A CA  1 
ATOM   754  C  C   A GLU A 1 123 ? -9.037  -11.906 2.099   0.50 19.02 ? 102 GLU A C   1 
ATOM   755  C  C   B GLU A 1 123 ? -9.027  -11.909 2.093   0.50 18.91 ? 102 GLU A C   1 
ATOM   756  O  O   A GLU A 1 123 ? -8.396  -10.907 1.724   0.50 16.93 ? 102 GLU A O   1 
ATOM   757  O  O   B GLU A 1 123 ? -8.388  -10.936 1.656   0.50 16.96 ? 102 GLU A O   1 
ATOM   758  C  CB  A GLU A 1 123 ? -11.038 -12.086 0.504   0.50 22.72 ? 102 GLU A CB  1 
ATOM   759  C  CB  B GLU A 1 123 ? -11.089 -12.001 0.590   0.50 22.36 ? 102 GLU A CB  1 
ATOM   760  C  CG  A GLU A 1 123 ? -12.554 -12.174 0.360   0.50 23.86 ? 102 GLU A CG  1 
ATOM   761  C  CG  B GLU A 1 123 ? -10.463 -13.132 -0.189  0.50 22.90 ? 102 GLU A CG  1 
ATOM   762  C  CD  A GLU A 1 123 ? -13.162 -12.266 -1.035  0.50 26.52 ? 102 GLU A CD  1 
ATOM   763  C  CD  B GLU A 1 123 ? -10.781 -13.133 -1.676  0.50 26.30 ? 102 GLU A CD  1 
ATOM   764  O  OE1 A GLU A 1 123 ? -12.399 -12.167 -2.018  0.50 27.45 ? 102 GLU A OE1 1 
ATOM   765  O  OE1 B GLU A 1 123 ? -11.813 -12.548 -2.068  0.50 26.94 ? 102 GLU A OE1 1 
ATOM   766  O  OE2 A GLU A 1 123 ? -14.423 -12.448 -1.139  0.50 27.16 ? 102 GLU A OE2 1 
ATOM   767  O  OE2 B GLU A 1 123 ? -10.006 -13.752 -2.439  0.50 29.66 ? 102 GLU A OE2 1 
ATOM   768  N  N   . VAL A 1 124 ? -8.480  -12.982 2.652   1.00 16.41 ? 103 VAL A N   1 
ATOM   769  C  CA  . VAL A 1 124 ? -7.013  -13.195 2.730   1.00 18.05 ? 103 VAL A CA  1 
ATOM   770  C  C   . VAL A 1 124 ? -6.693  -14.415 1.886   1.00 18.25 ? 103 VAL A C   1 
ATOM   771  O  O   . VAL A 1 124 ? -7.187  -15.490 2.248   1.00 18.51 ? 103 VAL A O   1 
ATOM   772  C  CB  . VAL A 1 124 ? -6.520  -13.346 4.177   1.00 17.78 ? 103 VAL A CB  1 
ATOM   773  C  CG1 . VAL A 1 124 ? -5.005  -13.591 4.227   1.00 18.99 ? 103 VAL A CG1 1 
ATOM   774  C  CG2 . VAL A 1 124 ? -6.922  -12.118 4.990   1.00 18.59 ? 103 VAL A CG2 1 
ATOM   775  N  N   . LEU A 1 125 ? -5.930  -14.243 0.814   1.00 17.98 ? 104 LEU A N   1 
ATOM   776  C  CA  . LEU A 1 125 ? -5.564  -15.347 -0.107  1.00 22.53 ? 104 LEU A CA  1 
ATOM   777  C  C   . LEU A 1 125 ? -4.238  -15.940 0.340   1.00 25.47 ? 104 LEU A C   1 
ATOM   778  O  O   . LEU A 1 125 ? -3.371  -15.175 0.791   1.00 26.31 ? 104 LEU A O   1 
ATOM   779  C  CB  . LEU A 1 125 ? -5.455  -14.856 -1.553  1.00 27.69 ? 104 LEU A CB  1 
ATOM   780  C  CG  . LEU A 1 125 ? -6.772  -14.492 -2.225  1.00 32.09 ? 104 LEU A CG  1 
ATOM   781  C  CD1 . LEU A 1 125 ? -6.501  -14.038 -3.653  1.00 39.33 ? 104 LEU A CD1 1 
ATOM   782  C  CD2 . LEU A 1 125 ? -7.748  -15.668 -2.204  1.00 34.75 ? 104 LEU A CD2 1 
ATOM   783  N  N   . GLU A 1 126 ? -4.060  -17.254 0.195   1.00 25.53 ? 105 GLU A N   1 
ATOM   784  C  CA  . GLU A 1 126 ? -2.866  -17.934 0.755   1.00 31.83 ? 105 GLU A CA  1 
ATOM   785  C  C   . GLU A 1 126 ? -1.639  -17.867 -0.165  1.00 32.58 ? 105 GLU A C   1 
ATOM   786  O  O   . GLU A 1 126 ? -0.516  -17.886 0.425   1.00 37.86 ? 105 GLU A O   1 
ATOM   787  C  CB  . GLU A 1 126 ? -3.186  -19.363 1.182   1.00 36.76 ? 105 GLU A CB  1 
ATOM   788  C  CG  . GLU A 1 126 ? -3.938  -19.398 2.504   1.00 47.42 ? 105 GLU A CG  1 
ATOM   789  C  CD  . GLU A 1 126 ? -3.693  -18.219 3.448   1.00 54.04 ? 105 GLU A CD  1 
ATOM   790  O  OE1 . GLU A 1 126 ? -4.682  -17.688 4.049   1.00 48.83 ? 105 GLU A OE1 1 
ATOM   791  O  OE2 . GLU A 1 126 ? -2.514  -17.828 3.594   1.00 55.50 ? 105 GLU A OE2 1 
ATOM   792  N  N   . ASP A 1 127 ? -1.798  -17.784 -1.484  1.00 34.05 ? 106 ASP A N   1 
ATOM   793  C  CA  . ASP A 1 127 ? -0.672  -17.926 -2.460  1.00 40.38 ? 106 ASP A CA  1 
ATOM   794  C  C   . ASP A 1 127 ? -0.795  -16.900 -3.596  1.00 40.78 ? 106 ASP A C   1 
ATOM   795  O  O   . ASP A 1 127 ? -1.077  -17.308 -4.740  1.00 55.55 ? 106 ASP A O   1 
ATOM   796  C  CB  . ASP A 1 127 ? -0.640  -19.319 -3.097  1.00 43.05 ? 106 ASP A CB  1 
ATOM   797  C  CG  . ASP A 1 127 ? -0.291  -20.432 -2.129  1.00 47.55 ? 106 ASP A CG  1 
ATOM   798  O  OD1 . ASP A 1 127 ? 0.762   -20.315 -1.455  1.00 50.52 ? 106 ASP A OD1 1 
ATOM   799  O  OD2 . ASP A 1 127 ? -1.069  -21.407 -2.062  1.00 51.75 ? 106 ASP A OD2 1 
ATOM   800  N  N   . TRP A 1 128 ? -0.453  -15.649 -3.321  1.00 30.58 ? 107 TRP A N   1 
ATOM   801  C  CA  . TRP A 1 128 ? -0.734  -14.470 -4.178  1.00 27.49 ? 107 TRP A CA  1 
ATOM   802  C  C   . TRP A 1 128 ? 0.463   -14.180 -5.105  1.00 25.92 ? 107 TRP A C   1 
ATOM   803  O  O   . TRP A 1 128 ? 1.543   -14.763 -4.915  1.00 25.34 ? 107 TRP A O   1 
ATOM   804  C  CB  . TRP A 1 128 ? -1.123  -13.264 -3.283  1.00 25.71 ? 107 TRP A CB  1 
ATOM   805  C  CG  . TRP A 1 128 ? -0.043  -12.724 -2.381  1.00 23.68 ? 107 TRP A CG  1 
ATOM   806  C  CD1 . TRP A 1 128 ? 0.723   -11.618 -2.604  1.00 23.92 ? 107 TRP A CD1 1 
ATOM   807  C  CD2 . TRP A 1 128 ? 0.346   -13.201 -1.081  1.00 24.00 ? 107 TRP A CD2 1 
ATOM   808  N  NE1 . TRP A 1 128 ? 1.580   -11.405 -1.565  1.00 22.47 ? 107 TRP A NE1 1 
ATOM   809  C  CE2 . TRP A 1 128 ? 1.382   -12.358 -0.616  1.00 23.01 ? 107 TRP A CE2 1 
ATOM   810  C  CE3 . TRP A 1 128 ? -0.039  -14.284 -0.283  1.00 24.81 ? 107 TRP A CE3 1 
ATOM   811  C  CZ2 . TRP A 1 128 ? 2.029   -12.556 0.605   1.00 24.61 ? 107 TRP A CZ2 1 
ATOM   812  C  CZ3 . TRP A 1 128 ? 0.602   -14.487 0.921   1.00 27.73 ? 107 TRP A CZ3 1 
ATOM   813  C  CH2 . TRP A 1 128 ? 1.616   -13.627 1.362   1.00 28.85 ? 107 TRP A CH2 1 
ATOM   814  N  N   . GLU A 1 129 ? 0.276   -13.292 -6.072  1.00 28.47 ? 108 GLU A N   1 
ATOM   815  C  CA  . GLU A 1 129 ? 1.272   -13.010 -7.140  1.00 31.86 ? 108 GLU A CA  1 
ATOM   816  C  C   . GLU A 1 129 ? 2.674   -12.798 -6.532  1.00 31.49 ? 108 GLU A C   1 
ATOM   817  O  O   . GLU A 1 129 ? 3.619   -13.507 -6.948  1.00 29.29 ? 108 GLU A O   1 
ATOM   818  C  CB  . GLU A 1 129 ? 0.792   -11.804 -7.936  1.00 37.75 ? 108 GLU A CB  1 
ATOM   819  C  CG  . GLU A 1 129 ? 1.585   -11.549 -9.191  1.00 43.37 ? 108 GLU A CG  1 
ATOM   820  C  CD  . GLU A 1 129 ? 0.831   -10.653 -10.152 1.00 51.01 ? 108 GLU A CD  1 
ATOM   821  O  OE1 . GLU A 1 129 ? -0.360  -10.932 -10.388 1.00 59.62 ? 108 GLU A OE1 1 
ATOM   822  O  OE2 . GLU A 1 129 ? 1.424   -9.669  -10.638 1.00 57.74 ? 108 GLU A OE2 1 
ATOM   823  N  N   . ASP A 1 130 ? 2.842   -11.882 -5.569  1.00 27.07 ? 109 ASP A N   1 
ATOM   824  C  CA  . ASP A 1 130 ? 4.204   -11.534 -5.057  1.00 29.57 ? 109 ASP A CA  1 
ATOM   825  C  C   . ASP A 1 130 ? 4.755   -12.598 -4.098  1.00 28.58 ? 109 ASP A C   1 
ATOM   826  O  O   . ASP A 1 130 ? 5.999   -12.646 -3.921  1.00 28.64 ? 109 ASP A O   1 
ATOM   827  C  CB  . ASP A 1 130 ? 4.272   -10.140 -4.446  1.00 29.81 ? 109 ASP A CB  1 
ATOM   828  C  CG  . ASP A 1 130 ? 4.298   -9.037  -5.491  1.00 32.00 ? 109 ASP A CG  1 
ATOM   829  O  OD1 . ASP A 1 130 ? 4.178   -9.369  -6.691  1.00 30.70 ? 109 ASP A OD1 1 
ATOM   830  O  OD2 . ASP A 1 130 ? 4.376   -7.860  -5.092  1.00 26.62 ? 109 ASP A OD2 1 
ATOM   831  N  N   . SER A 1 131 ? 3.910   -13.400 -3.451  1.00 28.08 ? 110 SER A N   1 
ATOM   832  C  CA  A SER A 1 131 ? 4.370   -14.533 -2.612  0.50 29.45 ? 110 SER A CA  1 
ATOM   833  C  CA  B SER A 1 131 ? 4.400   -14.518 -2.602  0.50 29.09 ? 110 SER A CA  1 
ATOM   834  C  C   . SER A 1 131 ? 5.061   -15.564 -3.513  1.00 30.44 ? 110 SER A C   1 
ATOM   835  O  O   . SER A 1 131 ? 6.152   -16.000 -3.175  1.00 33.93 ? 110 SER A O   1 
ATOM   836  C  CB  A SER A 1 131 ? 3.226   -15.154 -1.866  0.50 28.52 ? 110 SER A CB  1 
ATOM   837  C  CB  B SER A 1 131 ? 3.324   -15.128 -1.720  0.50 27.86 ? 110 SER A CB  1 
ATOM   838  O  OG  A SER A 1 131 ? 3.706   -16.167 -1.012  0.50 28.37 ? 110 SER A OG  1 
ATOM   839  O  OG  B SER A 1 131 ? 2.409   -15.920 -2.459  0.50 26.79 ? 110 SER A OG  1 
ATOM   840  N  N   . VAL A 1 132 ? 4.410   -15.889 -4.624  1.00 32.54 ? 111 VAL A N   1 
ATOM   841  C  CA  . VAL A 1 132 ? 4.885   -16.889 -5.624  1.00 37.71 ? 111 VAL A CA  1 
ATOM   842  C  C   . VAL A 1 132 ? 6.128   -16.338 -6.337  1.00 35.57 ? 111 VAL A C   1 
ATOM   843  O  O   . VAL A 1 132 ? 7.122   -17.076 -6.403  1.00 37.55 ? 111 VAL A O   1 
ATOM   844  C  CB  . VAL A 1 132 ? 3.749   -17.256 -6.593  1.00 38.17 ? 111 VAL A CB  1 
ATOM   845  C  CG1 . VAL A 1 132 ? 4.229   -18.140 -7.737  1.00 40.07 ? 111 VAL A CG1 1 
ATOM   846  C  CG2 . VAL A 1 132 ? 2.603   -17.925 -5.840  1.00 38.79 ? 111 VAL A CG2 1 
ATOM   847  N  N   . ASN A 1 133 ? 6.103   -15.074 -6.775  1.00 33.39 ? 112 ASN A N   1 
ATOM   848  C  CA  . ASN A 1 133 ? 7.121   -14.491 -7.691  1.00 37.59 ? 112 ASN A CA  1 
ATOM   849  C  C   . ASN A 1 133 ? 8.373   -14.023 -6.936  1.00 40.57 ? 112 ASN A C   1 
ATOM   850  O  O   . ASN A 1 133 ? 9.466   -14.111 -7.545  1.00 38.99 ? 112 ASN A O   1 
ATOM   851  C  CB  . ASN A 1 133 ? 6.551   -13.345 -8.528  1.00 40.46 ? 112 ASN A CB  1 
ATOM   852  C  CG  . ASN A 1 133 ? 5.589   -13.832 -9.589  1.00 46.53 ? 112 ASN A CG  1 
ATOM   853  O  OD1 . ASN A 1 133 ? 5.527   -15.027 -9.871  1.00 52.46 ? 112 ASN A OD1 1 
ATOM   854  N  ND2 . ASN A 1 133 ? 4.846   -12.916 -10.192 1.00 48.66 ? 112 ASN A ND2 1 
ATOM   855  N  N   . ILE A 1 134 ? 8.258   -13.489 -5.711  1.00 33.67 ? 113 ILE A N   1 
ATOM   856  C  CA  . ILE A 1 134 ? 9.446   -12.903 -5.028  1.00 33.82 ? 113 ILE A CA  1 
ATOM   857  C  C   . ILE A 1 134 ? 9.480   -13.266 -3.546  1.00 31.12 ? 113 ILE A C   1 
ATOM   858  O  O   . ILE A 1 134 ? 10.392  -12.786 -2.872  1.00 35.64 ? 113 ILE A O   1 
ATOM   859  C  CB  . ILE A 1 134 ? 9.541   -11.385 -5.293  1.00 37.61 ? 113 ILE A CB  1 
ATOM   860  C  CG1 . ILE A 1 134 ? 8.410   -10.577 -4.652  1.00 38.70 ? 113 ILE A CG1 1 
ATOM   861  C  CG2 . ILE A 1 134 ? 9.605   -11.107 -6.788  1.00 37.35 ? 113 ILE A CG2 1 
ATOM   862  C  CD1 . ILE A 1 134 ? 8.735   -9.114  -4.533  1.00 40.86 ? 113 ILE A CD1 1 
ATOM   863  N  N   . GLY A 1 135 ? 8.569   -14.108 -3.054  1.00 29.59 ? 114 GLY A N   1 
ATOM   864  C  CA  . GLY A 1 135 ? 8.547   -14.483 -1.630  1.00 28.92 ? 114 GLY A CA  1 
ATOM   865  C  C   . GLY A 1 135 ? 8.222   -13.288 -0.727  1.00 28.32 ? 114 GLY A C   1 
ATOM   866  O  O   . GLY A 1 135 ? 8.623   -13.303 0.431   1.00 26.69 ? 114 GLY A O   1 
ATOM   867  N  N   . ARG A 1 136 ? 7.428   -12.336 -1.206  1.00 27.43 ? 115 ARG A N   1 
ATOM   868  C  CA  . ARG A 1 136 ? 7.022   -11.185 -0.362  1.00 25.48 ? 115 ARG A CA  1 
ATOM   869  C  C   . ARG A 1 136 ? 6.253   -11.646 0.886   1.00 24.10 ? 115 ARG A C   1 
ATOM   870  O  O   . ARG A 1 136 ? 5.377   -12.451 0.757   1.00 27.38 ? 115 ARG A O   1 
ATOM   871  C  CB  . ARG A 1 136 ? 6.183   -10.187 -1.161  1.00 25.36 ? 115 ARG A CB  1 
ATOM   872  C  CG  . ARG A 1 136 ? 6.330   -8.772  -0.640  1.00 27.26 ? 115 ARG A CG  1 
ATOM   873  C  CD  . ARG A 1 136 ? 5.449   -7.691  -1.179  1.00 26.84 ? 115 ARG A CD  1 
ATOM   874  N  NE  . ARG A 1 136 ? 5.705   -7.267  -2.528  1.00 27.20 ? 115 ARG A NE  1 
ATOM   875  C  CZ  . ARG A 1 136 ? 6.474   -6.274  -2.897  1.00 25.46 ? 115 ARG A CZ  1 
ATOM   876  N  NH1 . ARG A 1 136 ? 7.177   -5.600  -2.018  1.00 25.37 ? 115 ARG A NH1 1 
ATOM   877  N  NH2 . ARG A 1 136 ? 6.554   -5.981  -4.173  1.00 30.04 ? 115 ARG A NH2 1 
ATOM   878  N  N   . LYS A 1 137 ? 6.601   -11.128 2.052   1.00 23.69 ? 116 LYS A N   1 
ATOM   879  C  CA  . LYS A 1 137 ? 5.906   -11.440 3.330   1.00 24.62 ? 116 LYS A CA  1 
ATOM   880  C  C   . LYS A 1 137 ? 4.859   -10.358 3.657   1.00 22.41 ? 116 LYS A C   1 
ATOM   881  O  O   . LYS A 1 137 ? 4.978   -9.227  3.164   1.00 18.75 ? 116 LYS A O   1 
ATOM   882  C  CB  . LYS A 1 137 ? 6.929   -11.511 4.466   1.00 31.32 ? 116 LYS A CB  1 
ATOM   883  C  CG  . LYS A 1 137 ? 8.098   -12.460 4.197   1.00 38.22 ? 116 LYS A CG  1 
ATOM   884  C  CD  . LYS A 1 137 ? 8.947   -12.727 5.438   1.00 46.32 ? 116 LYS A CD  1 
ATOM   885  C  CE  . LYS A 1 137 ? 9.604   -11.483 6.003   1.00 49.58 ? 116 LYS A CE  1 
ATOM   886  N  NZ  . LYS A 1 137 ? 10.609  -10.916 5.067   1.00 50.96 ? 116 LYS A NZ  1 
ATOM   887  N  N   . ARG A 1 138 ? 3.923   -10.683 4.545   1.00 20.74 ? 117 ARG A N   1 
ATOM   888  C  CA  . ARG A 1 138 ? 2.906   -9.730  5.034   1.00 20.60 ? 117 ARG A CA  1 
ATOM   889  C  C   . ARG A 1 138 ? 2.690   -9.998  6.516   1.00 21.22 ? 117 ARG A C   1 
ATOM   890  O  O   . ARG A 1 138 ? 2.870   -11.133 6.940   1.00 24.85 ? 117 ARG A O   1 
ATOM   891  C  CB  . ARG A 1 138 ? 1.616   -9.865  4.220   1.00 20.89 ? 117 ARG A CB  1 
ATOM   892  C  CG  . ARG A 1 138 ? 0.939   -11.202 4.437   1.00 19.89 ? 117 ARG A CG  1 
ATOM   893  C  CD  . ARG A 1 138 ? -0.175  -11.455 3.468   1.00 20.78 ? 117 ARG A CD  1 
ATOM   894  N  NE  . ARG A 1 138 ? -0.677  -12.806 3.693   1.00 20.88 ? 117 ARG A NE  1 
ATOM   895  C  CZ  . ARG A 1 138 ? -1.610  -13.387 2.955   1.00 19.30 ? 117 ARG A CZ  1 
ATOM   896  N  NH1 . ARG A 1 138 ? -2.156  -12.747 1.941   1.00 18.23 ? 117 ARG A NH1 1 
ATOM   897  N  NH2 . ARG A 1 138 ? -1.937  -14.645 3.184   1.00 22.39 ? 117 ARG A NH2 1 
ATOM   898  N  N   . GLU A 1 139 ? 2.283   -8.982  7.254   1.00 20.90 ? 118 GLU A N   1 
ATOM   899  C  CA  . GLU A 1 139 ? 2.151   -9.049  8.717   1.00 21.45 ? 118 GLU A CA  1 
ATOM   900  C  C   . GLU A 1 139 ? 1.206   -7.949  9.167   1.00 20.66 ? 118 GLU A C   1 
ATOM   901  O  O   . GLU A 1 139 ? 1.271   -6.837  8.594   1.00 17.99 ? 118 GLU A O   1 
ATOM   902  C  CB  . GLU A 1 139 ? 3.535   -8.927  9.346   1.00 26.90 ? 118 GLU A CB  1 
ATOM   903  C  CG  . GLU A 1 139 ? 3.521   -9.066  10.851  1.00 33.62 ? 118 GLU A CG  1 
ATOM   904  C  CD  . GLU A 1 139 ? 4.921   -9.252  11.414  1.00 42.12 ? 118 GLU A CD  1 
ATOM   905  O  OE1 . GLU A 1 139 ? 5.740   -9.903  10.720  1.00 52.75 ? 118 GLU A OE1 1 
ATOM   906  O  OE2 . GLU A 1 139 ? 5.193   -8.746  12.522  1.00 47.54 ? 118 GLU A OE2 1 
ATOM   907  N  N   . TRP A 1 140 ? 0.312   -8.292  10.085  1.00 18.43 ? 119 TRP A N   1 
ATOM   908  C  CA  . TRP A 1 140 ? -0.552  -7.327  10.805  1.00 20.46 ? 119 TRP A CA  1 
ATOM   909  C  C   . TRP A 1 140 ? 0.296   -6.560  11.820  1.00 21.75 ? 119 TRP A C   1 
ATOM   910  O  O   . TRP A 1 140 ? 1.092   -7.182  12.561  1.00 22.95 ? 119 TRP A O   1 
ATOM   911  C  CB  . TRP A 1 140 ? -1.712  -8.049  11.513  1.00 21.99 ? 119 TRP A CB  1 
ATOM   912  C  CG  . TRP A 1 140 ? -2.674  -8.688  10.569  1.00 22.53 ? 119 TRP A CG  1 
ATOM   913  C  CD1 . TRP A 1 140 ? -2.916  -10.022 10.438  1.00 25.18 ? 119 TRP A CD1 1 
ATOM   914  C  CD2 . TRP A 1 140 ? -3.542  -8.024  9.624   1.00 21.37 ? 119 TRP A CD2 1 
ATOM   915  N  NE1 . TRP A 1 140 ? -3.884  -10.230 9.496   1.00 24.67 ? 119 TRP A NE1 1 
ATOM   916  C  CE2 . TRP A 1 140 ? -4.276  -9.032  8.967   1.00 22.46 ? 119 TRP A CE2 1 
ATOM   917  C  CE3 . TRP A 1 140 ? -3.745  -6.690  9.258   1.00 20.95 ? 119 TRP A CE3 1 
ATOM   918  C  CZ2 . TRP A 1 140 ? -5.207  -8.751  7.967   1.00 22.22 ? 119 TRP A CZ2 1 
ATOM   919  C  CZ3 . TRP A 1 140 ? -4.672  -6.408  8.272   1.00 20.69 ? 119 TRP A CZ3 1 
ATOM   920  C  CH2 . TRP A 1 140 ? -5.380  -7.427  7.635   1.00 21.04 ? 119 TRP A CH2 1 
ATOM   921  N  N   . PHE A 1 141 ? 0.124   -5.254  11.853  1.00 20.54 ? 120 PHE A N   1 
ATOM   922  C  CA  . PHE A 1 141 ? 0.759   -4.340  12.817  1.00 21.22 ? 120 PHE A CA  1 
ATOM   923  C  C   . PHE A 1 141 ? -0.349  -3.523  13.452  1.00 22.23 ? 120 PHE A C   1 
ATOM   924  O  O   . PHE A 1 141 ? -1.204  -3.023  12.721  1.00 22.08 ? 120 PHE A O   1 
ATOM   925  C  CB  . PHE A 1 141 ? 1.754   -3.403  12.132  1.00 19.62 ? 120 PHE A CB  1 
ATOM   926  C  CG  . PHE A 1 141 ? 3.035   -4.054  11.718  1.00 21.00 ? 120 PHE A CG  1 
ATOM   927  C  CD1 . PHE A 1 141 ? 3.121   -4.751  10.526  1.00 20.94 ? 120 PHE A CD1 1 
ATOM   928  C  CD2 . PHE A 1 141 ? 4.170   -3.972  12.508  1.00 22.90 ? 120 PHE A CD2 1 
ATOM   929  C  CE1 . PHE A 1 141 ? 4.304   -5.366  10.136  1.00 20.45 ? 120 PHE A CE1 1 
ATOM   930  C  CE2 . PHE A 1 141 ? 5.347   -4.606  12.126  1.00 22.15 ? 120 PHE A CE2 1 
ATOM   931  C  CZ  . PHE A 1 141 ? 5.417   -5.282  10.931  1.00 21.86 ? 120 PHE A CZ  1 
ATOM   932  N  N   . LYS A 1 142 ? -0.304  -3.354  14.765  1.00 22.62 ? 121 LYS A N   1 
ATOM   933  C  CA  . LYS A 1 142 ? -0.987  -2.225  15.430  1.00 24.83 ? 121 LYS A CA  1 
ATOM   934  C  C   . LYS A 1 142 ? -0.490  -0.950  14.764  1.00 23.29 ? 121 LYS A C   1 
ATOM   935  O  O   . LYS A 1 142 ? 0.723   -0.916  14.469  1.00 19.70 ? 121 LYS A O   1 
ATOM   936  C  CB  . LYS A 1 142 ? -0.619  -2.120  16.912  1.00 31.58 ? 121 LYS A CB  1 
ATOM   937  C  CG  . LYS A 1 142 ? -1.339  -3.066  17.853  1.00 39.62 ? 121 LYS A CG  1 
ATOM   938  C  CD  . LYS A 1 142 ? -1.338  -2.525  19.287  1.00 44.68 ? 121 LYS A CD  1 
ATOM   939  C  CE  . LYS A 1 142 ? -1.830  -3.529  20.305  1.00 51.08 ? 121 LYS A CE  1 
ATOM   940  N  NZ  . LYS A 1 142 ? -1.064  -4.795  20.202  1.00 60.20 ? 121 LYS A NZ  1 
ATOM   941  N  N   . ILE A 1 143 ? -1.359  0.058   14.605  1.00 22.09 ? 122 ILE A N   1 
ATOM   942  C  CA  . ILE A 1 143 ? -1.068  1.352   13.922  1.00 25.82 ? 122 ILE A CA  1 
ATOM   943  C  C   . ILE A 1 143 ? 0.246   1.947   14.454  1.00 27.09 ? 122 ILE A C   1 
ATOM   944  O  O   . ILE A 1 143 ? 1.074   2.358   13.631  1.00 24.19 ? 122 ILE A O   1 
ATOM   945  C  CB  . ILE A 1 143 ? -2.217  2.372   14.070  1.00 30.40 ? 122 ILE A CB  1 
ATOM   946  C  CG1 . ILE A 1 143 ? -3.574  1.787   13.677  1.00 32.41 ? 122 ILE A CG1 1 
ATOM   947  C  CG2 . ILE A 1 143 ? -1.908  3.635   13.280  1.00 32.13 ? 122 ILE A CG2 1 
ATOM   948  C  CD1 . ILE A 1 143 ? -3.533  0.977   12.404  1.00 33.76 ? 122 ILE A CD1 1 
ATOM   949  N  N   . GLU A 1 144 ? 0.424   2.027   15.776  1.00 27.95 ? 123 GLU A N   1 
ATOM   950  C  CA  . GLU A 1 144 ? 1.622   2.672   16.376  1.00 30.31 ? 123 GLU A CA  1 
ATOM   951  C  C   . GLU A 1 144 ? 2.883   1.887   16.006  1.00 26.24 ? 123 GLU A C   1 
ATOM   952  O  O   . GLU A 1 144 ? 3.928   2.540   15.696  1.00 24.22 ? 123 GLU A O   1 
ATOM   953  C  CB  . GLU A 1 144 ? 1.415   2.852   17.882  1.00 37.49 ? 123 GLU A CB  1 
ATOM   954  C  CG  . GLU A 1 144 ? 0.410   3.960   18.186  1.00 45.80 ? 123 GLU A CG  1 
ATOM   955  C  CD  . GLU A 1 144 ? 0.694   5.303   17.519  1.00 56.17 ? 123 GLU A CD  1 
ATOM   956  O  OE1 . GLU A 1 144 ? 1.878   5.724   17.515  1.00 60.61 ? 123 GLU A OE1 1 
ATOM   957  O  OE2 . GLU A 1 144 ? -0.263  5.932   16.992  1.00 58.63 ? 123 GLU A OE2 1 
ATOM   958  N  N   . ASP A 1 145 ? 2.806   0.556   15.958  1.00 25.24 ? 124 ASP A N   1 
ATOM   959  C  CA  . ASP A 1 145 ? 3.952   -0.285  15.525  1.00 25.22 ? 124 ASP A CA  1 
ATOM   960  C  C   . ASP A 1 145 ? 4.187   -0.092  14.026  1.00 21.85 ? 124 ASP A C   1 
ATOM   961  O  O   . ASP A 1 145 ? 5.353   -0.055  13.658  1.00 20.03 ? 124 ASP A O   1 
ATOM   962  C  CB  . ASP A 1 145 ? 3.788   -1.763  15.882  1.00 27.52 ? 124 ASP A CB  1 
ATOM   963  C  CG  . ASP A 1 145 ? 3.765   -1.996  17.389  1.00 33.98 ? 124 ASP A CG  1 
ATOM   964  O  OD1 . ASP A 1 145 ? 4.424   -1.218  18.094  1.00 36.21 ? 124 ASP A OD1 1 
ATOM   965  O  OD2 . ASP A 1 145 ? 3.048   -2.920  17.846  1.00 38.57 ? 124 ASP A OD2 1 
ATOM   966  N  N   . ALA A 1 146 ? 3.145   0.009   13.184  1.00 20.17 ? 125 ALA A N   1 
ATOM   967  C  CA  . ALA A 1 146 ? 3.335   0.277   11.735  1.00 17.94 ? 125 ALA A CA  1 
ATOM   968  C  C   . ALA A 1 146 ? 4.149   1.569   11.549  1.00 18.52 ? 125 ALA A C   1 
ATOM   969  O  O   . ALA A 1 146 ? 5.143   1.578   10.769  1.00 18.51 ? 125 ALA A O   1 
ATOM   970  C  CB  . ALA A 1 146 ? 2.004   0.355   11.007  1.00 18.73 ? 125 ALA A CB  1 
ATOM   971  N  N   . ILE A 1 147 ? 3.705   2.655   12.170  1.00 16.78 ? 126 ILE A N   1 
ATOM   972  C  CA  . ILE A 1 147 ? 4.365   3.986   12.084  1.00 19.96 ? 126 ILE A CA  1 
ATOM   973  C  C   . ILE A 1 147 ? 5.832   3.806   12.510  1.00 20.09 ? 126 ILE A C   1 
ATOM   974  O  O   . ILE A 1 147 ? 6.719   4.237   11.759  1.00 22.35 ? 126 ILE A O   1 
ATOM   975  C  CB  . ILE A 1 147 ? 3.623   5.012   12.958  1.00 22.42 ? 126 ILE A CB  1 
ATOM   976  C  CG1 . ILE A 1 147 ? 2.234   5.297   12.405  1.00 24.11 ? 126 ILE A CG1 1 
ATOM   977  C  CG2 . ILE A 1 147 ? 4.448   6.294   13.143  1.00 23.90 ? 126 ILE A CG2 1 
ATOM   978  C  CD1 . ILE A 1 147 ? 1.366   6.101   13.339  1.00 26.51 ? 126 ILE A CD1 1 
ATOM   979  N  N   . LYS A 1 148 ? 6.088   3.044   13.581  1.00 20.70 ? 127 LYS A N   1 
ATOM   980  C  CA  . LYS A 1 148 ? 7.466   2.848   14.093  1.00 21.15 ? 127 LYS A CA  1 
ATOM   981  C  C   . LYS A 1 148 ? 8.350   2.171   13.046  1.00 19.91 ? 127 LYS A C   1 
ATOM   982  O  O   . LYS A 1 148 ? 9.457   2.710   12.794  1.00 21.02 ? 127 LYS A O   1 
ATOM   983  C  CB  . LYS A 1 148 ? 7.467   2.047   15.395  1.00 24.11 ? 127 LYS A CB  1 
ATOM   984  C  CG  . LYS A 1 148 ? 7.119   2.887   16.610  1.00 27.63 ? 127 LYS A CG  1 
ATOM   985  C  CD  . LYS A 1 148 ? 7.198   2.075   17.884  1.00 31.54 ? 127 LYS A CD  1 
ATOM   986  C  CE  . LYS A 1 148 ? 6.755   2.874   19.083  1.00 36.82 ? 127 LYS A CE  1 
ATOM   987  N  NZ  . LYS A 1 148 ? 6.783   2.009   20.285  1.00 41.26 ? 127 LYS A NZ  1 
ATOM   988  N  N   . VAL A 1 149 ? 7.913   1.045   12.473  1.00 17.47 ? 128 VAL A N   1 
ATOM   989  C  CA  . VAL A 1 149 ? 8.755   0.282   11.508  1.00 19.12 ? 128 VAL A CA  1 
ATOM   990  C  C   . VAL A 1 149 ? 8.886   1.011   10.153  1.00 18.76 ? 128 VAL A C   1 
ATOM   991  O  O   . VAL A 1 149 ? 9.879   0.678   9.413   1.00 17.22 ? 128 VAL A O   1 
ATOM   992  C  CB  . VAL A 1 149 ? 8.328   -1.196  11.370  1.00 20.51 ? 128 VAL A CB  1 
ATOM   993  C  CG1 . VAL A 1 149 ? 8.469   -1.905  12.712  1.00 22.90 ? 128 VAL A CG1 1 
ATOM   994  C  CG2 . VAL A 1 149 ? 6.924   -1.403  10.787  1.00 20.20 ? 128 VAL A CG2 1 
ATOM   995  N  N   . LEU A 1 150 ? 7.995   1.961   9.820   1.00 15.89 ? 129 LEU A N   1 
ATOM   996  C  CA  . LEU A 1 150 ? 8.035   2.683   8.518   1.00 17.05 ? 129 LEU A CA  1 
ATOM   997  C  C   . LEU A 1 150 ? 8.970   3.900   8.614   1.00 18.41 ? 129 LEU A C   1 
ATOM   998  O  O   . LEU A 1 150 ? 9.466   4.323   7.573   1.00 18.60 ? 129 LEU A O   1 
ATOM   999  C  CB  . LEU A 1 150 ? 6.627   3.134   8.115   1.00 17.57 ? 129 LEU A CB  1 
ATOM   1000 C  CG  . LEU A 1 150 ? 5.700   2.000   7.705   1.00 17.15 ? 129 LEU A CG  1 
ATOM   1001 C  CD1 . LEU A 1 150 ? 4.275   2.484   7.642   1.00 16.90 ? 129 LEU A CD1 1 
ATOM   1002 C  CD2 . LEU A 1 150 ? 6.149   1.418   6.360   1.00 18.12 ? 129 LEU A CD2 1 
ATOM   1003 N  N   . GLN A 1 151 ? 9.181   4.440   9.809   1.00 17.81 ? 130 GLN A N   1 
ATOM   1004 C  CA  . GLN A 1 151 ? 9.769   5.785   10.024  1.00 21.93 ? 130 GLN A CA  1 
ATOM   1005 C  C   . GLN A 1 151 ? 11.165  5.906   9.402   1.00 20.63 ? 130 GLN A C   1 
ATOM   1006 O  O   . GLN A 1 151 ? 11.443  6.952   8.801   1.00 21.42 ? 130 GLN A O   1 
ATOM   1007 C  CB  . GLN A 1 151 ? 9.819   6.075   11.521  1.00 24.91 ? 130 GLN A CB  1 
ATOM   1008 C  CG  . GLN A 1 151 ? 10.033  7.545   11.835  1.00 32.66 ? 130 GLN A CG  1 
ATOM   1009 C  CD  . GLN A 1 151 ? 8.854   8.371   11.385  1.00 35.41 ? 130 GLN A CD  1 
ATOM   1010 O  OE1 . GLN A 1 151 ? 7.803   8.358   12.009  1.00 37.35 ? 130 GLN A OE1 1 
ATOM   1011 N  NE2 . GLN A 1 151 ? 9.032   9.074   10.280  1.00 37.63 ? 130 GLN A NE2 1 
ATOM   1012 N  N   . TYR A 1 152 ? 12.039  4.911   9.541   1.00 18.33 ? 131 TYR A N   1 
ATOM   1013 C  CA  . TYR A 1 152 ? 13.460  5.096   9.170   1.00 19.91 ? 131 TYR A CA  1 
ATOM   1014 C  C   . TYR A 1 152 ? 13.609  5.251   7.643   1.00 19.62 ? 131 TYR A C   1 
ATOM   1015 O  O   . TYR A 1 152 ? 14.330  6.170   7.149   1.00 17.42 ? 131 TYR A O   1 
ATOM   1016 C  CB  . TYR A 1 152 ? 14.353  3.976   9.702   1.00 18.84 ? 131 TYR A CB  1 
ATOM   1017 C  CG  . TYR A 1 152 ? 15.799  4.207   9.354   1.00 20.00 ? 131 TYR A CG  1 
ATOM   1018 C  CD1 . TYR A 1 152 ? 16.494  5.293   9.858   1.00 20.43 ? 131 TYR A CD1 1 
ATOM   1019 C  CD2 . TYR A 1 152 ? 16.442  3.395   8.431   1.00 22.40 ? 131 TYR A CD2 1 
ATOM   1020 C  CE1 . TYR A 1 152 ? 17.815  5.527   9.514   1.00 22.27 ? 131 TYR A CE1 1 
ATOM   1021 C  CE2 . TYR A 1 152 ? 17.759  3.632   8.058   1.00 24.81 ? 131 TYR A CE2 1 
ATOM   1022 C  CZ  . TYR A 1 152 ? 18.451  4.693   8.608   1.00 23.04 ? 131 TYR A CZ  1 
ATOM   1023 O  OH  . TYR A 1 152 ? 19.753  4.909   8.255   1.00 25.82 ? 131 TYR A OH  1 
ATOM   1024 N  N   . HIS A 1 153 ? 13.045  4.313   6.898   1.00 19.86 ? 132 HIS A N   1 
ATOM   1025 C  CA  . HIS A 1 153 ? 13.233  4.187   5.430   1.00 20.68 ? 132 HIS A CA  1 
ATOM   1026 C  C   . HIS A 1 153 ? 12.055  4.795   4.678   1.00 22.61 ? 132 HIS A C   1 
ATOM   1027 O  O   . HIS A 1 153 ? 12.271  5.235   3.527   1.00 21.20 ? 132 HIS A O   1 
ATOM   1028 C  CB  . HIS A 1 153 ? 13.388  2.712   5.023   1.00 24.74 ? 132 HIS A CB  1 
ATOM   1029 C  CG  . HIS A 1 153 ? 14.703  2.110   5.378   1.00 27.51 ? 132 HIS A CG  1 
ATOM   1030 N  ND1 . HIS A 1 153 ? 15.882  2.565   4.839   1.00 28.99 ? 132 HIS A ND1 1 
ATOM   1031 C  CD2 . HIS A 1 153 ? 15.021  1.067   6.168   1.00 29.60 ? 132 HIS A CD2 1 
ATOM   1032 C  CE1 . HIS A 1 153 ? 16.874  1.819   5.278   1.00 28.88 ? 132 HIS A CE1 1 
ATOM   1033 N  NE2 . HIS A 1 153 ? 16.376  0.919   6.123   1.00 29.07 ? 132 HIS A NE2 1 
ATOM   1034 N  N   . LYS A 1 154 ? 10.851  4.810   5.272   1.00 19.53 ? 133 LYS A N   1 
ATOM   1035 C  CA  . LYS A 1 154 ? 9.623   5.295   4.568   1.00 19.35 ? 133 LYS A CA  1 
ATOM   1036 C  C   . LYS A 1 154 ? 8.880   6.349   5.394   1.00 18.27 ? 133 LYS A C   1 
ATOM   1037 O  O   . LYS A 1 154 ? 7.711   6.167   5.748   1.00 17.83 ? 133 LYS A O   1 
ATOM   1038 C  CB  . LYS A 1 154 ? 8.738   4.073   4.288   1.00 20.23 ? 133 LYS A CB  1 
ATOM   1039 C  CG  . LYS A 1 154 ? 9.305   3.034   3.321   1.00 23.60 ? 133 LYS A CG  1 
ATOM   1040 C  CD  . LYS A 1 154 ? 9.669   3.618   1.946   1.00 27.33 ? 133 LYS A CD  1 
ATOM   1041 C  CE  . LYS A 1 154 ? 9.502   2.660   0.793   1.00 32.04 ? 133 LYS A CE  1 
ATOM   1042 N  NZ  . LYS A 1 154 ? 10.584  1.650   0.737   1.00 37.13 ? 133 LYS A NZ  1 
ATOM   1043 N  N   . PRO A 1 155 ? 9.475   7.512   5.731   1.00 19.42 ? 134 PRO A N   1 
ATOM   1044 C  CA  . PRO A 1 155 ? 8.788   8.469   6.592   1.00 19.44 ? 134 PRO A CA  1 
ATOM   1045 C  C   . PRO A 1 155 ? 7.520   9.041   5.944   1.00 18.11 ? 134 PRO A C   1 
ATOM   1046 O  O   . PRO A 1 155 ? 6.615   9.453   6.639   1.00 17.32 ? 134 PRO A O   1 
ATOM   1047 C  CB  . PRO A 1 155 ? 9.842   9.577   6.823   1.00 20.58 ? 134 PRO A CB  1 
ATOM   1048 C  CG  . PRO A 1 155 ? 10.768  9.471   5.637   1.00 20.37 ? 134 PRO A CG  1 
ATOM   1049 C  CD  . PRO A 1 155 ? 10.809  7.992   5.319   1.00 21.02 ? 134 PRO A CD  1 
ATOM   1050 N  N   . VAL A 1 156 ? 7.454   9.108   4.616   1.00 18.26 ? 135 VAL A N   1 
ATOM   1051 C  CA  . VAL A 1 156 ? 6.185   9.567   3.990   1.00 18.85 ? 135 VAL A CA  1 
ATOM   1052 C  C   . VAL A 1 156 ? 5.089   8.519   4.237   1.00 18.10 ? 135 VAL A C   1 
ATOM   1053 O  O   . VAL A 1 156 ? 3.947   8.919   4.500   1.00 16.99 ? 135 VAL A O   1 
ATOM   1054 C  CB  . VAL A 1 156 ? 6.370   9.933   2.510   1.00 21.26 ? 135 VAL A CB  1 
ATOM   1055 C  CG1 . VAL A 1 156 ? 5.036   10.339  1.880   1.00 22.33 ? 135 VAL A CG1 1 
ATOM   1056 C  CG2 . VAL A 1 156 ? 7.412   11.056  2.365   1.00 24.11 ? 135 VAL A CG2 1 
ATOM   1057 N  N   . GLN A 1 157 ? 5.399   7.233   4.082   1.00 16.82 ? 136 GLN A N   1 
ATOM   1058 C  CA  . GLN A 1 157 ? 4.438   6.135   4.335   1.00 16.53 ? 136 GLN A CA  1 
ATOM   1059 C  C   . GLN A 1 157 ? 4.010   6.190   5.806   1.00 18.00 ? 136 GLN A C   1 
ATOM   1060 O  O   . GLN A 1 157 ? 2.783   6.100   6.091   1.00 18.08 ? 136 GLN A O   1 
ATOM   1061 C  CB  . GLN A 1 157 ? 5.014   4.787   3.886   1.00 16.27 ? 136 GLN A CB  1 
ATOM   1062 C  CG  . GLN A 1 157 ? 5.349   4.693   2.419   1.00 18.82 ? 136 GLN A CG  1 
ATOM   1063 C  CD  . GLN A 1 157 ? 5.730   3.280   2.027   1.00 20.23 ? 136 GLN A CD  1 
ATOM   1064 O  OE1 . GLN A 1 157 ? 5.646   2.346   2.814   1.00 18.26 ? 136 GLN A OE1 1 
ATOM   1065 N  NE2 . GLN A 1 157 ? 6.187   3.114   0.802   1.00 21.55 ? 136 GLN A NE2 1 
ATOM   1066 N  N   . ALA A 1 158 ? 4.926   6.478   6.736   1.00 19.04 ? 137 ALA A N   1 
ATOM   1067 C  CA  . ALA A 1 158 ? 4.568   6.663   8.158   1.00 18.94 ? 137 ALA A CA  1 
ATOM   1068 C  C   . ALA A 1 158 ? 3.556   7.817   8.269   1.00 21.81 ? 137 ALA A C   1 
ATOM   1069 O  O   . ALA A 1 158 ? 2.629   7.708   9.094   1.00 20.02 ? 137 ALA A O   1 
ATOM   1070 C  CB  . ALA A 1 158 ? 5.797   6.906   9.008   1.00 19.97 ? 137 ALA A CB  1 
ATOM   1071 N  N   . SER A 1 159 ? 3.670   8.852   7.422   1.00 21.37 ? 138 SER A N   1 
ATOM   1072 C  CA  . SER A 1 159 ? 2.769   10.037  7.461   1.00 23.09 ? 138 SER A CA  1 
ATOM   1073 C  C   . SER A 1 159 ? 1.359   9.684   6.937   1.00 22.45 ? 138 SER A C   1 
ATOM   1074 O  O   . SER A 1 159 ? 0.416   10.446  7.225   1.00 21.36 ? 138 SER A O   1 
ATOM   1075 C  CB  . SER A 1 159 ? 3.359   11.219  6.727   1.00 23.28 ? 138 SER A CB  1 
ATOM   1076 O  OG  . SER A 1 159 ? 3.153   11.057  5.340   1.00 26.60 ? 138 SER A OG  1 
ATOM   1077 N  N   . TYR A 1 160 ? 1.188   8.582   6.199   1.00 20.80 ? 139 TYR A N   1 
ATOM   1078 C  CA  . TYR A 1 160 ? -0.145  8.152   5.713   1.00 20.92 ? 139 TYR A CA  1 
ATOM   1079 C  C   . TYR A 1 160 ? -1.099  8.004   6.903   1.00 21.18 ? 139 TYR A C   1 
ATOM   1080 O  O   . TYR A 1 160 ? -2.302  8.115   6.697   1.00 21.70 ? 139 TYR A O   1 
ATOM   1081 C  CB  . TYR A 1 160 ? -0.121  6.798   4.985   1.00 19.22 ? 139 TYR A CB  1 
ATOM   1082 C  CG  . TYR A 1 160 ? 0.674   6.706   3.707   1.00 18.08 ? 139 TYR A CG  1 
ATOM   1083 C  CD1 . TYR A 1 160 ? 1.176   7.821   3.051   1.00 17.68 ? 139 TYR A CD1 1 
ATOM   1084 C  CD2 . TYR A 1 160 ? 0.832   5.474   3.094   1.00 17.92 ? 139 TYR A CD2 1 
ATOM   1085 C  CE1 . TYR A 1 160 ? 1.924   7.696   1.894   1.00 17.21 ? 139 TYR A CE1 1 
ATOM   1086 C  CE2 . TYR A 1 160 ? 1.511   5.342   1.895   1.00 17.75 ? 139 TYR A CE2 1 
ATOM   1087 C  CZ  . TYR A 1 160 ? 2.072   6.457   1.303   1.00 18.97 ? 139 TYR A CZ  1 
ATOM   1088 O  OH  . TYR A 1 160 ? 2.797   6.270   0.161   1.00 17.68 ? 139 TYR A OH  1 
ATOM   1089 N  N   . PHE A 1 161 ? -0.574  7.621   8.062   1.00 21.34 ? 140 PHE A N   1 
ATOM   1090 C  CA  . PHE A 1 161 ? -1.341  7.260   9.278   1.00 25.39 ? 140 PHE A CA  1 
ATOM   1091 C  C   . PHE A 1 161 ? -1.637  8.494   10.152  1.00 31.04 ? 140 PHE A C   1 
ATOM   1092 O  O   . PHE A 1 161 ? -2.471  8.350   11.057  1.00 29.01 ? 140 PHE A O   1 
ATOM   1093 C  CB  . PHE A 1 161 ? -0.555  6.201   10.039  1.00 24.19 ? 140 PHE A CB  1 
ATOM   1094 C  CG  . PHE A 1 161 ? -0.442  4.872   9.333   1.00 23.41 ? 140 PHE A CG  1 
ATOM   1095 C  CD1 . PHE A 1 161 ? -1.457  3.938   9.430   1.00 23.63 ? 140 PHE A CD1 1 
ATOM   1096 C  CD2 . PHE A 1 161 ? 0.666   4.556   8.560   1.00 24.57 ? 140 PHE A CD2 1 
ATOM   1097 C  CE1 . PHE A 1 161 ? -1.376  2.732   8.760   1.00 24.05 ? 140 PHE A CE1 1 
ATOM   1098 C  CE2 . PHE A 1 161 ? 0.781   3.321   7.939   1.00 23.13 ? 140 PHE A CE2 1 
ATOM   1099 C  CZ  . PHE A 1 161 ? -0.247  2.411   8.029   1.00 25.46 ? 140 PHE A CZ  1 
ATOM   1100 N  N   . GLU A 1 162 ? -1.027  9.656   9.866   1.00 34.89 ? 141 GLU A N   1 
ATOM   1101 C  CA  . GLU A 1 162 ? -1.122  10.899  10.691  1.00 44.81 ? 141 GLU A CA  1 
ATOM   1102 C  C   . GLU A 1 162 ? -2.591  11.232  10.967  1.00 48.39 ? 141 GLU A C   1 
ATOM   1103 O  O   . GLU A 1 162 ? -2.899  11.579  12.117  1.00 53.54 ? 141 GLU A O   1 
ATOM   1104 C  CB  . GLU A 1 162 ? -0.475  12.086  9.977   1.00 52.50 ? 141 GLU A CB  1 
ATOM   1105 C  CG  . GLU A 1 162 ? 0.425   12.939  10.851  1.00 60.47 ? 141 GLU A CG  1 
ATOM   1106 C  CD  . GLU A 1 162 ? 1.145   14.058  10.102  1.00 69.47 ? 141 GLU A CD  1 
ATOM   1107 O  OE1 . GLU A 1 162 ? 1.395   13.901  8.882   1.00 73.06 ? 141 GLU A OE1 1 
ATOM   1108 O  OE2 . GLU A 1 162 ? 1.452   15.092  10.735  1.00 71.87 ? 141 GLU A OE2 1 
ATOM   1109 N  N   . THR A 1 163 ? -3.443  11.126  9.944   1.00 50.66 ? 142 THR A N   1 
ATOM   1110 C  CA  . THR A 1 163 ? -4.917  11.343  9.981   1.00 54.69 ? 142 THR A CA  1 
ATOM   1111 C  C   . THR A 1 163 ? -5.179  12.846  10.087  1.00 63.27 ? 142 THR A C   1 
ATOM   1112 O  O   . THR A 1 163 ? -4.828  13.575  9.157   1.00 71.63 ? 142 THR A O   1 
ATOM   1113 C  CB  . THR A 1 163 ? -5.601  10.537  11.097  1.00 56.06 ? 142 THR A CB  1 
ATOM   1114 O  OG1 . THR A 1 163 ? -5.245  9.159   10.974  1.00 50.04 ? 142 THR A OG1 1 
ATOM   1115 C  CG2 . THR A 1 163 ? -7.110  10.640  11.065  1.00 54.65 ? 142 THR A CG2 1 
HETATM 1116 O  O27 . O81 B 2 .   ? 4.735   -1.904  -7.162  1.00 44.15 ? 401 O81 A O27 1 
HETATM 1117 C  C5  . O81 B 2 .   ? 10.375  0.343   -4.244  1.00 48.82 ? 401 O81 A C5  1 
HETATM 1118 C  C6  . O81 B 2 .   ? 9.413   -0.218  -5.241  1.00 48.28 ? 401 O81 A C6  1 
HETATM 1119 C  C4  . O81 B 2 .   ? 11.498  1.069   -4.949  1.00 51.65 ? 401 O81 A C4  1 
HETATM 1120 C  C3  . O81 B 2 .   ? 10.925  2.187   -5.878  1.00 50.60 ? 401 O81 A C3  1 
HETATM 1121 C  C2  . O81 B 2 .   ? 9.927   1.628   -6.844  1.00 48.28 ? 401 O81 A C2  1 
HETATM 1122 C  C1  . O81 B 2 .   ? 8.846   0.992   -6.002  1.00 48.54 ? 401 O81 A C1  1 
HETATM 1123 O  O32 . O81 B 2 .   ? 10.568  2.196   -9.675  1.00 70.98 ? 401 O81 A O32 1 
HETATM 1124 P  P2  . O81 B 2 .   ? 10.453  0.724   -9.374  1.00 62.75 ? 401 O81 A P2  1 
HETATM 1125 O  O42 . O81 B 2 .   ? 11.698  -0.193  -9.752  1.00 56.77 ? 401 O81 A O42 1 
HETATM 1126 O  O22 . O81 B 2 .   ? 9.005   0.098   -9.750  1.00 56.42 ? 401 O81 A O22 1 
HETATM 1127 O  O12 . O81 B 2 .   ? 10.504  0.649   -7.726  1.00 53.76 ? 401 O81 A O12 1 
HETATM 1128 O  O13 . O81 B 2 .   ? 11.899  2.798   -6.640  1.00 48.21 ? 401 O81 A O13 1 
HETATM 1129 P  P3  . O81 B 2 .   ? 11.818  4.392   -6.961  1.00 53.75 ? 401 O81 A P3  1 
HETATM 1130 O  O33 . O81 B 2 .   ? 10.414  4.635   -7.709  1.00 46.46 ? 401 O81 A O33 1 
HETATM 1131 O  O43 . O81 B 2 .   ? 13.068  4.864   -7.645  1.00 52.74 ? 401 O81 A O43 1 
HETATM 1132 O  O23 . O81 B 2 .   ? 11.823  4.982   -5.466  1.00 44.02 ? 401 O81 A O23 1 
HETATM 1133 O  O14 . O81 B 2 .   ? 12.295  1.633   -3.901  1.00 64.81 ? 401 O81 A O14 1 
HETATM 1134 P  P4  . O81 B 2 .   ? 13.799  1.022   -3.566  1.00 67.34 ? 401 O81 A P4  1 
HETATM 1135 O  O34 . O81 B 2 .   ? 13.822  -0.575  -3.706  1.00 69.44 ? 401 O81 A O34 1 
HETATM 1136 O  O44 . O81 B 2 .   ? 14.196  1.643   -2.261  1.00 70.48 ? 401 O81 A O44 1 
HETATM 1137 O  O24 . O81 B 2 .   ? 14.644  1.585   -4.804  1.00 56.45 ? 401 O81 A O24 1 
HETATM 1138 O  O15 . O81 B 2 .   ? 10.937  -0.689  -3.457  1.00 49.89 ? 401 O81 A O15 1 
HETATM 1139 P  P5  . O81 B 2 .   ? 10.515  -1.030  -1.944  1.00 43.73 ? 401 O81 A P5  1 
HETATM 1140 O  O35 . O81 B 2 .   ? 9.552   0.121   -1.458  1.00 38.41 ? 401 O81 A O35 1 
HETATM 1141 O  O45 . O81 B 2 .   ? 11.916  -1.124  -1.168  1.00 52.58 ? 401 O81 A O45 1 
HETATM 1142 O  O25 . O81 B 2 .   ? 9.840   -2.356  -2.201  1.00 40.18 ? 401 O81 A O25 1 
HETATM 1143 O  O16 . O81 B 2 .   ? 8.354   -0.933  -4.538  1.00 53.17 ? 401 O81 A O16 1 
HETATM 1144 P  P6  . O81 B 2 .   ? 8.121   -2.579  -4.714  1.00 51.60 ? 401 O81 A P6  1 
HETATM 1145 O  O36 . O81 B 2 .   ? 6.763   -2.721  -5.579  1.00 47.82 ? 401 O81 A O36 1 
HETATM 1146 O  O46 . O81 B 2 .   ? 8.090   -3.286  -3.405  1.00 48.13 ? 401 O81 A O46 1 
HETATM 1147 O  O26 . O81 B 2 .   ? 9.307   -3.185  -5.693  1.00 49.26 ? 401 O81 A O26 1 
HETATM 1148 O  O11 . O81 B 2 .   ? 7.911   0.589   -6.925  1.00 46.22 ? 401 O81 A O11 1 
HETATM 1149 P  P1  . O81 B 2 .   ? 6.431   1.000   -6.829  1.00 40.19 ? 401 O81 A P1  1 
HETATM 1150 O  O21 . O81 B 2 .   ? 5.817   0.397   -5.480  1.00 35.29 ? 401 O81 A O21 1 
HETATM 1151 O  O31 . O81 B 2 .   ? 6.214   2.444   -7.116  1.00 30.04 ? 401 O81 A O31 1 
HETATM 1152 O  O41 . O81 B 2 .   ? 6.178   0.130   -8.159  1.00 40.15 ? 401 O81 A O41 1 
HETATM 1153 P  P7  . O81 B 2 .   ? 5.477   -1.281  -8.441  1.00 43.47 ? 401 O81 A P7  1 
HETATM 1154 O  O37 . O81 B 2 .   ? 4.287   -0.788  -9.303  1.00 35.66 ? 401 O81 A O37 1 
HETATM 1155 O  O47 . O81 B 2 .   ? 6.418   -2.242  -9.140  1.00 46.22 ? 401 O81 A O47 1 
HETATM 1156 MG MG  . MG  C 3 .   ? 4.927   -1.428  -5.298  1.00 37.34 ? 402 MG  A MG  1 
HETATM 1157 MG MG  . MG  D 3 .   ? 3.628   -3.629  -7.557  1.00 57.19 ? 403 MG  A MG  1 
HETATM 1158 MG MG  . MG  E 3 .   ? 3.000   -2.443  -9.690  1.00 63.52 ? 404 MG  A MG  1 
HETATM 1159 CL CL  . CL  F 4 .   ? -8.569  -3.435  12.858  1.00 34.72 ? 405 CL  A CL  1 
HETATM 1160 S  S   . SO4 G 5 .   ? 6.596   6.440   -1.014  1.00 48.61 ? 406 SO4 A S   1 
HETATM 1161 O  O1  . SO4 G 5 .   ? 7.275   5.334   -1.627  1.00 51.49 ? 406 SO4 A O1  1 
HETATM 1162 O  O2  . SO4 G 5 .   ? 7.288   6.846   0.214   1.00 41.55 ? 406 SO4 A O2  1 
HETATM 1163 O  O3  . SO4 G 5 .   ? 6.567   7.534   -1.942  1.00 54.26 ? 406 SO4 A O3  1 
HETATM 1164 O  O4  . SO4 G 5 .   ? 5.266   6.024   -0.708  1.00 51.54 ? 406 SO4 A O4  1 
HETATM 1165 O  O   . HOH H 6 .   ? 8.233   3.548   -2.755  1.00 33.50 ? 501 HOH A O   1 
HETATM 1166 O  O   . HOH H 6 .   ? 4.342   8.143   -0.412  1.00 29.01 ? 502 HOH A O   1 
HETATM 1167 O  O   . HOH H 6 .   ? -3.388  -21.433 -2.308  1.00 40.04 ? 503 HOH A O   1 
HETATM 1168 O  O   . HOH H 6 .   ? -11.678 5.695   7.468   1.00 53.84 ? 504 HOH A O   1 
HETATM 1169 O  O   . HOH H 6 .   ? -2.676  -7.598  -11.177 1.00 45.51 ? 505 HOH A O   1 
HETATM 1170 O  O   . HOH H 6 .   ? 3.866   -7.449  14.044  1.00 45.90 ? 506 HOH A O   1 
HETATM 1171 O  O   . HOH H 6 .   ? 4.055   5.016   16.762  1.00 43.56 ? 507 HOH A O   1 
HETATM 1172 O  O   . HOH H 6 .   ? 17.426  -2.638  5.727   1.00 69.67 ? 508 HOH A O   1 
HETATM 1173 O  O   . HOH H 6 .   ? 8.548   0.283   20.311  1.00 48.01 ? 509 HOH A O   1 
HETATM 1174 O  O   . HOH H 6 .   ? -10.997 7.591   -6.024  1.00 45.45 ? 510 HOH A O   1 
HETATM 1175 O  O   . HOH H 6 .   ? -13.334 5.631   -2.050  1.00 39.38 ? 511 HOH A O   1 
HETATM 1176 O  O   . HOH H 6 .   ? -8.191  12.297  4.945   1.00 31.28 ? 512 HOH A O   1 
HETATM 1177 O  O   . HOH H 6 .   ? -15.145 -4.329  10.803  1.00 50.22 ? 513 HOH A O   1 
HETATM 1178 O  O   . HOH H 6 .   ? 3.926   13.918  1.461   1.00 38.16 ? 514 HOH A O   1 
HETATM 1179 O  O   . HOH H 6 .   ? 4.586   19.864  -4.494  1.00 33.09 ? 515 HOH A O   1 
HETATM 1180 O  O   . HOH H 6 .   ? -3.540  -16.686 6.097   1.00 48.60 ? 516 HOH A O   1 
HETATM 1181 O  O   . HOH H 6 .   ? -6.603  -2.175  -13.676 1.00 44.57 ? 517 HOH A O   1 
HETATM 1182 O  O   . HOH H 6 .   ? -11.232 -14.294 -4.639  1.00 48.56 ? 518 HOH A O   1 
HETATM 1183 O  O   . HOH H 6 .   ? 1.840   -4.639  16.301  1.00 27.42 ? 519 HOH A O   1 
HETATM 1184 O  O   . HOH H 6 .   ? 11.725  2.858   11.512  1.00 16.22 ? 520 HOH A O   1 
HETATM 1185 O  O   . HOH H 6 .   ? 10.095  -9.017  0.013   1.00 34.84 ? 521 HOH A O   1 
HETATM 1186 O  O   . HOH H 6 .   ? 5.275   -10.583 -8.758  1.00 40.50 ? 522 HOH A O   1 
HETATM 1187 O  O   . HOH H 6 .   ? -0.334  16.343  -14.026 1.00 41.51 ? 523 HOH A O   1 
HETATM 1188 O  O   . HOH H 6 .   ? -11.852 -3.405  -2.965  1.00 48.13 ? 524 HOH A O   1 
HETATM 1189 O  O   . HOH H 6 .   ? 4.362   9.211   -2.614  1.00 19.34 ? 525 HOH A O   1 
HETATM 1190 O  O   . HOH H 6 .   ? -1.777  -1.548  4.316   1.00 22.20 ? 526 HOH A O   1 
HETATM 1191 O  O   . HOH H 6 .   ? 4.714   0.703   -1.555  1.00 26.59 ? 527 HOH A O   1 
HETATM 1192 O  O   . HOH H 6 .   ? 7.219   1.401   -1.510  1.00 32.02 ? 528 HOH A O   1 
HETATM 1193 O  O   . HOH H 6 .   ? 10.855  0.320   5.397   1.00 20.64 ? 529 HOH A O   1 
HETATM 1194 O  O   . HOH H 6 .   ? 2.347   -3.956  -10.620 1.00 42.03 ? 530 HOH A O   1 
HETATM 1195 O  O   . HOH H 6 .   ? 6.817   10.333  9.158   1.00 33.58 ? 531 HOH A O   1 
HETATM 1196 O  O   . HOH H 6 .   ? -3.899  -0.159  17.279  1.00 35.22 ? 532 HOH A O   1 
HETATM 1197 O  O   . HOH H 6 .   ? -1.814  13.525  -14.241 1.00 38.31 ? 533 HOH A O   1 
HETATM 1198 O  O   . HOH H 6 .   ? 11.887  1.691   7.939   1.00 20.47 ? 534 HOH A O   1 
HETATM 1199 O  O   . HOH H 6 .   ? 1.475   -1.198  -11.678 1.00 41.94 ? 535 HOH A O   1 
HETATM 1200 O  O   . HOH H 6 .   ? 1.478   19.611  -4.803  1.00 47.22 ? 536 HOH A O   1 
HETATM 1201 O  O   . HOH H 6 .   ? 5.511   -15.105 1.328   1.00 46.19 ? 537 HOH A O   1 
HETATM 1202 O  O   . HOH H 6 .   ? 5.199   0.703   -11.427 1.00 52.61 ? 538 HOH A O   1 
HETATM 1203 O  O   . HOH H 6 .   ? -8.538  -7.365  -6.218  1.00 40.88 ? 539 HOH A O   1 
HETATM 1204 O  O   . HOH H 6 .   ? 5.537   -1.692  -3.317  1.00 27.97 ? 540 HOH A O   1 
HETATM 1205 O  O   . HOH H 6 .   ? 9.640   10.467  -11.345 1.00 50.09 ? 541 HOH A O   1 
HETATM 1206 O  O   . HOH H 6 .   ? 10.890  -1.701  8.395   1.00 20.50 ? 542 HOH A O   1 
HETATM 1207 O  O   . HOH H 6 .   ? -0.350  13.031  -16.567 1.00 34.19 ? 543 HOH A O   1 
HETATM 1208 O  O   . HOH H 6 .   ? 8.848   7.516   2.422   1.00 33.56 ? 544 HOH A O   1 
HETATM 1209 O  O   . HOH H 6 .   ? 9.329   4.986   -17.254 1.00 49.61 ? 545 HOH A O   1 
HETATM 1210 O  O   . HOH H 6 .   ? -10.554 6.517   -8.342  1.00 32.54 ? 546 HOH A O   1 
HETATM 1211 O  O   . HOH H 6 .   ? -6.491  1.511   -17.525 1.00 50.04 ? 547 HOH A O   1 
HETATM 1212 O  O   . HOH H 6 .   ? 0.261   16.269  -3.114  1.00 50.90 ? 548 HOH A O   1 
HETATM 1213 O  O   . HOH H 6 .   ? -8.280  -3.395  -9.715  1.00 35.47 ? 549 HOH A O   1 
HETATM 1214 O  O   . HOH H 6 .   ? 3.260   4.599   -12.471 1.00 21.55 ? 550 HOH A O   1 
HETATM 1215 O  O   . HOH H 6 .   ? 11.806  0.328   2.934   1.00 34.16 ? 551 HOH A O   1 
HETATM 1216 O  O   . HOH H 6 .   ? 0.439   -10.919 11.165  1.00 30.37 ? 552 HOH A O   1 
HETATM 1217 O  O   . HOH H 6 .   ? -9.731  2.372   -14.236 1.00 30.35 ? 553 HOH A O   1 
HETATM 1218 O  O   . HOH H 6 .   ? 5.761   -4.826  -7.248  1.00 56.56 ? 554 HOH A O   1 
HETATM 1219 O  O   . HOH H 6 .   ? -2.258  -11.948 -6.195  1.00 24.19 ? 555 HOH A O   1 
HETATM 1220 O  O   . HOH H 6 .   ? 8.421   14.561  0.337   1.00 35.25 ? 556 HOH A O   1 
HETATM 1221 O  O   . HOH H 6 .   ? -7.566  -5.984  -3.415  1.00 25.60 ? 557 HOH A O   1 
HETATM 1222 O  O   . HOH H 6 .   ? 18.200  -0.901  7.431   1.00 41.93 ? 558 HOH A O   1 
HETATM 1223 O  O   . HOH H 6 .   ? -8.107  -5.469  14.577  1.00 42.84 ? 559 HOH A O   1 
HETATM 1224 O  O   . HOH H 6 .   ? -10.304 -5.611  -2.907  1.00 21.76 ? 560 HOH A O   1 
HETATM 1225 O  O   . HOH H 6 .   ? 6.904   19.708  -16.378 1.00 60.83 ? 561 HOH A O   1 
HETATM 1226 O  O   . HOH H 6 .   ? -1.655  1.386   17.737  1.00 32.58 ? 562 HOH A O   1 
HETATM 1227 O  O   . HOH H 6 .   ? -0.500  10.707  -8.868  1.00 31.56 ? 563 HOH A O   1 
HETATM 1228 O  O   . HOH H 6 .   ? -5.396  -12.716 9.130   1.00 49.14 ? 564 HOH A O   1 
HETATM 1229 O  O   . HOH H 6 .   ? -14.721 -2.073  -2.733  1.00 38.59 ? 565 HOH A O   1 
HETATM 1230 O  O   . HOH H 6 .   ? 3.847   -13.600 4.972   1.00 28.04 ? 566 HOH A O   1 
HETATM 1231 O  O   . HOH H 6 .   ? -16.625 -2.201  5.146   1.00 57.10 ? 567 HOH A O   1 
HETATM 1232 O  O   . HOH H 6 .   ? 5.438   6.195   -19.722 1.00 53.77 ? 568 HOH A O   1 
HETATM 1233 O  O   . HOH H 6 .   ? 10.012  -7.226  6.486   1.00 49.48 ? 569 HOH A O   1 
HETATM 1234 O  O   . HOH H 6 .   ? -13.279 4.737   4.876   1.00 28.19 ? 570 HOH A O   1 
HETATM 1235 O  O   . HOH H 6 .   ? 3.303   -5.895  -7.604  1.00 56.59 ? 571 HOH A O   1 
HETATM 1236 O  O   . HOH H 6 .   ? -16.715 1.210   2.095   1.00 54.78 ? 572 HOH A O   1 
HETATM 1237 O  O   . HOH H 6 .   ? -13.203 9.436   -0.843  1.00 42.23 ? 573 HOH A O   1 
HETATM 1238 O  O   . HOH H 6 .   ? -4.962  10.114  -11.303 1.00 41.90 ? 574 HOH A O   1 
HETATM 1239 O  O   . HOH H 6 .   ? 2.377   9.965   11.350  1.00 48.31 ? 575 HOH A O   1 
HETATM 1240 O  O   . HOH H 6 .   ? 6.400   19.771  -8.729  1.00 45.41 ? 576 HOH A O   1 
HETATM 1241 O  O   . HOH H 6 .   ? 3.008   1.070   -13.393 1.00 43.55 ? 577 HOH A O   1 
HETATM 1242 O  O   . HOH H 6 .   ? 3.118   2.764   -0.942  1.00 35.08 ? 578 HOH A O   1 
HETATM 1243 O  O   . HOH H 6 .   ? 1.093   -15.113 5.174   1.00 42.25 ? 579 HOH A O   1 
HETATM 1244 O  O   . HOH H 6 .   ? 0.647   -10.271 13.658  1.00 57.96 ? 580 HOH A O   1 
HETATM 1245 O  O   . HOH H 6 .   ? -13.935 -7.784  -2.414  1.00 54.64 ? 581 HOH A O   1 
HETATM 1246 O  O   . HOH H 6 .   ? 1.350   17.962  -11.866 1.00 47.80 ? 582 HOH A O   1 
HETATM 1247 O  O   . HOH H 6 .   ? 4.381   11.095  10.150  1.00 57.44 ? 583 HOH A O   1 
HETATM 1248 O  O   . HOH H 6 .   ? 4.997   21.218  -14.962 1.00 44.12 ? 584 HOH A O   1 
HETATM 1249 O  O   . HOH H 6 .   ? -7.899  -5.910  -8.639  1.00 49.31 ? 585 HOH A O   1 
HETATM 1250 O  O   . HOH H 6 .   ? -8.574  -10.946 9.563   1.00 59.56 ? 586 HOH A O   1 
HETATM 1251 O  O   . HOH H 6 .   ? 8.347   1.058   -18.124 1.00 52.70 ? 587 HOH A O   1 
HETATM 1252 O  O   . HOH H 6 .   ? -7.535  -3.940  -12.083 1.00 41.60 ? 588 HOH A O   1 
HETATM 1253 O  O   . HOH H 6 .   ? 9.307   16.083  -17.047 1.00 50.83 ? 589 HOH A O   1 
# 
